data_6RJB
#
_entry.id   6RJB
#
_cell.length_a   73.000
_cell.length_b   85.780
_cell.length_c   92.790
_cell.angle_alpha   90.00
_cell.angle_beta   94.15
_cell.angle_gamma   90.00
#
_symmetry.space_group_name_H-M   'P 1 21 1'
#
loop_
_entity.id
_entity.type
_entity.pdbx_description
1 polymer Transketolase
2 non-polymer 'THIAMINE DIPHOSPHATE'
3 non-polymer 'MAGNESIUM ION'
4 non-polymer 'CALCIUM ION'
5 non-polymer GLYCEROL
6 non-polymer 1,2-ETHANEDIOL
7 non-polymer 'SODIUM ION'
8 non-polymer DI(HYDROXYETHYL)ETHER
9 water water
#
_entity_poly.entity_id   1
_entity_poly.type   'polypeptide(L)'
_entity_poly.pdbx_seq_one_letter_code
;MESYHKPDQQKLQALKDTANRLRISSIQATTAAGSGHPTSCCSAAEIMAVLFFHTMRYKSQDPRNPHNDRFVLSKGHAAP
ILYAVWAEAGFLAEAELLNLRKISSDLDGHPVPKQAFTDVATGSLGQGLGAACGMAYTGKYFDKASYRVYCLLGDGELSE
GSVWEAMAFASIYKLDNLVAILDINRLGQSDPAPLQHQMDIYQKRCEAFGWHAIIVDGHSVEELCKAFGQAKHQPTAIIA
KTFKGRGITGVEDKESWHGKPLPKNMAEQIIQEIYSQIQSKKKILATPPQEDAPSVDIANIRMPSLPSYKVGDKIATRKA
YGQALAKLGHASDRIIALDGDTKNSTFSEIFKKEHPDRFIECYIAEQNMVSIAVGCATRNREVPFCSTFAAFFTRAFDQI
RMAAISESNINLCGSHCGVSIGEDGPSQMALEDLAMFRSVPTSTVFYPSDGVATEKAVELAANTKGICFIRTSRPENAII
YNNNEDFQVGQAKVVLKSKDDQVTVIGAGVTLHEALAAAELLKKEKINIRVLDPFTIKPLDRKLILDSARATKGRILTVE
DHYYEGGIGEAVSSAVVGEPGITVTHLAVNRVPRSGKPAELLKMFGIDRDAIAQAVRGLITKALVPRGSLEHHHHHH
;
_entity_poly.pdbx_strand_id   A,B
#
loop_
_chem_comp.id
_chem_comp.type
_chem_comp.name
_chem_comp.formula
CA non-polymer 'CALCIUM ION' 'Ca 2'
EDO non-polymer 1,2-ETHANEDIOL 'C2 H6 O2'
GOL non-polymer GLYCEROL 'C3 H8 O3'
MG non-polymer 'MAGNESIUM ION' 'Mg 2'
NA non-polymer 'SODIUM ION' 'Na 1'
PEG non-polymer DI(HYDROXYETHYL)ETHER 'C4 H10 O3'
TPP non-polymer 'THIAMINE DIPHOSPHATE' 'C12 H19 N4 O7 P2 S 1'
#
# COMPACT_ATOMS: atom_id res chain seq x y z
N GLU A 2 17.76 1.41 39.20
CA GLU A 2 17.90 2.53 38.26
C GLU A 2 19.30 2.55 37.65
N SER A 3 20.32 2.32 38.48
CA SER A 3 21.68 2.28 37.98
C SER A 3 21.88 1.08 37.06
N TYR A 4 22.69 1.27 36.02
CA TYR A 4 23.21 0.13 35.25
C TYR A 4 23.92 -0.83 36.16
N HIS A 5 23.59 -2.12 36.06
CA HIS A 5 24.35 -3.16 36.75
C HIS A 5 25.40 -3.67 35.76
N LYS A 6 26.65 -3.30 35.98
CA LYS A 6 27.70 -3.68 35.04
C LYS A 6 28.00 -5.16 35.24
N PRO A 7 27.73 -6.01 34.24
CA PRO A 7 27.82 -7.46 34.48
C PRO A 7 29.25 -7.91 34.70
N ASP A 8 29.37 -8.91 35.58
CA ASP A 8 30.65 -9.53 35.82
C ASP A 8 30.89 -10.59 34.74
N GLN A 9 32.07 -11.18 34.80
CA GLN A 9 32.45 -12.14 33.76
C GLN A 9 31.52 -13.34 33.75
N GLN A 10 31.05 -13.77 34.92
N GLN A 10 31.04 -13.76 34.92
N GLN A 10 31.07 -13.76 34.93
CA GLN A 10 30.14 -14.90 34.96
CA GLN A 10 30.14 -14.92 34.95
CA GLN A 10 30.14 -14.88 35.02
C GLN A 10 28.78 -14.56 34.35
C GLN A 10 28.75 -14.58 34.42
C GLN A 10 28.80 -14.55 34.35
N LYS A 11 28.28 -13.34 34.61
CA LYS A 11 27.04 -12.93 33.95
C LYS A 11 27.22 -12.84 32.44
N LEU A 12 28.36 -12.30 31.99
CA LEU A 12 28.64 -12.26 30.56
C LEU A 12 28.69 -13.67 29.97
N GLN A 13 29.36 -14.60 30.66
CA GLN A 13 29.39 -15.97 30.16
C GLN A 13 28.00 -16.58 30.14
N ALA A 14 27.18 -16.28 31.15
CA ALA A 14 25.81 -16.78 31.16
C ALA A 14 25.03 -16.24 29.99
N LEU A 15 25.28 -14.98 29.61
CA LEU A 15 24.61 -14.38 28.45
C LEU A 15 25.07 -15.05 27.16
N LYS A 16 26.37 -15.36 27.05
N LYS A 16 26.36 -15.37 27.07
CA LYS A 16 26.88 -16.10 25.91
CA LYS A 16 26.87 -16.10 25.91
C LYS A 16 26.26 -17.49 25.86
C LYS A 16 26.28 -17.51 25.85
N ASP A 17 26.23 -18.19 27.00
CA ASP A 17 25.58 -19.49 27.07
C ASP A 17 24.13 -19.41 26.63
N THR A 18 23.44 -18.36 27.06
CA THR A 18 22.05 -18.17 26.67
C THR A 18 21.95 -17.98 25.17
N ALA A 19 22.77 -17.09 24.61
CA ALA A 19 22.78 -16.89 23.16
C ALA A 19 22.95 -18.21 22.43
N ASN A 20 23.88 -19.04 22.91
CA ASN A 20 24.14 -20.31 22.26
C ASN A 20 22.99 -21.30 22.44
N ARG A 21 22.32 -21.29 23.59
CA ARG A 21 21.09 -22.08 23.72
C ARG A 21 20.04 -21.63 22.73
N LEU A 22 19.93 -20.31 22.51
CA LEU A 22 18.94 -19.78 21.58
C LEU A 22 19.25 -20.21 20.15
N ARG A 23 20.54 -20.25 19.79
CA ARG A 23 20.93 -20.80 18.49
C ARG A 23 20.51 -22.25 18.35
N ILE A 24 20.84 -23.07 19.36
CA ILE A 24 20.50 -24.50 19.31
C ILE A 24 19.01 -24.67 19.12
N SER A 25 18.20 -23.93 19.89
CA SER A 25 16.75 -24.11 19.78
C SER A 25 16.25 -23.67 18.41
N SER A 26 16.77 -22.57 17.88
CA SER A 26 16.35 -22.10 16.57
C SER A 26 16.63 -23.15 15.50
N ILE A 27 17.79 -23.81 15.59
CA ILE A 27 18.14 -24.89 14.68
C ILE A 27 17.23 -26.09 14.89
N GLN A 28 17.09 -26.55 16.15
CA GLN A 28 16.25 -27.72 16.42
C GLN A 28 14.85 -27.52 15.87
N ALA A 29 14.27 -26.35 16.14
CA ALA A 29 12.88 -26.13 15.80
C ALA A 29 12.69 -26.08 14.29
N THR A 30 13.57 -25.38 13.59
CA THR A 30 13.42 -25.26 12.13
C THR A 30 13.76 -26.57 11.42
N THR A 31 14.76 -27.33 11.92
CA THR A 31 15.02 -28.67 11.37
C THR A 31 13.81 -29.59 11.61
N ALA A 32 13.19 -29.51 12.79
CA ALA A 32 12.01 -30.33 13.04
C ALA A 32 10.86 -29.95 12.11
N ALA A 33 10.66 -28.65 11.89
CA ALA A 33 9.56 -28.19 11.06
C ALA A 33 9.81 -28.48 9.59
N GLY A 34 11.07 -28.50 9.18
CA GLY A 34 11.43 -28.59 7.77
C GLY A 34 11.36 -27.26 7.05
N SER A 35 11.21 -26.16 7.76
CA SER A 35 11.19 -24.84 7.16
C SER A 35 11.51 -23.83 8.26
N GLY A 36 11.80 -22.61 7.84
CA GLY A 36 12.16 -21.54 8.74
C GLY A 36 13.55 -21.00 8.44
N HIS A 37 14.02 -20.15 9.35
CA HIS A 37 15.09 -19.21 9.06
C HIS A 37 16.15 -19.24 10.15
N PRO A 38 16.78 -20.39 10.38
CA PRO A 38 17.79 -20.43 11.46
C PRO A 38 18.93 -19.43 11.29
N THR A 39 19.38 -19.15 10.07
CA THR A 39 20.52 -18.24 9.95
C THR A 39 20.14 -16.82 10.37
N SER A 40 18.86 -16.43 10.18
CA SER A 40 18.35 -15.12 10.59
C SER A 40 18.19 -15.06 12.10
N CYS A 41 17.95 -16.22 12.73
CA CYS A 41 17.92 -16.28 14.18
C CYS A 41 19.32 -16.13 14.74
N CYS A 42 20.29 -16.82 14.13
CA CYS A 42 21.62 -16.89 14.71
C CYS A 42 22.37 -15.57 14.72
N SER A 43 22.12 -14.69 13.73
CA SER A 43 22.79 -13.40 13.77
C SER A 43 22.32 -12.56 14.95
N ALA A 44 21.12 -12.84 15.47
CA ALA A 44 20.50 -12.03 16.51
C ALA A 44 20.65 -12.64 17.91
N ALA A 45 21.39 -13.74 18.07
CA ALA A 45 21.30 -14.48 19.33
C ALA A 45 21.84 -13.70 20.52
N GLU A 46 22.98 -13.02 20.37
CA GLU A 46 23.49 -12.23 21.50
C GLU A 46 22.58 -11.04 21.79
N ILE A 47 22.05 -10.40 20.75
CA ILE A 47 21.08 -9.32 20.95
C ILE A 47 19.91 -9.81 21.79
N MET A 48 19.33 -10.95 21.42
CA MET A 48 18.17 -11.47 22.13
C MET A 48 18.52 -11.83 23.56
N ALA A 49 19.67 -12.49 23.75
CA ALA A 49 20.07 -12.87 25.10
C ALA A 49 20.21 -11.63 26.00
N VAL A 50 20.88 -10.61 25.49
CA VAL A 50 21.13 -9.42 26.31
C VAL A 50 19.85 -8.67 26.60
N LEU A 51 19.00 -8.48 25.59
CA LEU A 51 17.75 -7.78 25.83
C LEU A 51 16.90 -8.50 26.87
N PHE A 52 16.73 -9.81 26.71
CA PHE A 52 15.79 -10.53 27.56
C PHE A 52 16.36 -10.87 28.93
N PHE A 53 17.68 -10.96 29.07
CA PHE A 53 18.30 -11.45 30.30
C PHE A 53 19.31 -10.49 30.90
N HIS A 54 19.33 -9.23 30.45
CA HIS A 54 20.06 -8.18 31.15
C HIS A 54 19.32 -6.85 31.09
N THR A 55 18.91 -6.41 29.90
CA THR A 55 18.44 -5.04 29.74
C THR A 55 16.97 -4.86 30.10
N MET A 56 16.09 -5.65 29.52
N MET A 56 16.09 -5.67 29.51
CA MET A 56 14.68 -5.36 29.64
CA MET A 56 14.66 -5.45 29.61
C MET A 56 14.12 -5.78 30.99
C MET A 56 14.16 -5.74 31.03
N ARG A 57 13.01 -5.14 31.34
CA ARG A 57 12.28 -5.40 32.57
C ARG A 57 10.85 -5.80 32.20
N TYR A 58 10.43 -6.98 32.63
CA TYR A 58 9.14 -7.53 32.24
C TYR A 58 8.82 -8.68 33.17
N LYS A 59 7.53 -8.98 33.27
CA LYS A 59 7.03 -10.15 34.00
C LYS A 59 7.05 -11.35 33.09
N SER A 60 7.90 -12.32 33.41
CA SER A 60 8.06 -13.48 32.55
C SER A 60 6.79 -14.30 32.49
N GLN A 61 5.97 -14.25 33.54
CA GLN A 61 4.73 -15.03 33.54
C GLN A 61 3.53 -14.24 33.06
N ASP A 62 3.70 -12.98 32.70
CA ASP A 62 2.61 -12.14 32.24
C ASP A 62 3.14 -11.24 31.14
N PRO A 63 3.36 -11.80 29.95
CA PRO A 63 4.01 -11.02 28.89
C PRO A 63 3.25 -9.77 28.47
N ARG A 64 1.93 -9.77 28.56
CA ARG A 64 1.12 -8.63 28.17
C ARG A 64 0.99 -7.59 29.27
N ASN A 65 1.65 -7.78 30.40
CA ASN A 65 1.47 -6.87 31.53
C ASN A 65 1.73 -5.42 31.10
N PRO A 66 0.87 -4.47 31.48
CA PRO A 66 1.01 -3.10 30.97
C PRO A 66 2.25 -2.36 31.47
N HIS A 67 2.93 -2.86 32.50
CA HIS A 67 4.12 -2.21 33.02
C HIS A 67 5.39 -2.68 32.34
N ASN A 68 5.31 -3.74 31.53
CA ASN A 68 6.51 -4.35 30.96
C ASN A 68 7.13 -3.47 29.87
N ASP A 69 8.45 -3.53 29.76
CA ASP A 69 9.10 -3.10 28.54
C ASP A 69 8.50 -3.89 27.38
N ARG A 70 8.44 -3.26 26.20
CA ARG A 70 7.98 -3.90 24.98
C ARG A 70 9.17 -4.30 24.13
N PHE A 71 9.07 -5.47 23.51
CA PHE A 71 9.99 -5.90 22.46
C PHE A 71 9.16 -6.16 21.21
N VAL A 72 9.62 -5.62 20.08
CA VAL A 72 8.99 -5.84 18.78
C VAL A 72 10.02 -6.51 17.87
N LEU A 73 9.69 -7.71 17.40
CA LEU A 73 10.56 -8.41 16.46
C LEU A 73 10.13 -7.99 15.05
N SER A 74 10.72 -6.91 14.53
CA SER A 74 10.29 -6.41 13.23
C SER A 74 10.68 -7.39 12.13
N LYS A 75 11.84 -8.04 12.27
CA LYS A 75 12.26 -9.10 11.34
C LYS A 75 11.61 -10.40 11.81
N GLY A 76 10.33 -10.51 11.51
CA GLY A 76 9.48 -11.52 12.13
C GLY A 76 9.82 -12.95 11.78
N HIS A 77 10.53 -13.18 10.67
CA HIS A 77 10.97 -14.53 10.31
C HIS A 77 12.01 -15.07 11.26
N ALA A 78 12.51 -14.26 12.20
CA ALA A 78 13.30 -14.77 13.30
C ALA A 78 12.43 -15.28 14.47
N ALA A 79 11.14 -15.52 14.22
CA ALA A 79 10.21 -16.02 15.21
C ALA A 79 10.77 -17.16 16.07
N PRO A 80 11.48 -18.15 15.52
CA PRO A 80 11.95 -19.25 16.39
C PRO A 80 12.80 -18.78 17.56
N ILE A 81 13.57 -17.69 17.39
CA ILE A 81 14.41 -17.23 18.49
C ILE A 81 13.59 -16.43 19.51
N LEU A 82 12.51 -15.77 19.05
CA LEU A 82 11.55 -15.18 19.97
C LEU A 82 10.91 -16.27 20.83
N TYR A 83 10.50 -17.37 20.21
CA TYR A 83 9.89 -18.43 20.98
C TYR A 83 10.90 -19.01 21.96
N ALA A 84 12.14 -19.21 21.52
CA ALA A 84 13.18 -19.73 22.40
C ALA A 84 13.43 -18.83 23.61
N VAL A 85 13.45 -17.50 23.43
N VAL A 85 13.40 -17.51 23.42
CA VAL A 85 13.66 -16.66 24.62
CA VAL A 85 13.66 -16.65 24.56
C VAL A 85 12.51 -16.81 25.62
C VAL A 85 12.51 -16.70 25.58
N TRP A 86 11.29 -16.92 25.13
CA TRP A 86 10.17 -17.05 26.05
C TRP A 86 10.14 -18.41 26.74
N ALA A 87 10.74 -19.43 26.15
CA ALA A 87 10.96 -20.67 26.87
C ALA A 87 12.08 -20.50 27.88
N GLU A 88 13.17 -19.84 27.49
CA GLU A 88 14.27 -19.59 28.40
C GLU A 88 13.80 -18.79 29.61
N ALA A 89 12.85 -17.85 29.40
CA ALA A 89 12.31 -17.04 30.48
C ALA A 89 11.30 -17.79 31.34
N GLY A 90 10.89 -19.00 30.92
CA GLY A 90 10.02 -19.84 31.73
C GLY A 90 8.54 -19.74 31.41
N PHE A 91 8.17 -18.96 30.41
CA PHE A 91 6.77 -18.82 30.04
C PHE A 91 6.31 -19.98 29.17
N LEU A 92 7.07 -20.30 28.13
N LEU A 92 7.14 -20.39 28.23
CA LEU A 92 6.78 -21.43 27.27
CA LEU A 92 6.79 -21.39 27.24
C LEU A 92 7.47 -22.68 27.76
C LEU A 92 7.53 -22.68 27.54
N ALA A 93 6.83 -23.81 27.49
CA ALA A 93 7.47 -25.10 27.72
C ALA A 93 8.52 -25.36 26.64
N GLU A 94 9.70 -25.77 27.07
N GLU A 94 9.69 -25.81 27.06
CA GLU A 94 10.78 -26.05 26.13
CA GLU A 94 10.77 -25.99 26.10
C GLU A 94 10.36 -27.02 25.05
C GLU A 94 10.43 -27.06 25.06
N ALA A 95 9.64 -28.08 25.43
CA ALA A 95 9.28 -29.10 24.46
C ALA A 95 8.42 -28.54 23.33
N GLU A 96 7.66 -27.49 23.61
CA GLU A 96 6.76 -26.97 22.59
C GLU A 96 7.51 -26.31 21.44
N LEU A 97 8.76 -25.88 21.68
CA LEU A 97 9.54 -25.25 20.62
C LEU A 97 9.68 -26.14 19.40
N LEU A 98 9.74 -27.46 19.61
CA LEU A 98 9.90 -28.39 18.51
C LEU A 98 8.65 -28.51 17.65
N ASN A 99 7.53 -27.92 18.07
CA ASN A 99 6.29 -27.96 17.31
C ASN A 99 6.08 -26.74 16.43
N LEU A 100 7.13 -25.94 16.25
CA LEU A 100 7.15 -24.81 15.32
C LEU A 100 6.43 -25.15 14.02
N ARG A 101 5.54 -24.26 13.61
CA ARG A 101 4.89 -24.29 12.30
C ARG A 101 3.88 -25.42 12.13
N LYS A 102 3.60 -26.20 13.17
CA LYS A 102 2.60 -27.26 13.10
C LYS A 102 1.19 -26.73 13.31
N ILE A 103 0.24 -27.38 12.67
CA ILE A 103 -1.16 -26.98 12.81
C ILE A 103 -1.68 -27.25 14.21
N SER A 104 -0.97 -28.06 14.99
CA SER A 104 -1.30 -28.38 16.36
C SER A 104 -0.68 -27.41 17.36
N SER A 105 0.05 -26.40 16.88
CA SER A 105 0.79 -25.47 17.72
C SER A 105 0.37 -24.04 17.41
N ASP A 106 0.62 -23.15 18.37
CA ASP A 106 0.53 -21.71 18.14
C ASP A 106 1.88 -21.05 17.91
N LEU A 107 2.97 -21.82 17.81
CA LEU A 107 4.28 -21.29 17.44
C LEU A 107 4.40 -21.22 15.92
N ASP A 108 3.64 -20.29 15.36
CA ASP A 108 3.48 -20.21 13.92
C ASP A 108 4.74 -19.63 13.24
N GLY A 109 4.71 -19.62 11.91
CA GLY A 109 5.91 -19.28 11.16
C GLY A 109 6.42 -17.88 11.44
N HIS A 110 5.53 -16.93 11.67
CA HIS A 110 5.85 -15.57 12.07
C HIS A 110 5.01 -15.21 13.28
N PRO A 111 5.43 -14.24 14.10
CA PRO A 111 4.72 -14.01 15.36
C PRO A 111 3.32 -13.45 15.11
N VAL A 112 2.39 -13.81 16.00
CA VAL A 112 0.98 -13.41 15.89
C VAL A 112 0.42 -13.28 17.30
N PRO A 113 -0.61 -12.46 17.50
CA PRO A 113 -1.06 -12.13 18.86
C PRO A 113 -1.85 -13.21 19.57
N LYS A 114 -2.11 -14.37 18.96
CA LYS A 114 -2.56 -15.50 19.75
C LYS A 114 -1.48 -15.92 20.74
N GLN A 115 -0.25 -15.49 20.52
CA GLN A 115 0.86 -15.65 21.46
C GLN A 115 0.82 -14.50 22.45
N ALA A 116 0.80 -14.81 23.75
CA ALA A 116 0.68 -13.75 24.75
C ALA A 116 1.86 -12.79 24.69
N PHE A 117 3.02 -13.27 24.24
CA PHE A 117 4.23 -12.49 24.17
C PHE A 117 4.35 -11.68 22.88
N THR A 118 3.32 -11.68 22.02
CA THR A 118 3.32 -10.92 20.78
C THR A 118 2.20 -9.90 20.83
N ASP A 119 2.53 -8.64 20.54
CA ASP A 119 1.52 -7.59 20.44
C ASP A 119 1.06 -7.35 19.02
N VAL A 120 1.98 -7.31 18.07
N VAL A 120 1.98 -7.38 18.06
CA VAL A 120 1.68 -7.09 16.67
CA VAL A 120 1.72 -7.03 16.66
C VAL A 120 2.28 -8.21 15.85
C VAL A 120 2.35 -8.09 15.77
N ALA A 121 1.57 -8.57 14.80
CA ALA A 121 2.10 -9.52 13.85
C ALA A 121 3.10 -8.80 12.95
N THR A 122 4.22 -9.44 12.75
N THR A 122 4.28 -9.42 12.64
CA THR A 122 5.13 -9.08 11.71
CA THR A 122 5.36 -8.67 11.97
C THR A 122 5.31 -10.26 10.78
C THR A 122 5.96 -9.32 10.70
N GLY A 123 6.18 -10.06 9.82
N GLY A 123 5.27 -10.26 10.06
CA GLY A 123 6.30 -10.99 8.75
CA GLY A 123 5.90 -10.99 8.95
C GLY A 123 6.19 -10.24 7.45
C GLY A 123 6.25 -10.15 7.72
N SER A 124 5.46 -9.12 7.43
CA SER A 124 5.69 -8.15 6.36
C SER A 124 6.71 -7.16 6.85
N LEU A 125 7.90 -7.19 6.25
CA LEU A 125 9.02 -6.43 6.79
C LEU A 125 8.77 -4.93 6.74
N GLY A 126 9.44 -4.25 7.67
CA GLY A 126 9.49 -2.81 7.71
C GLY A 126 8.35 -2.15 8.46
N GLN A 127 7.53 -2.91 9.18
CA GLN A 127 6.37 -2.37 9.88
C GLN A 127 6.56 -2.33 11.39
N GLY A 128 7.49 -3.10 11.95
CA GLY A 128 7.56 -3.19 13.39
C GLY A 128 8.00 -1.91 14.05
N LEU A 129 8.90 -1.15 13.40
CA LEU A 129 9.37 0.08 14.03
C LEU A 129 8.25 1.10 14.18
N GLY A 130 7.34 1.15 13.21
CA GLY A 130 6.20 2.06 13.34
C GLY A 130 5.30 1.66 14.49
N ALA A 131 5.04 0.35 14.64
CA ALA A 131 4.26 -0.09 15.79
C ALA A 131 4.98 0.26 17.08
N ALA A 132 6.29 0.04 17.12
CA ALA A 132 7.10 0.38 18.29
C ALA A 132 7.02 1.87 18.60
N CYS A 133 7.03 2.71 17.57
CA CYS A 133 6.86 4.15 17.77
C CYS A 133 5.53 4.47 18.45
N GLY A 134 4.46 3.79 18.06
CA GLY A 134 3.18 3.99 18.70
C GLY A 134 3.21 3.58 20.16
N MET A 135 3.85 2.44 20.44
CA MET A 135 4.01 1.99 21.83
C MET A 135 4.81 3.00 22.64
N ALA A 136 5.91 3.50 22.09
CA ALA A 136 6.76 4.45 22.81
C ALA A 136 6.07 5.80 22.99
N TYR A 137 5.37 6.28 21.97
CA TYR A 137 4.61 7.51 22.09
C TYR A 137 3.55 7.38 23.18
N THR A 138 2.88 6.23 23.22
CA THR A 138 1.91 5.96 24.25
C THR A 138 2.59 5.95 25.61
N GLY A 139 3.72 5.26 25.73
CA GLY A 139 4.40 5.22 27.01
C GLY A 139 4.80 6.59 27.53
N LYS A 140 5.33 7.44 26.65
CA LYS A 140 5.87 8.73 27.07
C LYS A 140 4.80 9.79 27.28
N TYR A 141 3.76 9.78 26.45
CA TYR A 141 2.81 10.89 26.40
C TYR A 141 1.40 10.58 26.87
N PHE A 142 1.00 9.31 26.88
CA PHE A 142 -0.34 8.92 27.29
C PHE A 142 -0.32 8.15 28.61
N ASP A 143 0.34 6.99 28.65
CA ASP A 143 0.53 6.26 29.89
C ASP A 143 1.42 7.03 30.85
N LYS A 144 2.38 7.80 30.33
N LYS A 144 2.39 7.79 30.34
CA LYS A 144 3.36 8.53 31.15
CA LYS A 144 3.33 8.52 31.19
C LYS A 144 4.02 7.57 32.15
C LYS A 144 4.04 7.57 32.16
N ALA A 145 4.51 6.45 31.61
CA ALA A 145 5.04 5.34 32.37
C ALA A 145 6.52 5.14 32.05
N SER A 146 7.16 4.25 32.81
N SER A 146 7.15 4.24 32.82
CA SER A 146 8.61 4.09 32.71
CA SER A 146 8.59 4.06 32.73
C SER A 146 9.04 3.00 31.74
C SER A 146 9.03 3.10 31.63
N TYR A 147 8.12 2.28 31.11
CA TYR A 147 8.54 1.22 30.21
C TYR A 147 9.25 1.77 28.97
N ARG A 148 10.20 1.00 28.50
CA ARG A 148 10.93 1.28 27.28
C ARG A 148 10.50 0.31 26.19
N VAL A 149 10.84 0.67 24.95
CA VAL A 149 10.41 -0.08 23.77
C VAL A 149 11.64 -0.40 22.94
N TYR A 150 11.82 -1.68 22.61
CA TYR A 150 12.97 -2.18 21.89
C TYR A 150 12.47 -2.85 20.61
N CYS A 151 13.05 -2.51 19.47
CA CYS A 151 12.59 -3.04 18.17
C CYS A 151 13.78 -3.55 17.39
N LEU A 152 13.78 -4.84 17.05
CA LEU A 152 14.86 -5.48 16.30
C LEU A 152 14.48 -5.59 14.82
N LEU A 153 15.33 -5.01 13.96
CA LEU A 153 15.16 -4.97 12.51
C LEU A 153 16.28 -5.70 11.81
N GLY A 154 15.99 -6.20 10.62
CA GLY A 154 17.03 -6.69 9.74
C GLY A 154 17.65 -5.57 8.90
N ASP A 155 18.73 -5.89 8.19
CA ASP A 155 19.36 -4.89 7.34
C ASP A 155 18.72 -4.78 5.97
N GLY A 156 18.40 -5.88 5.31
CA GLY A 156 17.59 -5.80 4.12
C GLY A 156 16.29 -5.06 4.37
N GLU A 157 15.68 -5.31 5.53
CA GLU A 157 14.44 -4.68 5.94
C GLU A 157 14.50 -3.16 5.88
N LEU A 158 15.68 -2.60 6.12
CA LEU A 158 15.86 -1.13 6.13
C LEU A 158 15.70 -0.51 4.76
N SER A 159 15.56 -1.31 3.71
CA SER A 159 15.19 -0.76 2.40
C SER A 159 13.74 -0.31 2.33
N GLU A 160 12.88 -0.74 3.26
CA GLU A 160 11.49 -0.32 3.22
C GLU A 160 11.35 1.13 3.67
N GLY A 161 10.68 1.94 2.84
CA GLY A 161 10.48 3.33 3.16
C GLY A 161 9.73 3.55 4.45
N SER A 162 8.82 2.63 4.80
CA SER A 162 8.10 2.74 6.04
C SER A 162 9.03 2.83 7.24
N VAL A 163 10.17 2.15 7.20
CA VAL A 163 11.10 2.22 8.31
C VAL A 163 11.54 3.66 8.54
N TRP A 164 11.85 4.37 7.45
CA TRP A 164 12.39 5.73 7.53
C TRP A 164 11.32 6.72 7.92
N GLU A 165 10.06 6.47 7.58
CA GLU A 165 8.96 7.25 8.15
C GLU A 165 8.98 7.13 9.67
N ALA A 166 9.17 5.91 10.17
CA ALA A 166 9.21 5.71 11.62
C ALA A 166 10.43 6.36 12.22
N MET A 167 11.59 6.23 11.57
N MET A 167 11.58 6.30 11.56
CA MET A 167 12.80 6.90 12.05
CA MET A 167 12.76 6.92 12.16
C MET A 167 12.53 8.38 12.25
C MET A 167 12.62 8.43 12.21
N ALA A 168 11.95 9.03 11.23
CA ALA A 168 11.68 10.46 11.30
C ALA A 168 10.65 10.78 12.38
N PHE A 169 9.59 9.96 12.49
CA PHE A 169 8.58 10.18 13.51
C PHE A 169 9.21 10.18 14.91
N ALA A 170 10.08 9.21 15.18
CA ALA A 170 10.66 9.08 16.50
C ALA A 170 11.52 10.28 16.86
N SER A 171 12.21 10.87 15.90
N SER A 171 12.25 10.83 15.89
CA SER A 171 13.01 12.04 16.24
CA SER A 171 13.02 12.06 16.13
C SER A 171 12.14 13.29 16.36
C SER A 171 12.09 13.23 16.39
N ILE A 172 11.11 13.44 15.51
CA ILE A 172 10.19 14.56 15.65
C ILE A 172 9.57 14.56 17.04
N TYR A 173 9.14 13.40 17.50
CA TYR A 173 8.42 13.26 18.76
C TYR A 173 9.32 12.86 19.92
N LYS A 174 10.63 12.92 19.73
N LYS A 174 10.63 12.91 19.72
CA LYS A 174 11.58 12.81 20.83
CA LYS A 174 11.61 12.80 20.80
C LYS A 174 11.33 11.57 21.66
C LYS A 174 11.34 11.57 21.65
N LEU A 175 11.29 10.42 20.97
CA LEU A 175 11.00 9.14 21.62
C LEU A 175 12.29 8.59 22.22
N ASP A 176 12.69 9.19 23.34
CA ASP A 176 13.89 8.83 24.07
C ASP A 176 13.70 7.61 24.96
N ASN A 177 12.56 6.95 24.83
CA ASN A 177 12.28 5.66 25.44
C ASN A 177 12.27 4.53 24.41
N LEU A 178 12.74 4.80 23.19
CA LEU A 178 12.73 3.85 22.09
C LEU A 178 14.14 3.53 21.63
N VAL A 179 14.40 2.24 21.42
CA VAL A 179 15.67 1.73 20.92
C VAL A 179 15.37 0.86 19.71
N ALA A 180 16.06 1.13 18.61
CA ALA A 180 16.04 0.27 17.44
C ALA A 180 17.38 -0.46 17.40
N ILE A 181 17.32 -1.78 17.24
CA ILE A 181 18.50 -2.61 17.10
C ILE A 181 18.51 -3.08 15.67
N LEU A 182 19.59 -2.78 14.95
CA LEU A 182 19.72 -3.13 13.54
C LEU A 182 20.67 -4.31 13.42
N ASP A 183 20.16 -5.44 12.95
CA ASP A 183 20.92 -6.67 12.79
C ASP A 183 21.62 -6.58 11.43
N ILE A 184 22.80 -5.95 11.42
CA ILE A 184 23.52 -5.70 10.16
C ILE A 184 24.36 -6.95 9.89
N ASN A 185 23.68 -7.98 9.37
CA ASN A 185 24.31 -9.27 9.09
C ASN A 185 24.73 -9.41 7.64
N ARG A 186 24.78 -8.30 6.91
CA ARG A 186 25.37 -8.16 5.58
C ARG A 186 24.45 -8.63 4.45
N LEU A 187 23.54 -9.57 4.73
CA LEU A 187 22.81 -10.31 3.72
C LEU A 187 21.31 -10.14 3.88
N GLY A 188 20.63 -10.08 2.75
CA GLY A 188 19.19 -10.22 2.69
C GLY A 188 18.79 -11.63 2.31
N GLN A 189 17.70 -11.75 1.55
CA GLN A 189 17.17 -13.07 1.19
C GLN A 189 17.95 -13.68 0.04
N SER A 190 18.20 -12.90 -1.00
CA SER A 190 18.67 -13.44 -2.27
C SER A 190 19.98 -12.82 -2.74
N ASP A 191 20.60 -11.98 -1.92
CA ASP A 191 21.84 -11.32 -2.23
C ASP A 191 22.25 -10.53 -1.00
N PRO A 192 23.47 -9.98 -1.00
CA PRO A 192 23.85 -9.05 0.07
C PRO A 192 22.89 -7.86 0.11
N ALA A 193 22.68 -7.36 1.31
CA ALA A 193 21.94 -6.11 1.44
C ALA A 193 22.78 -4.99 0.83
N PRO A 194 22.15 -3.93 0.33
CA PRO A 194 22.92 -2.93 -0.43
C PRO A 194 24.18 -2.43 0.25
N LEU A 195 24.10 -2.08 1.53
CA LEU A 195 25.23 -1.48 2.22
C LEU A 195 26.20 -2.49 2.82
N GLN A 196 25.85 -3.78 2.82
CA GLN A 196 26.72 -4.84 3.35
C GLN A 196 27.23 -4.43 4.74
N HIS A 197 28.54 -4.43 4.99
CA HIS A 197 29.07 -4.09 6.29
C HIS A 197 29.70 -2.70 6.33
N GLN A 198 29.16 -1.78 5.54
CA GLN A 198 29.56 -0.37 5.59
C GLN A 198 28.84 0.29 6.76
N MET A 199 29.36 0.00 7.96
CA MET A 199 28.70 0.40 9.19
C MET A 199 28.61 1.91 9.30
N ASP A 200 29.60 2.62 8.75
N ASP A 200 29.63 2.63 8.83
CA ASP A 200 29.62 4.08 8.80
CA ASP A 200 29.62 4.08 8.94
C ASP A 200 28.47 4.70 8.03
C ASP A 200 28.44 4.68 8.19
N ILE A 201 28.02 4.07 6.93
N ILE A 201 28.09 4.11 7.04
CA ILE A 201 26.90 4.62 6.17
CA ILE A 201 26.97 4.64 6.27
C ILE A 201 25.59 4.42 6.94
C ILE A 201 25.67 4.47 7.04
N TYR A 202 25.43 3.28 7.62
CA TYR A 202 24.28 3.11 8.49
C TYR A 202 24.27 4.17 9.57
N GLN A 203 25.43 4.40 10.21
N GLN A 203 25.45 4.43 10.16
CA GLN A 203 25.49 5.41 11.26
CA GLN A 203 25.55 5.42 11.23
C GLN A 203 25.10 6.80 10.73
C GLN A 203 25.21 6.82 10.74
N LYS A 204 25.67 7.19 9.59
N LYS A 204 25.65 7.17 9.52
CA LYS A 204 25.33 8.50 9.03
CA LYS A 204 25.34 8.49 8.99
C LYS A 204 23.83 8.62 8.71
C LYS A 204 23.86 8.64 8.65
N ARG A 205 23.24 7.58 8.13
CA ARG A 205 21.81 7.64 7.82
C ARG A 205 20.96 7.77 9.09
N CYS A 206 21.28 7.02 10.14
CA CYS A 206 20.52 7.12 11.37
C CYS A 206 20.70 8.47 12.04
N GLU A 207 21.95 8.97 12.06
N GLU A 207 21.94 8.98 12.06
CA GLU A 207 22.23 10.28 12.66
CA GLU A 207 22.21 10.26 12.68
C GLU A 207 21.54 11.39 11.89
C GLU A 207 21.58 11.41 11.89
N ALA A 208 21.52 11.31 10.57
CA ALA A 208 20.89 12.35 9.78
C ALA A 208 19.41 12.42 10.04
N PHE A 209 18.79 11.29 10.40
CA PHE A 209 17.39 11.22 10.78
C PHE A 209 17.15 11.45 12.27
N GLY A 210 18.16 11.92 13.01
CA GLY A 210 17.94 12.42 14.36
C GLY A 210 18.13 11.42 15.47
N TRP A 211 18.67 10.25 15.18
CA TRP A 211 18.88 9.22 16.19
C TRP A 211 20.30 9.27 16.71
N HIS A 212 20.45 8.92 17.98
CA HIS A 212 21.77 8.65 18.56
C HIS A 212 22.19 7.27 18.11
N ALA A 213 23.25 7.18 17.34
CA ALA A 213 23.61 5.96 16.63
C ALA A 213 24.93 5.43 17.12
N ILE A 214 24.93 4.17 17.58
CA ILE A 214 26.09 3.52 18.17
C ILE A 214 26.36 2.25 17.38
N ILE A 215 27.58 2.12 16.84
CA ILE A 215 28.02 0.90 16.18
C ILE A 215 28.60 -0.03 17.23
N VAL A 216 28.16 -1.29 17.20
CA VAL A 216 28.67 -2.31 18.13
C VAL A 216 28.99 -3.59 17.37
N ASP A 217 29.83 -4.41 17.98
CA ASP A 217 29.98 -5.81 17.62
C ASP A 217 28.75 -6.53 18.13
N GLY A 218 27.86 -6.93 17.22
CA GLY A 218 26.61 -7.58 17.62
C GLY A 218 26.76 -8.96 18.21
N HIS A 219 27.97 -9.53 18.23
CA HIS A 219 28.22 -10.80 18.88
C HIS A 219 29.01 -10.65 20.16
N SER A 220 29.16 -9.41 20.67
CA SER A 220 29.79 -9.15 21.95
C SER A 220 28.70 -8.86 22.97
N VAL A 221 28.47 -9.82 23.88
CA VAL A 221 27.48 -9.56 24.94
C VAL A 221 27.88 -8.35 25.75
N GLU A 222 29.18 -8.15 25.97
CA GLU A 222 29.60 -7.01 26.79
C GLU A 222 29.30 -5.68 26.10
N GLU A 223 29.61 -5.57 24.81
CA GLU A 223 29.33 -4.31 24.12
C GLU A 223 27.83 -4.04 24.05
N LEU A 224 27.03 -5.10 23.88
CA LEU A 224 25.58 -4.94 23.84
C LEU A 224 25.04 -4.50 25.20
N CYS A 225 25.49 -5.12 26.29
CA CYS A 225 25.03 -4.69 27.61
C CYS A 225 25.32 -3.22 27.81
N LYS A 226 26.53 -2.78 27.44
N LYS A 226 26.53 -2.79 27.45
CA LYS A 226 26.93 -1.41 27.68
CA LYS A 226 26.93 -1.41 27.67
C LYS A 226 26.11 -0.45 26.82
C LYS A 226 26.08 -0.47 26.83
N ALA A 227 25.91 -0.79 25.55
CA ALA A 227 25.18 0.08 24.65
C ALA A 227 23.72 0.20 25.04
N PHE A 228 23.10 -0.90 25.48
CA PHE A 228 21.72 -0.86 25.94
C PHE A 228 21.59 -0.26 27.32
N GLY A 229 22.67 -0.14 28.08
CA GLY A 229 22.59 0.27 29.45
C GLY A 229 22.55 1.75 29.68
N GLN A 230 22.75 2.53 28.62
N GLN A 230 22.80 2.57 28.67
CA GLN A 230 22.80 3.99 28.68
CA GLN A 230 22.79 4.03 28.85
C GLN A 230 21.54 4.57 28.01
C GLN A 230 21.63 4.65 28.07
N ALA A 231 20.66 5.19 28.79
CA ALA A 231 19.57 5.96 28.19
C ALA A 231 20.13 7.23 27.55
N LYS A 232 19.39 7.74 26.56
CA LYS A 232 19.76 8.93 25.79
C LYS A 232 18.58 9.88 25.78
N HIS A 233 18.80 11.08 25.25
CA HIS A 233 17.76 12.07 25.07
C HIS A 233 17.18 12.02 23.69
N GLN A 234 17.54 11.01 22.90
N GLN A 234 17.52 11.01 22.90
CA GLN A 234 17.03 10.81 21.56
CA GLN A 234 16.97 10.85 21.57
C GLN A 234 16.61 9.35 21.44
C GLN A 234 16.68 9.36 21.38
N PRO A 235 15.82 9.01 20.43
CA PRO A 235 15.72 7.60 20.06
C PRO A 235 17.11 7.11 19.70
N THR A 236 17.41 5.87 20.08
CA THR A 236 18.77 5.31 20.00
C THR A 236 18.78 4.14 19.04
N ALA A 237 19.72 4.18 18.09
CA ALA A 237 19.93 3.10 17.13
C ALA A 237 21.20 2.37 17.50
N ILE A 238 21.06 1.09 17.82
CA ILE A 238 22.18 0.21 18.09
C ILE A 238 22.44 -0.55 16.80
N ILE A 239 23.52 -0.18 16.13
CA ILE A 239 23.82 -0.64 14.78
C ILE A 239 24.81 -1.79 14.95
N ALA A 240 24.29 -3.01 14.91
CA ALA A 240 25.05 -4.20 15.32
C ALA A 240 25.66 -4.90 14.11
N LYS A 241 26.99 -4.92 14.05
CA LYS A 241 27.66 -5.69 13.02
C LYS A 241 27.62 -7.16 13.41
N THR A 242 26.96 -7.97 12.60
CA THR A 242 26.78 -9.38 12.85
C THR A 242 27.08 -10.18 11.59
N PHE A 243 27.12 -11.50 11.74
CA PHE A 243 27.22 -12.42 10.61
C PHE A 243 25.99 -13.30 10.56
N LYS A 244 25.41 -13.40 9.37
CA LYS A 244 24.24 -14.25 9.21
C LYS A 244 24.66 -15.70 9.44
N GLY A 245 23.84 -16.45 10.15
CA GLY A 245 24.27 -17.81 10.49
C GLY A 245 25.41 -17.88 11.48
N ARG A 246 25.65 -16.82 12.24
CA ARG A 246 26.72 -16.81 13.25
C ARG A 246 26.67 -18.09 14.07
N GLY A 247 27.83 -18.75 14.21
CA GLY A 247 27.97 -19.93 15.02
C GLY A 247 27.72 -21.23 14.30
N ILE A 248 27.26 -21.17 13.05
CA ILE A 248 27.05 -22.36 12.23
C ILE A 248 28.24 -22.46 11.31
N THR A 249 29.19 -23.33 11.65
N THR A 249 29.17 -23.34 11.64
CA THR A 249 30.40 -23.42 10.86
CA THR A 249 30.39 -23.47 10.86
C THR A 249 30.07 -23.82 9.42
C THR A 249 30.06 -23.82 9.42
N GLY A 250 30.70 -23.13 8.48
CA GLY A 250 30.46 -23.34 7.07
C GLY A 250 29.24 -22.61 6.49
N VAL A 251 28.38 -22.09 7.33
CA VAL A 251 27.23 -21.34 6.88
C VAL A 251 27.34 -19.87 7.25
N GLU A 252 28.03 -19.56 8.34
CA GLU A 252 28.20 -18.19 8.79
C GLU A 252 28.75 -17.33 7.65
N ASP A 253 28.07 -16.20 7.39
CA ASP A 253 28.47 -15.21 6.40
C ASP A 253 28.33 -15.67 4.96
N LYS A 254 27.58 -16.74 4.69
CA LYS A 254 27.41 -17.27 3.35
C LYS A 254 26.06 -16.93 2.75
N GLU A 255 26.05 -16.70 1.45
CA GLU A 255 24.84 -16.62 0.68
C GLU A 255 24.20 -18.01 0.53
N SER A 256 22.98 -18.03 0.00
N SER A 256 22.97 -18.03 0.02
CA SER A 256 22.23 -19.24 -0.33
CA SER A 256 22.25 -19.25 -0.35
C SER A 256 21.71 -19.98 0.88
C SER A 256 21.58 -19.93 0.84
N TRP A 257 21.55 -19.30 2.01
CA TRP A 257 21.05 -19.94 3.22
C TRP A 257 19.86 -19.24 3.84
N HIS A 258 19.35 -18.16 3.26
CA HIS A 258 18.19 -17.50 3.87
C HIS A 258 16.96 -18.40 3.79
N GLY A 259 16.30 -18.63 4.91
CA GLY A 259 15.10 -19.44 4.90
C GLY A 259 15.35 -20.89 4.60
N LYS A 260 16.56 -21.36 4.81
CA LYS A 260 16.89 -22.76 4.56
C LYS A 260 17.22 -23.43 5.87
N PRO A 261 16.44 -24.45 6.26
N PRO A 261 16.43 -24.41 6.33
CA PRO A 261 16.74 -25.18 7.48
CA PRO A 261 16.81 -25.13 7.54
C PRO A 261 17.97 -26.07 7.28
C PRO A 261 18.00 -26.04 7.29
N LEU A 262 18.61 -26.40 8.39
N LEU A 262 18.66 -26.39 8.37
CA LEU A 262 19.71 -27.36 8.33
CA LEU A 262 19.72 -27.39 8.27
C LEU A 262 19.15 -28.77 8.26
C LEU A 262 19.12 -28.78 8.11
N PRO A 263 19.63 -29.61 7.35
N PRO A 263 19.71 -29.63 7.29
CA PRO A 263 19.18 -31.00 7.35
CA PRO A 263 19.33 -31.05 7.31
C PRO A 263 19.59 -31.66 8.66
C PRO A 263 19.62 -31.65 8.68
N LYS A 264 18.87 -32.74 9.00
N LYS A 264 18.89 -32.73 9.00
CA LYS A 264 19.02 -33.35 10.32
CA LYS A 264 19.02 -33.37 10.31
C LYS A 264 20.47 -33.71 10.64
C LYS A 264 20.47 -33.71 10.64
N ASN A 265 21.18 -34.32 9.70
CA ASN A 265 22.56 -34.75 9.99
C ASN A 265 23.43 -33.55 10.33
N MET A 266 23.25 -32.46 9.59
CA MET A 266 24.03 -31.25 9.79
C MET A 266 23.63 -30.56 11.09
N ALA A 267 22.33 -30.48 11.36
CA ALA A 267 21.88 -29.90 12.62
C ALA A 267 22.51 -30.60 13.82
N GLU A 268 22.56 -31.94 13.79
CA GLU A 268 23.12 -32.67 14.92
C GLU A 268 24.59 -32.32 15.14
N GLN A 269 25.35 -32.25 14.06
CA GLN A 269 26.78 -31.94 14.17
C GLN A 269 26.99 -30.52 14.66
N ILE A 270 26.23 -29.56 14.11
CA ILE A 270 26.37 -28.16 14.49
C ILE A 270 25.95 -27.96 15.93
N ILE A 271 24.85 -28.58 16.34
CA ILE A 271 24.38 -28.43 17.71
C ILE A 271 25.41 -28.96 18.69
N GLN A 272 26.04 -30.10 18.37
N GLN A 272 26.07 -30.08 18.35
CA GLN A 272 27.10 -30.59 19.24
CA GLN A 272 27.10 -30.59 19.25
C GLN A 272 28.21 -29.56 19.41
C GLN A 272 28.28 -29.63 19.37
N GLU A 273 28.62 -28.92 18.31
N GLU A 273 28.65 -28.97 18.26
CA GLU A 273 29.71 -27.93 18.39
CA GLU A 273 29.67 -27.93 18.32
C GLU A 273 29.29 -26.70 19.18
C GLU A 273 29.23 -26.81 19.25
N ILE A 274 28.04 -26.26 19.02
CA ILE A 274 27.58 -25.12 19.81
C ILE A 274 27.49 -25.50 21.28
N TYR A 275 26.97 -26.69 21.56
N TYR A 275 26.93 -26.67 21.57
CA TYR A 275 26.81 -27.12 22.94
CA TYR A 275 26.83 -27.11 22.97
C TYR A 275 28.16 -27.23 23.65
C TYR A 275 28.20 -27.11 23.63
N SER A 276 29.22 -27.54 22.90
CA SER A 276 30.55 -27.62 23.49
C SER A 276 31.05 -26.27 23.99
N GLN A 277 30.47 -25.17 23.53
N GLN A 277 30.47 -25.17 23.52
CA GLN A 277 30.87 -23.84 23.94
CA GLN A 277 30.86 -23.83 23.93
C GLN A 277 30.10 -23.33 25.15
C GLN A 277 30.13 -23.36 25.19
N ILE A 278 29.10 -24.07 25.62
CA ILE A 278 28.24 -23.63 26.72
C ILE A 278 28.85 -24.08 28.05
N GLN A 279 29.06 -23.14 28.95
N GLN A 279 29.13 -23.11 28.92
CA GLN A 279 29.78 -23.46 30.18
CA GLN A 279 29.76 -23.40 30.20
C GLN A 279 28.88 -23.86 31.34
C GLN A 279 28.78 -24.06 31.16
N SER A 280 27.61 -23.44 31.35
CA SER A 280 26.69 -23.85 32.40
C SER A 280 25.27 -23.92 31.87
N LYS A 281 24.52 -24.90 32.38
N LYS A 281 24.50 -24.89 32.38
N LYS A 281 24.51 -24.90 32.37
CA LYS A 281 23.11 -25.07 32.08
CA LYS A 281 23.10 -25.02 32.03
CA LYS A 281 23.11 -25.02 32.04
C LYS A 281 22.20 -24.14 32.88
C LYS A 281 22.19 -24.16 32.90
C LYS A 281 22.28 -23.94 32.73
N LYS A 282 22.73 -23.46 33.89
CA LYS A 282 21.91 -22.59 34.72
C LYS A 282 21.42 -21.40 33.91
N LYS A 283 20.14 -21.09 34.03
CA LYS A 283 19.51 -20.02 33.26
C LYS A 283 19.42 -18.75 34.08
N ILE A 284 19.52 -17.62 33.41
CA ILE A 284 19.32 -16.31 34.02
C ILE A 284 17.83 -16.06 34.19
N LEU A 285 17.47 -15.40 35.30
CA LEU A 285 16.10 -14.99 35.55
C LEU A 285 15.82 -13.59 35.02
N ALA A 286 14.65 -13.42 34.42
CA ALA A 286 14.18 -12.09 34.06
C ALA A 286 13.98 -11.23 35.31
N THR A 287 13.99 -9.91 35.11
CA THR A 287 13.83 -8.95 36.18
C THR A 287 12.56 -8.15 35.94
N PRO A 288 11.71 -7.94 36.95
CA PRO A 288 10.37 -7.35 36.73
C PRO A 288 10.44 -5.84 36.63
N PRO A 289 9.37 -5.23 36.12
CA PRO A 289 9.32 -3.79 35.86
C PRO A 289 8.79 -2.97 37.04
N GLN A 290 9.02 -1.66 36.96
N GLN A 290 8.99 -1.66 36.95
CA GLN A 290 8.34 -0.71 37.83
CA GLN A 290 8.33 -0.73 37.85
C GLN A 290 6.89 -0.58 37.39
C GLN A 290 6.89 -0.57 37.40
N GLU A 291 5.96 -0.67 38.34
CA GLU A 291 4.54 -0.76 38.00
C GLU A 291 3.88 0.61 38.06
N ASP A 292 4.19 1.43 37.07
CA ASP A 292 3.68 2.79 37.01
C ASP A 292 2.79 3.08 35.81
N ALA A 293 2.40 2.09 35.03
CA ALA A 293 1.37 2.35 34.01
C ALA A 293 0.01 2.52 34.69
N PRO A 294 -0.83 3.45 34.22
CA PRO A 294 -2.10 3.70 34.88
C PRO A 294 -3.14 2.63 34.55
N SER A 295 -4.19 2.60 35.34
N SER A 295 -4.15 2.56 35.39
CA SER A 295 -5.30 1.68 35.09
CA SER A 295 -5.30 1.74 35.07
C SER A 295 -6.23 2.25 34.03
C SER A 295 -6.00 2.32 33.84
N VAL A 296 -6.54 1.43 33.04
CA VAL A 296 -7.31 1.83 31.85
C VAL A 296 -8.68 1.18 31.93
N ASP A 297 -9.71 1.96 31.65
CA ASP A 297 -11.09 1.48 31.69
C ASP A 297 -11.51 1.10 30.28
N ILE A 298 -11.97 -0.13 30.13
CA ILE A 298 -12.37 -0.64 28.81
C ILE A 298 -13.88 -0.57 28.61
N ALA A 299 -14.57 0.28 29.37
CA ALA A 299 -16.01 0.38 29.24
C ALA A 299 -16.42 1.02 27.91
N ASN A 300 -17.67 0.77 27.55
N ASN A 300 -17.67 0.77 27.53
CA ASN A 300 -18.29 1.38 26.39
CA ASN A 300 -18.16 1.33 26.29
C ASN A 300 -18.08 2.89 26.43
C ASN A 300 -18.17 2.85 26.38
N ILE A 301 -17.87 3.49 25.26
CA ILE A 301 -17.68 4.94 25.17
C ILE A 301 -18.90 5.50 24.46
N ARG A 302 -19.63 6.39 25.13
N ARG A 302 -19.62 6.40 25.13
CA ARG A 302 -20.85 6.94 24.58
CA ARG A 302 -20.86 6.95 24.60
C ARG A 302 -20.69 8.44 24.30
C ARG A 302 -20.70 8.43 24.30
N MET A 303 -21.29 8.87 23.20
CA MET A 303 -21.35 10.30 22.93
C MET A 303 -22.03 11.00 24.11
N PRO A 304 -21.61 12.22 24.47
CA PRO A 304 -22.20 12.89 25.64
C PRO A 304 -23.62 13.35 25.43
N SER A 305 -24.09 13.38 24.20
CA SER A 305 -25.47 13.74 23.89
C SER A 305 -25.78 13.19 22.50
N LEU A 306 -27.05 13.22 22.15
CA LEU A 306 -27.47 12.84 20.81
C LEU A 306 -26.97 13.85 19.80
N PRO A 307 -26.97 13.51 18.52
CA PRO A 307 -26.62 14.51 17.51
C PRO A 307 -27.55 15.72 17.62
N SER A 308 -27.02 16.87 17.24
CA SER A 308 -27.76 18.12 17.32
C SER A 308 -27.87 18.80 15.96
N TYR A 309 -28.01 17.99 14.90
CA TYR A 309 -28.25 18.48 13.55
C TYR A 309 -29.73 18.86 13.38
N LYS A 310 -30.07 19.39 12.21
N LYS A 310 -30.06 19.34 12.18
CA LYS A 310 -31.46 19.68 11.88
CA LYS A 310 -31.43 19.70 11.86
C LYS A 310 -31.74 19.17 10.48
C LYS A 310 -31.73 19.17 10.47
N VAL A 311 -32.80 18.37 10.35
CA VAL A 311 -33.22 17.87 9.05
C VAL A 311 -33.35 19.04 8.09
N GLY A 312 -32.77 18.88 6.91
CA GLY A 312 -32.77 19.89 5.87
C GLY A 312 -31.53 20.77 5.85
N ASP A 313 -30.83 20.88 6.97
CA ASP A 313 -29.56 21.62 6.96
C ASP A 313 -28.55 20.82 6.15
N LYS A 314 -27.57 21.52 5.58
CA LYS A 314 -26.57 20.90 4.72
C LYS A 314 -25.24 20.78 5.46
N ILE A 315 -24.63 19.60 5.40
CA ILE A 315 -23.27 19.43 5.95
C ILE A 315 -22.63 18.26 5.23
N ALA A 316 -21.36 18.39 4.90
CA ALA A 316 -20.62 17.28 4.33
C ALA A 316 -20.27 16.29 5.42
N THR A 317 -20.31 15.00 5.08
CA THR A 317 -19.97 14.02 6.09
C THR A 317 -18.53 14.12 6.57
N ARG A 318 -17.63 14.67 5.76
CA ARG A 318 -16.27 14.88 6.26
C ARG A 318 -16.26 15.85 7.44
N LYS A 319 -17.06 16.91 7.38
N LYS A 319 -17.07 16.91 7.38
CA LYS A 319 -17.10 17.86 8.49
CA LYS A 319 -17.12 17.86 8.48
C LYS A 319 -17.82 17.24 9.68
C LYS A 319 -17.84 17.26 9.67
N ALA A 320 -18.92 16.52 9.43
CA ALA A 320 -19.61 15.84 10.52
C ALA A 320 -18.67 14.87 11.23
N TYR A 321 -17.74 14.24 10.51
CA TYR A 321 -16.79 13.36 11.16
C TYR A 321 -15.94 14.11 12.18
N GLY A 322 -15.37 15.25 11.77
CA GLY A 322 -14.54 15.99 12.71
C GLY A 322 -15.33 16.46 13.91
N GLN A 323 -16.55 16.94 13.68
CA GLN A 323 -17.38 17.37 14.80
C GLN A 323 -17.66 16.21 15.74
N ALA A 324 -17.98 15.04 15.18
CA ALA A 324 -18.36 13.90 15.99
C ALA A 324 -17.17 13.35 16.75
N LEU A 325 -15.99 13.33 16.13
CA LEU A 325 -14.80 12.85 16.80
C LEU A 325 -14.42 13.76 17.95
N ALA A 326 -14.49 15.08 17.74
CA ALA A 326 -14.21 15.99 18.84
C ALA A 326 -15.21 15.80 19.97
N LYS A 327 -16.48 15.60 19.62
CA LYS A 327 -17.51 15.38 20.64
C LYS A 327 -17.22 14.13 21.45
N LEU A 328 -16.87 13.05 20.76
CA LEU A 328 -16.57 11.81 21.46
C LEU A 328 -15.34 11.93 22.33
N GLY A 329 -14.38 12.77 21.94
CA GLY A 329 -13.20 13.00 22.76
C GLY A 329 -13.50 13.58 24.12
N HIS A 330 -14.65 14.24 24.29
CA HIS A 330 -15.03 14.73 25.61
C HIS A 330 -15.56 13.62 26.50
N ALA A 331 -15.92 12.47 25.94
CA ALA A 331 -16.48 11.37 26.72
C ALA A 331 -15.44 10.41 27.25
N SER A 332 -14.27 10.31 26.61
CA SER A 332 -13.26 9.37 27.03
C SER A 332 -11.89 9.92 26.67
N ASP A 333 -10.97 9.88 27.64
N ASP A 333 -10.97 9.84 27.63
CA ASP A 333 -9.59 10.23 27.36
CA ASP A 333 -9.59 10.23 27.38
C ASP A 333 -8.88 9.16 26.52
C ASP A 333 -8.78 9.15 26.68
N ARG A 334 -9.49 8.00 26.30
N ARG A 334 -9.41 8.05 26.27
CA ARG A 334 -8.87 6.95 25.47
CA ARG A 334 -8.74 7.04 25.46
C ARG A 334 -8.87 7.30 23.98
C ARG A 334 -8.90 7.25 23.96
N ILE A 335 -9.76 8.19 23.55
CA ILE A 335 -9.86 8.52 22.14
C ILE A 335 -8.65 9.35 21.75
N ILE A 336 -7.96 8.91 20.70
CA ILE A 336 -6.87 9.69 20.14
C ILE A 336 -7.10 9.79 18.65
N ALA A 337 -6.60 10.87 18.07
CA ALA A 337 -6.76 11.13 16.64
C ALA A 337 -5.38 11.28 16.01
N LEU A 338 -5.25 10.72 14.80
CA LEU A 338 -4.03 10.79 14.02
C LEU A 338 -4.43 11.23 12.61
N ASP A 339 -3.56 12.01 11.96
CA ASP A 339 -3.89 12.47 10.62
C ASP A 339 -2.57 12.74 9.90
N GLY A 340 -2.60 12.61 8.58
CA GLY A 340 -1.40 12.76 7.75
C GLY A 340 -1.33 14.09 6.98
N ASP A 341 -1.20 15.20 7.70
CA ASP A 341 -1.15 16.55 7.11
C ASP A 341 -2.39 16.89 6.29
N THR A 342 -3.53 16.28 6.63
CA THR A 342 -4.79 16.56 5.96
C THR A 342 -5.89 17.02 6.92
N LYS A 343 -5.51 17.48 8.12
CA LYS A 343 -6.52 17.73 9.16
C LYS A 343 -7.53 18.82 8.80
N ASN A 344 -7.14 19.76 7.94
CA ASN A 344 -8.06 20.79 7.49
C ASN A 344 -9.03 20.29 6.44
N SER A 345 -8.72 19.18 5.76
CA SER A 345 -9.57 18.57 4.76
C SER A 345 -10.46 17.46 5.31
N THR A 346 -9.94 16.68 6.26
CA THR A 346 -10.73 15.63 6.89
C THR A 346 -11.55 16.16 8.07
N PHE A 347 -11.22 17.35 8.53
CA PHE A 347 -11.80 18.01 9.72
C PHE A 347 -11.38 17.39 11.04
N SER A 348 -10.37 16.51 11.05
CA SER A 348 -9.78 16.11 12.33
C SER A 348 -9.17 17.31 13.06
N GLU A 349 -8.95 18.43 12.38
CA GLU A 349 -8.48 19.64 13.07
C GLU A 349 -9.40 20.06 14.19
N ILE A 350 -10.70 19.73 14.11
CA ILE A 350 -11.62 20.10 15.18
C ILE A 350 -11.25 19.37 16.46
N PHE A 351 -10.92 18.09 16.34
CA PHE A 351 -10.40 17.34 17.47
C PHE A 351 -9.09 17.93 17.99
N LYS A 352 -8.17 18.28 17.09
CA LYS A 352 -6.91 18.89 17.53
C LYS A 352 -7.16 20.15 18.36
N LYS A 353 -8.13 20.96 17.95
CA LYS A 353 -8.42 22.21 18.64
C LYS A 353 -8.90 21.93 20.06
N GLU A 354 -9.77 20.93 20.23
CA GLU A 354 -10.39 20.70 21.52
C GLU A 354 -9.56 19.80 22.42
N HIS A 355 -8.78 18.88 21.84
CA HIS A 355 -8.06 17.86 22.60
C HIS A 355 -6.63 17.74 22.06
N PRO A 356 -5.87 18.83 22.08
CA PRO A 356 -4.56 18.82 21.41
C PRO A 356 -3.61 17.77 21.94
N ASP A 357 -3.67 17.46 23.23
CA ASP A 357 -2.74 16.47 23.79
C ASP A 357 -2.95 15.08 23.21
N ARG A 358 -4.10 14.84 22.59
CA ARG A 358 -4.46 13.52 22.09
C ARG A 358 -4.52 13.47 20.57
N PHE A 359 -4.01 14.48 19.91
CA PHE A 359 -3.88 14.51 18.46
C PHE A 359 -2.42 14.25 18.11
N ILE A 360 -2.21 13.37 17.12
CA ILE A 360 -0.88 13.03 16.65
C ILE A 360 -0.79 13.43 15.18
N GLU A 361 -0.03 14.47 14.88
CA GLU A 361 0.28 14.82 13.51
C GLU A 361 1.31 13.83 12.96
N CYS A 362 0.89 13.06 11.97
CA CYS A 362 1.75 12.02 11.41
C CYS A 362 2.44 12.45 10.12
N TYR A 363 2.13 13.63 9.60
CA TYR A 363 2.75 14.17 8.39
C TYR A 363 2.40 13.28 7.20
N ILE A 364 3.03 13.49 6.05
CA ILE A 364 2.58 12.85 4.81
C ILE A 364 3.26 11.48 4.75
N ALA A 365 2.70 10.54 5.51
CA ALA A 365 3.31 9.25 5.80
C ALA A 365 2.23 8.30 6.30
N GLU A 366 1.37 7.86 5.37
CA GLU A 366 0.20 7.08 5.72
C GLU A 366 0.54 5.69 6.25
N GLN A 367 1.58 5.05 5.69
N GLN A 367 1.60 5.07 5.71
CA GLN A 367 2.03 3.78 6.21
CA GLN A 367 2.01 3.75 6.19
C GLN A 367 2.30 3.87 7.69
C GLN A 367 2.37 3.81 7.66
N ASN A 368 3.19 4.79 8.04
CA ASN A 368 3.56 4.94 9.42
C ASN A 368 2.36 5.30 10.29
N MET A 369 1.48 6.16 9.80
CA MET A 369 0.32 6.57 10.57
C MET A 369 -0.47 5.33 11.02
N VAL A 370 -0.73 4.42 10.10
CA VAL A 370 -1.49 3.23 10.47
C VAL A 370 -0.73 2.40 11.51
N SER A 371 0.57 2.23 11.32
CA SER A 371 1.37 1.48 12.28
C SER A 371 1.41 2.16 13.66
N ILE A 372 1.49 3.48 13.69
CA ILE A 372 1.41 4.19 14.97
C ILE A 372 0.10 3.85 15.67
N ALA A 373 -1.01 3.91 14.93
CA ALA A 373 -2.31 3.61 15.50
C ALA A 373 -2.35 2.19 16.06
N VAL A 374 -1.85 1.23 15.30
CA VAL A 374 -1.80 -0.15 15.78
C VAL A 374 -1.01 -0.22 17.08
N GLY A 375 0.13 0.44 17.12
CA GLY A 375 0.93 0.41 18.33
C GLY A 375 0.20 1.02 19.53
N CYS A 376 -0.48 2.15 19.31
CA CYS A 376 -1.23 2.79 20.39
C CYS A 376 -2.36 1.91 20.90
N ALA A 377 -2.96 1.09 20.03
CA ALA A 377 -4.06 0.22 20.42
C ALA A 377 -3.58 -1.05 21.12
N THR A 378 -2.29 -1.37 21.05
CA THR A 378 -1.82 -2.58 21.72
C THR A 378 -2.10 -2.51 23.21
N ARG A 379 -2.34 -3.66 23.80
CA ARG A 379 -2.66 -3.80 25.22
C ARG A 379 -3.86 -2.93 25.60
N ASN A 380 -4.71 -2.63 24.60
CA ASN A 380 -5.92 -1.83 24.77
C ASN A 380 -5.67 -0.48 25.41
N ARG A 381 -4.52 0.13 25.17
CA ARG A 381 -4.23 1.38 25.87
C ARG A 381 -5.06 2.53 25.31
N GLU A 382 -5.12 2.68 23.99
CA GLU A 382 -5.79 3.78 23.34
C GLU A 382 -6.83 3.28 22.35
N VAL A 383 -7.75 4.18 21.98
CA VAL A 383 -8.76 3.95 20.94
C VAL A 383 -8.47 4.92 19.81
N PRO A 384 -7.74 4.51 18.77
N PRO A 384 -7.68 4.52 18.81
CA PRO A 384 -7.25 5.48 17.79
CA PRO A 384 -7.25 5.46 17.77
C PRO A 384 -8.15 5.62 16.57
C PRO A 384 -8.24 5.64 16.61
N PHE A 385 -8.28 6.87 16.11
CA PHE A 385 -8.98 7.22 14.87
C PHE A 385 -7.97 7.93 13.98
N CYS A 386 -7.56 7.27 12.90
N CYS A 386 -7.56 7.30 12.89
CA CYS A 386 -6.70 7.86 11.88
CA CYS A 386 -6.64 7.93 11.96
C CYS A 386 -7.53 8.42 10.75
C CYS A 386 -7.37 8.31 10.67
N SER A 387 -7.01 9.46 10.11
CA SER A 387 -7.71 10.01 8.97
C SER A 387 -6.75 10.60 7.94
N THR A 388 -7.20 10.50 6.70
CA THR A 388 -6.60 11.08 5.50
C THR A 388 -7.67 10.99 4.42
N PHE A 389 -7.32 11.34 3.19
CA PHE A 389 -8.22 11.05 2.10
C PHE A 389 -8.28 9.53 1.93
N ALA A 390 -9.47 8.99 1.67
CA ALA A 390 -9.59 7.54 1.49
C ALA A 390 -8.65 7.01 0.42
N ALA A 391 -8.41 7.79 -0.64
CA ALA A 391 -7.50 7.33 -1.69
C ALA A 391 -6.14 6.99 -1.14
N PHE A 392 -5.67 7.76 -0.15
CA PHE A 392 -4.33 7.57 0.36
C PHE A 392 -4.23 6.47 1.38
N PHE A 393 -5.35 5.92 1.86
CA PHE A 393 -5.24 4.67 2.62
C PHE A 393 -4.76 3.53 1.74
N THR A 394 -4.85 3.64 0.42
CA THR A 394 -4.25 2.59 -0.42
C THR A 394 -2.74 2.53 -0.22
N ARG A 395 -2.13 3.63 0.19
N ARG A 395 -2.11 3.65 0.14
CA ARG A 395 -0.69 3.68 0.48
CA ARG A 395 -0.68 3.64 0.44
C ARG A 395 -0.32 2.84 1.67
C ARG A 395 -0.35 2.70 1.59
N ALA A 396 -1.29 2.54 2.52
CA ALA A 396 -1.08 1.80 3.76
C ALA A 396 -1.76 0.45 3.77
N PHE A 397 -2.12 -0.09 2.61
CA PHE A 397 -2.90 -1.34 2.60
C PHE A 397 -2.16 -2.49 3.30
N ASP A 398 -0.85 -2.63 3.10
CA ASP A 398 -0.13 -3.73 3.77
C ASP A 398 -0.15 -3.53 5.29
N GLN A 399 -0.04 -2.30 5.78
CA GLN A 399 -0.14 -2.05 7.21
C GLN A 399 -1.53 -2.40 7.72
N ILE A 400 -2.57 -2.09 6.93
CA ILE A 400 -3.94 -2.42 7.32
C ILE A 400 -4.15 -3.93 7.31
N ARG A 401 -3.66 -4.58 6.26
CA ARG A 401 -3.70 -6.03 6.15
C ARG A 401 -3.06 -6.68 7.37
N MET A 402 -1.87 -6.22 7.72
CA MET A 402 -1.16 -6.75 8.88
C MET A 402 -1.85 -6.35 10.18
N ALA A 403 -2.56 -5.24 10.21
CA ALA A 403 -3.31 -4.85 11.39
C ALA A 403 -4.38 -5.89 11.71
N ALA A 404 -5.06 -6.43 10.68
CA ALA A 404 -6.04 -7.49 10.88
C ALA A 404 -5.38 -8.77 11.37
N ILE A 405 -4.22 -9.12 10.79
CA ILE A 405 -3.47 -10.28 11.28
C ILE A 405 -3.01 -10.05 12.72
N SER A 406 -2.81 -8.80 13.11
CA SER A 406 -2.48 -8.41 14.47
C SER A 406 -3.70 -8.30 15.37
N GLU A 407 -4.90 -8.61 14.86
CA GLU A 407 -6.12 -8.53 15.65
C GLU A 407 -6.28 -7.16 16.29
N SER A 408 -5.89 -6.13 15.54
CA SER A 408 -5.87 -4.78 16.07
C SER A 408 -7.22 -4.11 15.99
N ASN A 409 -7.53 -3.30 16.99
CA ASN A 409 -8.75 -2.49 17.01
C ASN A 409 -8.37 -1.04 16.71
N ILE A 410 -8.37 -0.69 15.42
CA ILE A 410 -8.12 0.68 14.99
C ILE A 410 -9.29 1.15 14.13
N ASN A 411 -9.46 2.46 14.10
CA ASN A 411 -10.51 3.12 13.34
C ASN A 411 -9.86 4.05 12.33
N LEU A 412 -10.37 3.99 11.10
N LEU A 412 -10.33 3.93 11.10
CA LEU A 412 -9.78 4.71 9.97
CA LEU A 412 -9.80 4.71 9.99
C LEU A 412 -10.89 5.43 9.23
C LEU A 412 -10.96 5.46 9.36
N CYS A 413 -10.77 6.75 9.10
CA CYS A 413 -11.76 7.56 8.40
C CYS A 413 -11.10 8.14 7.17
N GLY A 414 -11.62 7.78 6.01
CA GLY A 414 -11.09 8.28 4.76
C GLY A 414 -12.07 9.18 4.08
N SER A 415 -11.66 10.41 3.81
N SER A 415 -11.64 10.40 3.79
CA SER A 415 -12.53 11.42 3.23
CA SER A 415 -12.46 11.47 3.24
C SER A 415 -12.41 11.44 1.70
C SER A 415 -12.31 11.54 1.72
N HIS A 416 -13.11 12.38 1.09
CA HIS A 416 -12.92 12.69 -0.33
C HIS A 416 -13.15 11.47 -1.20
N CYS A 417 -14.18 10.69 -0.88
CA CYS A 417 -14.44 9.51 -1.69
C CYS A 417 -15.12 9.87 -3.00
N GLY A 418 -14.79 9.10 -4.03
CA GLY A 418 -15.50 9.17 -5.29
C GLY A 418 -15.20 10.36 -6.19
N VAL A 419 -15.90 10.36 -7.34
CA VAL A 419 -15.77 11.45 -8.27
C VAL A 419 -16.43 12.71 -7.75
N SER A 420 -17.28 12.62 -6.72
CA SER A 420 -17.98 13.80 -6.26
C SER A 420 -17.08 14.85 -5.64
N ILE A 421 -15.80 14.58 -5.43
CA ILE A 421 -14.90 15.65 -5.02
C ILE A 421 -14.72 16.69 -6.11
N GLY A 422 -14.94 16.33 -7.38
CA GLY A 422 -14.80 17.28 -8.47
C GLY A 422 -13.39 17.55 -8.97
N GLU A 423 -12.94 18.80 -8.82
CA GLU A 423 -11.91 19.35 -9.69
C GLU A 423 -10.50 18.78 -9.47
N ASP A 424 -10.19 18.23 -8.30
CA ASP A 424 -8.84 17.71 -8.10
C ASP A 424 -8.52 16.56 -9.04
N GLY A 425 -9.52 15.81 -9.50
CA GLY A 425 -9.27 14.69 -10.38
C GLY A 425 -8.93 13.40 -9.66
N PRO A 426 -8.60 12.35 -10.44
CA PRO A 426 -8.63 10.98 -9.91
C PRO A 426 -7.56 10.64 -8.90
N SER A 427 -6.43 11.34 -8.92
CA SER A 427 -5.40 11.04 -7.93
C SER A 427 -5.93 11.16 -6.50
N GLN A 428 -6.93 12.01 -6.27
N GLN A 428 -6.93 12.02 -6.28
CA GLN A 428 -7.50 12.23 -4.95
CA GLN A 428 -7.51 12.28 -4.97
C GLN A 428 -8.79 11.46 -4.72
C GLN A 428 -8.81 11.55 -4.74
N MET A 429 -9.30 10.78 -5.73
CA MET A 429 -10.63 10.18 -5.67
C MET A 429 -10.52 8.73 -5.20
N ALA A 430 -11.14 8.42 -4.06
CA ALA A 430 -11.18 7.04 -3.61
C ALA A 430 -12.26 6.31 -4.38
N LEU A 431 -11.86 5.31 -5.16
CA LEU A 431 -12.76 4.54 -6.01
C LEU A 431 -12.59 3.04 -5.82
N GLU A 432 -11.70 2.65 -4.90
CA GLU A 432 -11.31 1.28 -4.66
C GLU A 432 -11.22 0.99 -3.16
N ASP A 433 -11.60 1.94 -2.34
CA ASP A 433 -11.49 1.80 -0.89
C ASP A 433 -12.51 0.83 -0.32
N LEU A 434 -13.72 0.73 -0.91
CA LEU A 434 -14.66 -0.28 -0.45
C LEU A 434 -14.13 -1.67 -0.76
N ALA A 435 -13.60 -1.87 -1.97
CA ALA A 435 -12.97 -3.14 -2.30
C ALA A 435 -11.85 -3.45 -1.32
N MET A 436 -10.99 -2.47 -1.06
CA MET A 436 -9.84 -2.70 -0.19
C MET A 436 -10.28 -3.06 1.21
N PHE A 437 -11.12 -2.23 1.82
CA PHE A 437 -11.50 -2.51 3.21
C PHE A 437 -12.41 -3.72 3.34
N ARG A 438 -13.25 -4.00 2.35
CA ARG A 438 -14.08 -5.21 2.44
C ARG A 438 -13.21 -6.47 2.45
N SER A 439 -12.03 -6.43 1.80
CA SER A 439 -11.13 -7.57 1.72
C SER A 439 -10.29 -7.76 2.99
N VAL A 440 -10.44 -6.89 3.98
CA VAL A 440 -9.74 -7.02 5.25
C VAL A 440 -10.64 -7.81 6.20
N PRO A 441 -10.24 -9.00 6.64
N PRO A 441 -10.17 -8.95 6.72
CA PRO A 441 -11.26 -9.94 7.14
CA PRO A 441 -10.91 -9.66 7.75
C PRO A 441 -11.92 -9.49 8.44
C PRO A 441 -11.01 -8.80 8.99
N THR A 442 -11.28 -8.63 9.24
N THR A 442 -12.11 -8.96 9.69
CA THR A 442 -11.87 -8.16 10.50
CA THR A 442 -12.48 -8.17 10.84
C THR A 442 -12.60 -6.82 10.37
C THR A 442 -12.90 -6.76 10.45
N SER A 443 -12.89 -6.39 9.16
CA SER A 443 -13.34 -5.03 8.93
C SER A 443 -14.84 -4.85 9.13
N THR A 444 -15.21 -3.63 9.53
CA THR A 444 -16.56 -3.09 9.49
C THR A 444 -16.48 -1.82 8.68
N VAL A 445 -17.32 -1.70 7.66
CA VAL A 445 -17.24 -0.62 6.69
C VAL A 445 -18.52 0.21 6.81
N PHE A 446 -18.38 1.41 7.37
CA PHE A 446 -19.44 2.38 7.51
C PHE A 446 -19.38 3.36 6.34
N TYR A 447 -20.53 3.66 5.74
CA TYR A 447 -20.62 4.65 4.67
C TYR A 447 -21.76 5.58 5.03
N PRO A 448 -21.52 6.53 5.92
CA PRO A 448 -22.62 7.37 6.38
C PRO A 448 -23.07 8.34 5.31
N SER A 449 -24.39 8.56 5.22
CA SER A 449 -24.91 9.37 4.13
C SER A 449 -25.27 10.79 4.54
N ASP A 450 -25.32 11.09 5.84
CA ASP A 450 -25.57 12.45 6.30
C ASP A 450 -24.83 12.63 7.61
N GLY A 451 -24.95 13.84 8.17
CA GLY A 451 -24.20 14.14 9.38
C GLY A 451 -24.63 13.32 10.57
N VAL A 452 -25.93 13.03 10.69
CA VAL A 452 -26.42 12.21 11.80
C VAL A 452 -25.82 10.82 11.73
N ALA A 453 -25.92 10.19 10.55
CA ALA A 453 -25.35 8.86 10.37
C ALA A 453 -23.85 8.86 10.63
N THR A 454 -23.15 9.95 10.29
CA THR A 454 -21.71 10.02 10.53
C THR A 454 -21.41 10.00 12.02
N GLU A 455 -22.14 10.81 12.81
CA GLU A 455 -21.90 10.83 14.24
C GLU A 455 -22.17 9.46 14.84
N LYS A 456 -23.25 8.80 14.40
N LYS A 456 -23.24 8.80 14.40
CA LYS A 456 -23.55 7.48 14.91
CA LYS A 456 -23.54 7.47 14.95
C LYS A 456 -22.48 6.48 14.52
C LYS A 456 -22.50 6.45 14.51
N ALA A 457 -21.96 6.58 13.30
CA ALA A 457 -20.90 5.68 12.88
C ALA A 457 -19.63 5.87 13.70
N VAL A 458 -19.28 7.11 14.03
CA VAL A 458 -18.10 7.34 14.89
C VAL A 458 -18.28 6.65 16.24
N GLU A 459 -19.45 6.83 16.84
CA GLU A 459 -19.70 6.22 18.14
C GLU A 459 -19.68 4.70 18.06
N LEU A 460 -20.38 4.12 17.09
CA LEU A 460 -20.35 2.68 16.92
C LEU A 460 -18.93 2.16 16.67
N ALA A 461 -18.19 2.83 15.79
CA ALA A 461 -16.84 2.37 15.48
C ALA A 461 -15.99 2.33 16.75
N ALA A 462 -16.12 3.34 17.61
CA ALA A 462 -15.30 3.37 18.81
C ALA A 462 -15.50 2.11 19.64
N ASN A 463 -16.70 1.56 19.64
CA ASN A 463 -17.06 0.39 20.44
C ASN A 463 -17.08 -0.91 19.67
N THR A 464 -16.53 -0.94 18.46
CA THR A 464 -16.52 -2.12 17.61
C THR A 464 -15.08 -2.62 17.45
N LYS A 465 -14.87 -3.91 17.68
N LYS A 465 -14.87 -3.91 17.67
CA LYS A 465 -13.57 -4.51 17.46
CA LYS A 465 -13.56 -4.52 17.49
C LYS A 465 -13.24 -4.58 15.97
C LYS A 465 -13.25 -4.70 16.00
N GLY A 466 -11.96 -4.72 15.69
CA GLY A 466 -11.50 -4.97 14.35
C GLY A 466 -11.09 -3.70 13.63
N ILE A 467 -10.96 -3.83 12.30
CA ILE A 467 -10.59 -2.69 11.46
C ILE A 467 -11.86 -1.95 11.03
N CYS A 468 -12.17 -0.83 11.68
CA CYS A 468 -13.34 -0.05 11.31
C CYS A 468 -12.94 1.06 10.33
N PHE A 469 -13.66 1.13 9.23
CA PHE A 469 -13.46 2.17 8.23
C PHE A 469 -14.74 2.98 8.10
N ILE A 470 -14.59 4.29 8.06
CA ILE A 470 -15.69 5.23 7.85
C ILE A 470 -15.36 6.03 6.60
N ARG A 471 -16.23 5.92 5.59
CA ARG A 471 -16.03 6.59 4.31
C ARG A 471 -16.78 7.92 4.33
N THR A 472 -16.05 9.03 4.29
CA THR A 472 -16.68 10.34 4.27
C THR A 472 -16.52 11.02 2.91
N SER A 473 -17.28 12.10 2.76
CA SER A 473 -17.58 12.70 1.46
C SER A 473 -17.46 14.22 1.53
N ARG A 474 -17.22 14.81 0.37
CA ARG A 474 -17.06 16.25 0.20
C ARG A 474 -18.34 17.04 -0.05
N PRO A 475 -19.32 16.55 -0.82
CA PRO A 475 -20.52 17.37 -1.05
C PRO A 475 -21.25 17.66 0.24
N GLU A 476 -21.93 18.83 0.27
N GLU A 476 -21.68 18.90 0.38
CA GLU A 476 -22.68 19.28 1.45
CA GLU A 476 -22.65 19.20 1.41
C GLU A 476 -24.16 18.90 1.30
C GLU A 476 -23.98 18.65 0.93
N ASN A 477 -24.48 17.68 1.65
CA ASN A 477 -25.81 17.14 1.43
C ASN A 477 -26.69 17.39 2.65
N ALA A 478 -28.00 17.34 2.42
CA ALA A 478 -28.97 17.57 3.47
C ALA A 478 -28.92 16.49 4.54
N ILE A 479 -29.16 16.92 5.77
CA ILE A 479 -29.53 16.00 6.84
C ILE A 479 -30.88 15.41 6.51
N ILE A 480 -30.96 14.09 6.53
CA ILE A 480 -32.22 13.40 6.29
C ILE A 480 -32.72 12.63 7.48
N TYR A 481 -31.89 12.33 8.47
CA TYR A 481 -32.31 11.54 9.62
C TYR A 481 -32.61 12.42 10.83
N ASN A 482 -33.64 12.03 11.57
CA ASN A 482 -33.86 12.62 12.89
C ASN A 482 -32.65 12.35 13.79
N ASN A 483 -32.38 13.29 14.72
CA ASN A 483 -31.21 13.13 15.58
C ASN A 483 -31.30 11.89 16.46
N ASN A 484 -32.52 11.45 16.77
CA ASN A 484 -32.74 10.30 17.63
C ASN A 484 -32.94 9.01 16.85
N GLU A 485 -32.65 9.01 15.55
CA GLU A 485 -32.70 7.77 14.79
C GLU A 485 -31.67 6.78 15.33
N ASP A 486 -32.10 5.55 15.57
CA ASP A 486 -31.21 4.54 16.11
C ASP A 486 -30.46 3.87 14.97
N PHE A 487 -29.15 3.75 15.11
CA PHE A 487 -28.31 3.10 14.12
C PHE A 487 -27.55 1.94 14.75
N GLN A 488 -27.36 0.90 13.95
N GLN A 488 -27.37 0.89 13.96
CA GLN A 488 -26.63 -0.29 14.41
CA GLN A 488 -26.65 -0.30 14.39
C GLN A 488 -25.83 -0.86 13.24
C GLN A 488 -25.81 -0.82 13.23
N VAL A 489 -24.70 -1.49 13.57
CA VAL A 489 -23.92 -2.16 12.56
C VAL A 489 -24.78 -3.22 11.90
N GLY A 490 -24.73 -3.28 10.56
CA GLY A 490 -25.48 -4.29 9.84
C GLY A 490 -26.95 -4.00 9.65
N GLN A 491 -27.42 -2.80 10.00
CA GLN A 491 -28.81 -2.41 9.85
C GLN A 491 -28.89 -1.24 8.88
N ALA A 492 -29.57 -1.46 7.77
CA ALA A 492 -29.82 -0.44 6.76
C ALA A 492 -31.08 0.36 7.10
N LYS A 493 -31.37 1.36 6.29
CA LYS A 493 -32.54 2.21 6.48
C LYS A 493 -33.26 2.40 5.15
N VAL A 494 -34.58 2.28 5.18
CA VAL A 494 -35.39 2.65 4.03
C VAL A 494 -35.78 4.10 4.25
N VAL A 495 -35.26 4.97 3.38
CA VAL A 495 -35.45 6.41 3.52
C VAL A 495 -36.57 6.96 2.64
N LEU A 496 -37.10 6.16 1.73
CA LEU A 496 -38.24 6.57 0.92
C LEU A 496 -38.97 5.32 0.49
N LYS A 497 -40.29 5.29 0.68
N LYS A 497 -40.28 5.28 0.69
CA LYS A 497 -41.06 4.12 0.28
CA LYS A 497 -41.05 4.12 0.26
C LYS A 497 -42.51 4.53 0.04
C LYS A 497 -42.51 4.52 0.05
N SER A 498 -43.19 3.70 -0.75
CA SER A 498 -44.61 3.85 -1.02
C SER A 498 -45.13 2.46 -1.33
N LYS A 499 -46.44 2.30 -1.40
N LYS A 499 -46.45 2.34 -1.36
CA LYS A 499 -46.96 0.95 -1.59
CA LYS A 499 -47.14 1.08 -1.62
C LYS A 499 -46.70 0.43 -3.00
C LYS A 499 -46.87 0.57 -3.03
N ASP A 500 -46.60 1.33 -3.99
N ASP A 500 -46.42 1.30 -3.95
CA ASP A 500 -46.39 0.89 -5.36
CA ASP A 500 -46.40 1.16 -5.40
C ASP A 500 -45.01 1.32 -5.88
C ASP A 500 -44.98 1.31 -5.95
N ASP A 501 -43.98 0.96 -5.15
CA ASP A 501 -42.60 1.18 -5.59
C ASP A 501 -42.23 0.17 -6.67
N GLN A 502 -41.53 0.66 -7.69
N GLN A 502 -41.52 0.64 -7.71
CA GLN A 502 -41.21 -0.14 -8.87
CA GLN A 502 -41.22 -0.21 -8.87
C GLN A 502 -39.84 -0.80 -8.81
C GLN A 502 -39.79 -0.71 -8.90
N VAL A 503 -38.91 -0.22 -8.05
N VAL A 503 -38.91 -0.17 -8.04
CA VAL A 503 -37.56 -0.75 -7.88
CA VAL A 503 -37.51 -0.57 -7.92
C VAL A 503 -37.05 -0.23 -6.56
C VAL A 503 -37.08 -0.21 -6.51
N THR A 504 -36.17 -1.00 -5.94
CA THR A 504 -35.45 -0.60 -4.75
C THR A 504 -34.09 -0.06 -5.20
N VAL A 505 -33.85 1.21 -4.96
CA VAL A 505 -32.59 1.85 -5.33
C VAL A 505 -31.75 1.96 -4.07
N ILE A 506 -30.56 1.37 -4.13
CA ILE A 506 -29.60 1.37 -3.04
C ILE A 506 -28.50 2.35 -3.39
N GLY A 507 -28.33 3.38 -2.56
CA GLY A 507 -27.26 4.33 -2.73
C GLY A 507 -26.63 4.61 -1.37
N ALA A 508 -25.57 5.41 -1.40
CA ALA A 508 -24.87 5.72 -0.17
C ALA A 508 -24.11 7.02 -0.40
N GLY A 509 -23.98 7.82 0.65
CA GLY A 509 -23.31 9.09 0.46
C GLY A 509 -23.98 9.88 -0.65
N VAL A 510 -23.15 10.43 -1.54
CA VAL A 510 -23.69 11.29 -2.58
C VAL A 510 -24.72 10.57 -3.44
N THR A 511 -24.56 9.26 -3.68
CA THR A 511 -25.52 8.58 -4.54
C THR A 511 -26.85 8.30 -3.84
N LEU A 512 -26.89 8.30 -2.50
CA LEU A 512 -28.19 8.25 -1.84
C LEU A 512 -28.97 9.52 -2.15
N HIS A 513 -28.29 10.67 -2.06
CA HIS A 513 -28.93 11.95 -2.34
C HIS A 513 -29.30 12.07 -3.81
N GLU A 514 -28.46 11.56 -4.70
CA GLU A 514 -28.85 11.54 -6.11
C GLU A 514 -30.06 10.64 -6.32
N ALA A 515 -30.15 9.51 -5.59
CA ALA A 515 -31.30 8.64 -5.72
C ALA A 515 -32.58 9.33 -5.25
N LEU A 516 -32.50 10.07 -4.13
CA LEU A 516 -33.66 10.83 -3.68
C LEU A 516 -34.07 11.89 -4.69
N ALA A 517 -33.09 12.52 -5.35
CA ALA A 517 -33.42 13.49 -6.39
C ALA A 517 -34.03 12.79 -7.60
N ALA A 518 -33.54 11.60 -7.94
CA ALA A 518 -34.15 10.83 -9.03
C ALA A 518 -35.58 10.47 -8.70
N ALA A 519 -35.85 10.12 -7.43
CA ALA A 519 -37.23 9.81 -7.05
C ALA A 519 -38.14 10.97 -7.33
N GLU A 520 -37.67 12.19 -7.07
N GLU A 520 -37.69 12.19 -7.05
CA GLU A 520 -38.50 13.37 -7.32
CA GLU A 520 -38.52 13.35 -7.34
C GLU A 520 -38.72 13.57 -8.83
C GLU A 520 -38.73 13.53 -8.83
N LEU A 521 -37.70 13.29 -9.64
CA LEU A 521 -37.86 13.37 -11.10
C LEU A 521 -38.86 12.34 -11.60
N LEU A 522 -38.80 11.14 -11.04
CA LEU A 522 -39.63 10.03 -11.50
C LEU A 522 -41.08 10.16 -11.05
N LYS A 523 -41.32 10.78 -9.89
N LYS A 523 -41.34 10.81 -9.92
CA LYS A 523 -42.69 11.02 -9.46
CA LYS A 523 -42.72 10.96 -9.49
C LYS A 523 -43.48 11.73 -10.55
C LYS A 523 -43.52 11.88 -10.41
N LYS A 524 -42.84 12.68 -11.22
CA LYS A 524 -43.52 13.43 -12.28
C LYS A 524 -44.01 12.52 -13.39
N GLU A 525 -43.39 11.34 -13.54
CA GLU A 525 -43.79 10.34 -14.50
C GLU A 525 -44.66 9.25 -13.87
N LYS A 526 -45.11 9.46 -12.63
CA LYS A 526 -45.93 8.48 -11.91
C LYS A 526 -45.17 7.18 -11.66
N ILE A 527 -43.88 7.30 -11.36
CA ILE A 527 -43.03 6.17 -11.01
C ILE A 527 -42.46 6.42 -9.63
N ASN A 528 -42.82 5.57 -8.68
CA ASN A 528 -42.28 5.60 -7.33
C ASN A 528 -41.15 4.60 -7.19
N ILE A 529 -40.11 4.99 -6.47
CA ILE A 529 -39.01 4.09 -6.15
C ILE A 529 -38.77 4.06 -4.65
N ARG A 530 -38.42 2.89 -4.17
CA ARG A 530 -37.94 2.75 -2.81
C ARG A 530 -36.46 3.09 -2.77
N VAL A 531 -36.03 3.78 -1.72
CA VAL A 531 -34.63 4.17 -1.60
C VAL A 531 -34.09 3.67 -0.28
N LEU A 532 -32.98 2.94 -0.35
CA LEU A 532 -32.38 2.24 0.78
C LEU A 532 -30.93 2.70 0.98
N ASP A 533 -30.60 3.02 2.22
CA ASP A 533 -29.29 3.51 2.65
C ASP A 533 -28.64 2.38 3.45
N PRO A 534 -27.58 1.75 2.97
N PRO A 534 -27.56 1.77 2.98
CA PRO A 534 -27.05 0.58 3.70
CA PRO A 534 -27.05 0.57 3.68
C PRO A 534 -26.54 0.85 5.09
C PRO A 534 -26.49 0.84 5.07
N PHE A 535 -25.95 2.02 5.31
CA PHE A 535 -25.28 2.42 6.55
C PHE A 535 -23.94 1.71 6.70
N THR A 536 -23.94 0.39 6.89
CA THR A 536 -22.72 -0.39 6.74
C THR A 536 -22.74 -1.17 5.42
N ILE A 537 -21.63 -1.10 4.70
CA ILE A 537 -21.48 -1.94 3.51
C ILE A 537 -21.04 -3.32 3.91
N LYS A 538 -20.31 -3.44 5.02
CA LYS A 538 -19.86 -4.70 5.56
C LYS A 538 -20.01 -4.58 7.07
N PRO A 539 -20.88 -5.37 7.70
CA PRO A 539 -21.79 -6.35 7.12
C PRO A 539 -22.99 -5.66 6.46
N LEU A 540 -23.56 -6.31 5.48
CA LEU A 540 -24.68 -5.78 4.73
C LEU A 540 -25.99 -6.33 5.29
N ASP A 541 -27.00 -5.46 5.35
CA ASP A 541 -28.34 -5.83 5.83
C ASP A 541 -29.09 -6.57 4.72
N ARG A 542 -28.71 -7.84 4.55
CA ARG A 542 -29.29 -8.66 3.50
C ARG A 542 -30.80 -8.77 3.65
N LYS A 543 -31.27 -8.91 4.89
CA LYS A 543 -32.71 -9.10 5.11
C LYS A 543 -33.50 -7.89 4.61
N LEU A 544 -33.10 -6.68 5.02
CA LEU A 544 -33.86 -5.51 4.59
C LEU A 544 -33.78 -5.33 3.08
N ILE A 545 -32.61 -5.61 2.49
CA ILE A 545 -32.48 -5.49 1.04
C ILE A 545 -33.46 -6.43 0.33
N LEU A 546 -33.52 -7.69 0.77
CA LEU A 546 -34.42 -8.66 0.14
C LEU A 546 -35.88 -8.35 0.43
N ASP A 547 -36.20 -7.95 1.66
CA ASP A 547 -37.58 -7.60 1.96
C ASP A 547 -38.02 -6.41 1.11
N SER A 548 -37.12 -5.44 0.92
CA SER A 548 -37.42 -4.30 0.07
C SER A 548 -37.64 -4.75 -1.36
N ALA A 549 -36.73 -5.57 -1.88
CA ALA A 549 -36.83 -6.02 -3.26
C ALA A 549 -38.13 -6.77 -3.51
N ARG A 550 -38.55 -7.60 -2.54
CA ARG A 550 -39.80 -8.32 -2.69
C ARG A 550 -41.01 -7.39 -2.75
N ALA A 551 -40.92 -6.20 -2.19
CA ALA A 551 -41.98 -5.21 -2.30
C ALA A 551 -41.87 -4.39 -3.58
N THR A 552 -40.79 -4.54 -4.34
CA THR A 552 -40.57 -3.75 -5.55
C THR A 552 -40.32 -4.64 -6.76
N LYS A 553 -41.18 -5.64 -6.92
CA LYS A 553 -41.18 -6.52 -8.09
C LYS A 553 -39.86 -7.26 -8.27
N GLY A 554 -39.14 -7.47 -7.16
CA GLY A 554 -37.85 -8.12 -7.14
C GLY A 554 -36.70 -7.30 -7.67
N ARG A 555 -36.92 -6.03 -8.03
CA ARG A 555 -35.92 -5.24 -8.74
C ARG A 555 -35.08 -4.42 -7.78
N ILE A 556 -33.76 -4.57 -7.89
CA ILE A 556 -32.77 -3.77 -7.17
C ILE A 556 -31.90 -3.02 -8.17
N LEU A 557 -31.64 -1.75 -7.88
CA LEU A 557 -30.65 -0.96 -8.60
C LEU A 557 -29.69 -0.42 -7.55
N THR A 558 -28.41 -0.69 -7.71
N THR A 558 -28.42 -0.76 -7.67
CA THR A 558 -27.39 -0.18 -6.80
CA THR A 558 -27.37 -0.19 -6.85
C THR A 558 -26.54 0.84 -7.53
C THR A 558 -26.70 0.94 -7.62
N VAL A 559 -26.35 2.01 -6.90
CA VAL A 559 -25.64 3.13 -7.52
C VAL A 559 -24.57 3.62 -6.55
N GLU A 560 -23.32 3.65 -7.00
CA GLU A 560 -22.22 3.93 -6.09
C GLU A 560 -21.12 4.75 -6.76
N ASP A 561 -20.51 5.61 -5.95
CA ASP A 561 -19.38 6.43 -6.36
C ASP A 561 -18.09 5.68 -5.99
N HIS A 562 -17.84 4.64 -6.78
CA HIS A 562 -16.79 3.64 -6.58
C HIS A 562 -16.70 2.85 -7.88
N TYR A 563 -15.58 2.18 -8.10
CA TYR A 563 -15.48 1.28 -9.25
C TYR A 563 -16.42 0.08 -9.07
N TYR A 564 -16.63 -0.65 -10.17
CA TYR A 564 -17.57 -1.76 -10.13
C TYR A 564 -17.14 -2.89 -9.22
N GLU A 565 -15.85 -3.17 -9.13
CA GLU A 565 -15.37 -4.36 -8.44
C GLU A 565 -15.22 -4.12 -6.94
N GLY A 566 -15.78 -5.03 -6.14
CA GLY A 566 -15.55 -5.07 -4.70
C GLY A 566 -16.33 -4.09 -3.88
N GLY A 567 -17.24 -3.33 -4.48
CA GLY A 567 -17.98 -2.28 -3.79
C GLY A 567 -19.39 -2.68 -3.43
N ILE A 568 -20.28 -1.68 -3.40
CA ILE A 568 -21.64 -1.91 -2.95
C ILE A 568 -22.39 -2.86 -3.87
N GLY A 569 -22.31 -2.60 -5.18
CA GLY A 569 -23.05 -3.41 -6.13
C GLY A 569 -22.65 -4.87 -6.09
N GLU A 570 -21.35 -5.14 -6.00
N GLU A 570 -21.35 -5.13 -5.99
CA GLU A 570 -20.92 -6.55 -5.91
CA GLU A 570 -20.86 -6.49 -5.90
C GLU A 570 -21.28 -7.15 -4.56
C GLU A 570 -21.23 -7.14 -4.56
N ALA A 571 -21.20 -6.36 -3.48
CA ALA A 571 -21.64 -6.87 -2.19
C ALA A 571 -23.12 -7.27 -2.23
N VAL A 572 -23.95 -6.41 -2.84
CA VAL A 572 -25.38 -6.70 -2.95
C VAL A 572 -25.60 -7.93 -3.82
N SER A 573 -24.95 -7.97 -4.98
CA SER A 573 -25.14 -9.10 -5.89
C SER A 573 -24.76 -10.40 -5.21
N SER A 574 -23.65 -10.39 -4.48
CA SER A 574 -23.20 -11.61 -3.80
C SER A 574 -24.18 -12.03 -2.72
N ALA A 575 -24.85 -11.06 -2.09
CA ALA A 575 -25.78 -11.36 -1.03
C ALA A 575 -27.08 -11.96 -1.56
N VAL A 576 -27.53 -11.55 -2.75
CA VAL A 576 -28.86 -11.92 -3.23
C VAL A 576 -28.85 -12.94 -4.36
N VAL A 577 -27.69 -13.25 -4.95
CA VAL A 577 -27.67 -14.13 -6.12
C VAL A 577 -28.39 -15.44 -5.81
N GLY A 578 -29.19 -15.89 -6.78
CA GLY A 578 -29.95 -17.10 -6.63
C GLY A 578 -31.32 -16.95 -6.00
N GLU A 579 -31.62 -15.81 -5.39
CA GLU A 579 -32.93 -15.66 -4.74
C GLU A 579 -34.01 -15.55 -5.82
N PRO A 580 -35.06 -16.36 -5.75
CA PRO A 580 -36.04 -16.35 -6.85
C PRO A 580 -36.63 -14.97 -7.10
N GLY A 581 -36.64 -14.56 -8.36
CA GLY A 581 -37.32 -13.35 -8.77
C GLY A 581 -36.54 -12.06 -8.57
N ILE A 582 -35.34 -12.12 -7.99
CA ILE A 582 -34.57 -10.92 -7.69
C ILE A 582 -33.67 -10.60 -8.88
N THR A 583 -33.66 -9.33 -9.29
CA THR A 583 -32.73 -8.85 -10.31
C THR A 583 -31.96 -7.67 -9.76
N VAL A 584 -30.71 -7.51 -10.23
CA VAL A 584 -29.84 -6.42 -9.77
C VAL A 584 -29.26 -5.71 -10.99
N THR A 585 -29.45 -4.40 -11.05
CA THR A 585 -28.80 -3.54 -12.02
C THR A 585 -27.81 -2.71 -11.23
N HIS A 586 -26.62 -2.50 -11.78
CA HIS A 586 -25.51 -1.90 -11.06
C HIS A 586 -25.00 -0.69 -11.84
N LEU A 587 -25.02 0.48 -11.19
CA LEU A 587 -24.40 1.69 -11.73
C LEU A 587 -23.22 2.06 -10.86
N ALA A 588 -22.05 2.22 -11.48
CA ALA A 588 -20.82 2.58 -10.79
C ALA A 588 -19.93 3.31 -11.78
N VAL A 589 -18.69 3.57 -11.36
CA VAL A 589 -17.72 4.31 -12.17
C VAL A 589 -16.92 3.28 -12.97
N ASN A 590 -16.88 3.43 -14.31
CA ASN A 590 -16.34 2.35 -15.14
C ASN A 590 -14.87 2.51 -15.55
N ARG A 591 -14.21 3.60 -15.16
CA ARG A 591 -12.84 3.85 -15.64
C ARG A 591 -12.27 5.01 -14.84
N VAL A 592 -10.96 5.22 -14.98
CA VAL A 592 -10.29 6.33 -14.30
C VAL A 592 -11.02 7.62 -14.66
N PRO A 593 -11.42 8.43 -13.68
CA PRO A 593 -12.08 9.70 -14.01
C PRO A 593 -11.13 10.83 -14.38
N ARG A 594 -11.61 12.06 -14.21
CA ARG A 594 -10.99 13.27 -14.76
C ARG A 594 -11.55 14.44 -13.96
N SER A 595 -11.05 15.64 -14.23
CA SER A 595 -11.50 16.82 -13.50
C SER A 595 -12.77 17.44 -14.09
N GLY A 596 -13.62 17.92 -13.19
CA GLY A 596 -14.77 18.73 -13.53
C GLY A 596 -15.50 19.07 -12.26
N LYS A 597 -16.63 19.75 -12.40
CA LYS A 597 -17.43 20.01 -11.22
C LYS A 597 -18.04 18.71 -10.71
N PRO A 598 -18.27 18.61 -9.38
CA PRO A 598 -18.90 17.39 -8.84
C PRO A 598 -20.10 16.89 -9.63
N ALA A 599 -21.06 17.77 -9.92
CA ALA A 599 -22.27 17.32 -10.62
C ALA A 599 -21.96 16.87 -12.04
N GLU A 600 -20.99 17.51 -12.67
CA GLU A 600 -20.62 17.15 -14.05
C GLU A 600 -20.00 15.77 -14.09
N LEU A 601 -19.18 15.44 -13.09
CA LEU A 601 -18.55 14.12 -13.04
C LEU A 601 -19.56 13.03 -12.69
N LEU A 602 -20.49 13.31 -11.77
CA LEU A 602 -21.50 12.32 -11.48
C LEU A 602 -22.29 11.98 -12.74
N LYS A 603 -22.54 12.98 -13.59
CA LYS A 603 -23.22 12.75 -14.86
C LYS A 603 -22.34 12.00 -15.84
N MET A 604 -21.09 12.46 -16.04
N MET A 604 -21.09 12.45 -16.00
CA MET A 604 -20.20 11.79 -16.99
CA MET A 604 -20.20 11.81 -16.96
C MET A 604 -20.06 10.30 -16.66
C MET A 604 -20.00 10.33 -16.65
N PHE A 605 -19.95 9.98 -15.36
CA PHE A 605 -19.70 8.60 -14.93
C PHE A 605 -20.98 7.84 -14.60
N GLY A 606 -22.13 8.42 -14.90
CA GLY A 606 -23.35 7.64 -14.96
C GLY A 606 -23.94 7.29 -13.61
N ILE A 607 -23.75 8.15 -12.61
CA ILE A 607 -24.22 7.83 -11.26
C ILE A 607 -24.98 9.01 -10.63
N ASP A 608 -25.45 9.94 -11.46
CA ASP A 608 -26.25 11.05 -10.97
C ASP A 608 -27.75 10.75 -11.06
N ARG A 609 -28.55 11.73 -10.64
CA ARG A 609 -30.00 11.57 -10.61
C ARG A 609 -30.56 11.21 -11.98
N ASP A 610 -30.04 11.82 -13.05
CA ASP A 610 -30.58 11.54 -14.38
C ASP A 610 -30.23 10.13 -14.85
N ALA A 611 -29.01 9.66 -14.55
CA ALA A 611 -28.61 8.30 -14.88
C ALA A 611 -29.44 7.29 -14.09
N ILE A 612 -29.72 7.58 -12.81
CA ILE A 612 -30.55 6.69 -12.00
C ILE A 612 -31.96 6.63 -12.57
N ALA A 613 -32.54 7.79 -12.84
CA ALA A 613 -33.89 7.83 -13.38
C ALA A 613 -33.97 7.09 -14.72
N GLN A 614 -33.00 7.30 -15.60
N GLN A 614 -32.98 7.28 -15.60
CA GLN A 614 -32.96 6.59 -16.87
CA GLN A 614 -33.00 6.58 -16.89
C GLN A 614 -32.89 5.08 -16.66
C GLN A 614 -32.86 5.07 -16.69
N ALA A 615 -32.04 4.64 -15.75
CA ALA A 615 -31.92 3.21 -15.47
C ALA A 615 -33.25 2.65 -14.96
N VAL A 616 -33.91 3.39 -14.07
CA VAL A 616 -35.23 2.97 -13.59
C VAL A 616 -36.21 2.84 -14.75
N ARG A 617 -36.29 3.87 -15.61
CA ARG A 617 -37.20 3.82 -16.75
C ARG A 617 -36.91 2.60 -17.62
N GLY A 618 -35.63 2.25 -17.78
CA GLY A 618 -35.28 1.11 -18.62
C GLY A 618 -35.68 -0.21 -18.01
N LEU A 619 -35.57 -0.32 -16.70
CA LEU A 619 -35.98 -1.54 -16.01
C LEU A 619 -37.48 -1.77 -16.12
N ILE A 620 -38.27 -0.73 -15.89
CA ILE A 620 -39.71 -0.89 -15.97
C ILE A 620 -40.12 -1.31 -17.37
N THR A 621 -39.42 -0.83 -18.38
CA THR A 621 -39.67 -1.25 -19.75
C THR A 621 -38.87 -2.51 -20.08
N GLU B 2 27.65 18.56 -24.01
CA GLU B 2 27.64 19.99 -24.31
C GLU B 2 28.11 20.80 -23.10
N SER B 3 28.89 21.84 -23.36
CA SER B 3 29.36 22.72 -22.30
C SER B 3 28.20 23.48 -21.67
N TYR B 4 28.35 23.79 -20.38
CA TYR B 4 27.43 24.72 -19.71
C TYR B 4 27.48 26.06 -20.42
N HIS B 5 26.30 26.61 -20.72
CA HIS B 5 26.21 27.98 -21.23
C HIS B 5 26.00 28.91 -20.04
N LYS B 6 27.03 29.66 -19.67
CA LYS B 6 26.92 30.50 -18.48
C LYS B 6 26.12 31.73 -18.85
N PRO B 7 24.94 31.94 -18.25
CA PRO B 7 24.02 32.97 -18.75
C PRO B 7 24.49 34.37 -18.44
N ASP B 8 24.16 35.29 -19.34
CA ASP B 8 24.40 36.71 -19.14
C ASP B 8 23.25 37.32 -18.33
N GLN B 9 23.43 38.58 -17.90
N GLN B 9 23.45 38.58 -17.92
CA GLN B 9 22.40 39.21 -17.08
CA GLN B 9 22.44 39.26 -17.11
C GLN B 9 21.09 39.38 -17.84
C GLN B 9 21.11 39.35 -17.85
N GLN B 10 21.14 39.56 -19.17
CA GLN B 10 19.89 39.65 -19.93
C GLN B 10 19.14 38.33 -19.93
N LYS B 11 19.85 37.21 -20.10
CA LYS B 11 19.21 35.90 -19.98
C LYS B 11 18.68 35.69 -18.56
N LEU B 12 19.46 36.08 -17.54
CA LEU B 12 18.97 35.95 -16.18
C LEU B 12 17.71 36.78 -15.95
N GLN B 13 17.68 38.01 -16.45
CA GLN B 13 16.49 38.83 -16.32
C GLN B 13 15.31 38.20 -17.05
N ALA B 14 15.57 37.62 -18.23
CA ALA B 14 14.51 36.94 -18.96
C ALA B 14 13.97 35.75 -18.19
N LEU B 15 14.86 35.03 -17.50
CA LEU B 15 14.42 33.92 -16.64
C LEU B 15 13.58 34.41 -15.47
N LYS B 16 13.95 35.54 -14.86
N LYS B 16 13.94 35.55 -14.88
CA LYS B 16 13.11 36.13 -13.81
CA LYS B 16 13.12 36.12 -13.82
C LYS B 16 11.76 36.55 -14.37
C LYS B 16 11.76 36.58 -14.36
N ASP B 17 11.76 37.22 -15.53
CA ASP B 17 10.51 37.60 -16.19
C ASP B 17 9.65 36.37 -16.44
N THR B 18 10.28 35.27 -16.89
CA THR B 18 9.57 34.03 -17.15
C THR B 18 8.94 33.51 -15.87
N ALA B 19 9.73 33.45 -14.79
CA ALA B 19 9.22 33.00 -13.50
C ALA B 19 8.01 33.81 -13.06
N ASN B 20 8.06 35.12 -13.26
CA ASN B 20 6.94 35.99 -12.89
C ASN B 20 5.73 35.78 -13.79
N ARG B 21 5.94 35.55 -15.09
CA ARG B 21 4.83 35.17 -15.96
C ARG B 21 4.19 33.85 -15.49
N LEU B 22 5.02 32.89 -15.07
CA LEU B 22 4.49 31.62 -14.58
C LEU B 22 3.66 31.81 -13.32
N ARG B 23 4.10 32.71 -12.43
CA ARG B 23 3.29 33.05 -11.25
C ARG B 23 1.94 33.63 -11.66
N ILE B 24 1.95 34.61 -12.56
CA ILE B 24 0.73 35.24 -13.02
C ILE B 24 -0.23 34.21 -13.59
N SER B 25 0.27 33.32 -14.44
N SER B 25 0.28 33.33 -14.46
CA SER B 25 -0.61 32.34 -15.05
CA SER B 25 -0.58 32.32 -15.07
C SER B 25 -1.16 31.37 -14.02
C SER B 25 -1.16 31.39 -14.00
N SER B 26 -0.34 30.95 -13.05
CA SER B 26 -0.82 30.02 -12.02
C SER B 26 -1.95 30.65 -11.22
N ILE B 27 -1.83 31.95 -10.91
CA ILE B 27 -2.89 32.67 -10.22
C ILE B 27 -4.12 32.81 -11.12
N GLN B 28 -3.93 33.26 -12.36
CA GLN B 28 -5.08 33.45 -13.25
C GLN B 28 -5.87 32.16 -13.42
N ALA B 29 -5.16 31.04 -13.61
CA ALA B 29 -5.83 29.78 -13.92
C ALA B 29 -6.60 29.27 -12.71
N THR B 30 -5.99 29.35 -11.52
CA THR B 30 -6.64 28.85 -10.33
C THR B 30 -7.77 29.78 -9.86
N THR B 31 -7.61 31.09 -10.03
CA THR B 31 -8.73 32.00 -9.76
C THR B 31 -9.88 31.75 -10.73
N ALA B 32 -9.58 31.50 -12.01
CA ALA B 32 -10.64 31.19 -12.96
C ALA B 32 -11.36 29.90 -12.59
N ALA B 33 -10.60 28.88 -12.18
CA ALA B 33 -11.20 27.60 -11.85
C ALA B 33 -11.97 27.65 -10.54
N GLY B 34 -11.56 28.53 -9.62
CA GLY B 34 -12.09 28.53 -8.28
C GLY B 34 -11.49 27.50 -7.36
N SER B 35 -10.38 26.88 -7.76
CA SER B 35 -9.70 25.89 -6.94
C SER B 35 -8.31 25.70 -7.49
N GLY B 36 -7.46 25.05 -6.70
CA GLY B 36 -6.07 24.83 -7.06
C GLY B 36 -5.13 25.44 -6.06
N HIS B 37 -3.83 25.49 -6.44
CA HIS B 37 -2.75 25.60 -5.47
C HIS B 37 -1.75 26.65 -5.91
N PRO B 38 -2.19 27.91 -6.09
CA PRO B 38 -1.24 28.91 -6.58
C PRO B 38 -0.04 29.08 -5.68
N THR B 39 -0.16 28.96 -4.35
CA THR B 39 1.01 29.20 -3.52
C THR B 39 2.07 28.11 -3.73
N SER B 40 1.64 26.88 -4.04
CA SER B 40 2.56 25.79 -4.34
C SER B 40 3.22 25.96 -5.69
N CYS B 41 2.54 26.64 -6.61
CA CYS B 41 3.16 27.00 -7.87
C CYS B 41 4.23 28.06 -7.68
N CYS B 42 3.91 29.09 -6.86
CA CYS B 42 4.76 30.26 -6.77
C CYS B 42 6.11 29.97 -6.11
N SER B 43 6.19 29.03 -5.19
CA SER B 43 7.50 28.69 -4.64
C SER B 43 8.42 28.08 -5.67
N ALA B 44 7.87 27.49 -6.72
CA ALA B 44 8.65 26.76 -7.71
C ALA B 44 8.89 27.55 -8.99
N ALA B 45 8.52 28.83 -9.05
CA ALA B 45 8.49 29.53 -10.34
C ALA B 45 9.88 29.71 -10.93
N GLU B 46 10.89 30.07 -10.12
CA GLU B 46 12.24 30.19 -10.67
C GLU B 46 12.80 28.83 -11.06
N ILE B 47 12.54 27.78 -10.26
CA ILE B 47 12.95 26.43 -10.62
C ILE B 47 12.41 26.06 -11.99
N MET B 48 11.11 26.30 -12.21
CA MET B 48 10.49 25.91 -13.46
C MET B 48 11.04 26.72 -14.62
N ALA B 49 11.22 28.04 -14.43
CA ALA B 49 11.75 28.87 -15.49
C ALA B 49 13.13 28.40 -15.90
N VAL B 50 14.00 28.13 -14.92
CA VAL B 50 15.38 27.72 -15.20
C VAL B 50 15.41 26.35 -15.87
N LEU B 51 14.65 25.39 -15.35
CA LEU B 51 14.64 24.08 -15.99
C LEU B 51 14.18 24.16 -17.43
N PHE B 52 13.04 24.82 -17.69
CA PHE B 52 12.46 24.75 -19.01
C PHE B 52 13.11 25.70 -20.00
N PHE B 53 13.77 26.76 -19.53
CA PHE B 53 14.26 27.80 -20.42
C PHE B 53 15.75 28.06 -20.25
N HIS B 54 16.47 27.18 -19.58
CA HIS B 54 17.91 27.22 -19.58
C HIS B 54 18.50 25.81 -19.58
N THR B 55 18.11 24.98 -18.62
CA THR B 55 18.82 23.73 -18.40
C THR B 55 18.41 22.61 -19.35
N MET B 56 17.12 22.34 -19.47
N MET B 56 17.11 22.35 -19.45
CA MET B 56 16.68 21.15 -20.16
CA MET B 56 16.60 21.19 -20.17
C MET B 56 16.71 21.33 -21.67
C MET B 56 16.77 21.34 -21.68
N ARG B 57 16.78 20.20 -22.36
CA ARG B 57 16.80 20.14 -23.81
C ARG B 57 15.62 19.26 -24.21
N TYR B 58 14.75 19.79 -25.05
CA TYR B 58 13.55 19.08 -25.44
C TYR B 58 12.96 19.78 -26.67
N LYS B 59 12.15 19.01 -27.39
CA LYS B 59 11.45 19.51 -28.57
C LYS B 59 10.11 20.11 -28.10
N SER B 60 9.97 21.43 -28.23
N SER B 60 9.98 21.43 -28.22
CA SER B 60 8.80 22.12 -27.69
CA SER B 60 8.79 22.11 -27.70
C SER B 60 7.50 21.73 -28.38
C SER B 60 7.51 21.57 -28.34
N GLN B 61 7.55 21.27 -29.63
CA GLN B 61 6.35 20.81 -30.32
C GLN B 61 6.17 19.29 -30.27
N ASP B 62 7.03 18.57 -29.56
CA ASP B 62 6.96 17.12 -29.47
C ASP B 62 7.37 16.70 -28.07
N PRO B 63 6.50 16.95 -27.09
CA PRO B 63 6.91 16.71 -25.69
C PRO B 63 7.26 15.27 -25.38
N ARG B 64 6.65 14.31 -26.09
N ARG B 64 6.66 14.30 -26.05
CA ARG B 64 6.90 12.89 -25.86
CA ARG B 64 6.96 12.92 -25.75
C ARG B 64 8.16 12.38 -26.56
C ARG B 64 8.08 12.36 -26.63
N ASN B 65 8.84 13.22 -27.31
CA ASN B 65 9.93 12.77 -28.14
C ASN B 65 10.92 11.95 -27.32
N PRO B 66 11.38 10.79 -27.82
CA PRO B 66 12.24 9.93 -26.99
C PRO B 66 13.62 10.49 -26.70
N HIS B 67 14.06 11.55 -27.38
CA HIS B 67 15.35 12.15 -27.14
C HIS B 67 15.32 13.25 -26.09
N ASN B 68 14.12 13.66 -25.66
CA ASN B 68 14.00 14.81 -24.78
C ASN B 68 14.49 14.47 -23.37
N ASP B 69 15.05 15.45 -22.69
CA ASP B 69 15.11 15.37 -21.24
C ASP B 69 13.71 15.16 -20.70
N ARG B 70 13.63 14.48 -19.55
CA ARG B 70 12.37 14.24 -18.86
C ARG B 70 12.26 15.18 -17.66
N PHE B 71 11.06 15.69 -17.43
CA PHE B 71 10.71 16.42 -16.23
C PHE B 71 9.54 15.71 -15.56
N VAL B 72 9.65 15.44 -14.27
CA VAL B 72 8.58 14.81 -13.48
C VAL B 72 8.17 15.79 -12.38
N LEU B 73 6.93 16.21 -12.39
CA LEU B 73 6.39 17.08 -11.34
C LEU B 73 5.86 16.17 -10.24
N SER B 74 6.71 15.80 -9.29
CA SER B 74 6.26 14.89 -8.25
C SER B 74 5.23 15.55 -7.36
N LYS B 75 5.39 16.84 -7.08
CA LYS B 75 4.40 17.63 -6.35
C LYS B 75 3.34 18.09 -7.36
N GLY B 76 2.47 17.14 -7.72
CA GLY B 76 1.57 17.28 -8.85
C GLY B 76 0.54 18.38 -8.72
N HIS B 77 0.20 18.78 -7.50
CA HIS B 77 -0.75 19.87 -7.28
C HIS B 77 -0.20 21.21 -7.75
N ALA B 78 1.07 21.28 -8.14
CA ALA B 78 1.57 22.45 -8.87
C ALA B 78 1.31 22.36 -10.38
N ALA B 79 0.39 21.50 -10.79
CA ALA B 79 0.07 21.36 -12.22
C ALA B 79 -0.11 22.68 -12.95
N PRO B 80 -0.76 23.71 -12.39
CA PRO B 80 -0.94 24.94 -13.19
C PRO B 80 0.35 25.55 -13.70
N ILE B 81 1.46 25.42 -12.95
CA ILE B 81 2.72 25.97 -13.43
C ILE B 81 3.37 25.07 -14.48
N LEU B 82 3.13 23.76 -14.41
CA LEU B 82 3.50 22.88 -15.52
C LEU B 82 2.79 23.28 -16.79
N TYR B 83 1.48 23.52 -16.70
CA TYR B 83 0.74 23.94 -17.90
C TYR B 83 1.28 25.26 -18.42
N ALA B 84 1.57 26.18 -17.50
CA ALA B 84 2.09 27.49 -17.89
C ALA B 84 3.42 27.38 -18.63
N VAL B 85 4.32 26.48 -18.19
CA VAL B 85 5.59 26.39 -18.92
C VAL B 85 5.39 25.87 -20.32
N TRP B 86 4.44 24.95 -20.52
CA TRP B 86 4.23 24.40 -21.85
C TRP B 86 3.50 25.39 -22.76
N ALA B 87 2.74 26.33 -22.20
CA ALA B 87 2.28 27.47 -22.99
C ALA B 87 3.44 28.41 -23.31
N GLU B 88 4.28 28.70 -22.32
CA GLU B 88 5.42 29.57 -22.55
C GLU B 88 6.34 29.01 -23.63
N ALA B 89 6.47 27.68 -23.70
CA ALA B 89 7.31 27.01 -24.68
C ALA B 89 6.66 26.96 -26.06
N GLY B 90 5.39 27.31 -26.17
CA GLY B 90 4.71 27.37 -27.44
C GLY B 90 3.89 26.15 -27.79
N PHE B 91 3.81 25.15 -26.92
CA PHE B 91 3.06 23.94 -27.24
C PHE B 91 1.57 24.13 -26.97
N LEU B 92 1.23 24.67 -25.81
N LEU B 92 1.23 24.74 -25.84
CA LEU B 92 -0.15 24.92 -25.43
CA LEU B 92 -0.14 24.91 -25.40
C LEU B 92 -0.53 26.35 -25.78
C LEU B 92 -0.59 26.35 -25.63
N ALA B 93 -1.79 26.53 -26.18
CA ALA B 93 -2.33 27.87 -26.36
C ALA B 93 -2.49 28.55 -25.02
N GLU B 94 -2.07 29.81 -24.94
N GLU B 94 -2.06 29.82 -24.93
CA GLU B 94 -2.13 30.55 -23.66
CA GLU B 94 -2.13 30.55 -23.67
C GLU B 94 -3.56 30.63 -23.16
C GLU B 94 -3.55 30.64 -23.15
N ALA B 95 -4.52 30.84 -24.06
CA ALA B 95 -5.91 30.98 -23.62
C ALA B 95 -6.40 29.70 -22.94
N GLU B 96 -5.86 28.55 -23.30
CA GLU B 96 -6.34 27.29 -22.74
C GLU B 96 -6.03 27.18 -21.25
N LEU B 97 -5.03 27.89 -20.77
CA LEU B 97 -4.66 27.82 -19.35
C LEU B 97 -5.82 28.21 -18.45
N LEU B 98 -6.68 29.12 -18.93
CA LEU B 98 -7.80 29.58 -18.12
C LEU B 98 -8.90 28.52 -17.98
N ASN B 99 -8.79 27.43 -18.72
CA ASN B 99 -9.76 26.33 -18.67
C ASN B 99 -9.34 25.22 -17.72
N LEU B 100 -8.33 25.48 -16.90
CA LEU B 100 -7.91 24.58 -15.83
C LEU B 100 -9.11 23.98 -15.10
N ARG B 101 -9.07 22.66 -14.95
CA ARG B 101 -10.02 21.90 -14.13
C ARG B 101 -11.42 21.79 -14.74
N LYS B 102 -11.65 22.28 -15.96
CA LYS B 102 -12.95 22.16 -16.60
C LYS B 102 -13.13 20.80 -17.25
N ILE B 103 -14.38 20.33 -17.29
CA ILE B 103 -14.71 19.06 -17.94
C ILE B 103 -14.49 19.11 -19.44
N SER B 104 -14.42 20.31 -20.01
CA SER B 104 -14.17 20.52 -21.43
C SER B 104 -12.68 20.65 -21.76
N SER B 105 -11.80 20.53 -20.77
CA SER B 105 -10.37 20.70 -20.91
C SER B 105 -9.66 19.43 -20.49
N ASP B 106 -8.43 19.28 -20.98
CA ASP B 106 -7.51 18.28 -20.47
C ASP B 106 -6.46 18.84 -19.51
N LEU B 107 -6.55 20.12 -19.13
CA LEU B 107 -5.69 20.71 -18.09
C LEU B 107 -6.28 20.44 -16.72
N ASP B 108 -6.22 19.16 -16.33
CA ASP B 108 -6.91 18.70 -15.14
C ASP B 108 -6.19 19.12 -13.87
N GLY B 109 -6.81 18.82 -12.73
CA GLY B 109 -6.31 19.32 -11.47
C GLY B 109 -4.90 18.89 -11.13
N HIS B 110 -4.54 17.66 -11.51
CA HIS B 110 -3.19 17.14 -11.37
C HIS B 110 -2.78 16.57 -12.72
N PRO B 111 -1.49 16.45 -13.00
CA PRO B 111 -1.08 16.05 -14.36
C PRO B 111 -1.44 14.60 -14.63
N VAL B 112 -1.79 14.33 -15.90
CA VAL B 112 -2.21 13.02 -16.37
C VAL B 112 -1.73 12.83 -17.81
N PRO B 113 -1.46 11.60 -18.24
CA PRO B 113 -0.80 11.38 -19.53
C PRO B 113 -1.67 11.59 -20.76
N LYS B 114 -2.95 11.94 -20.61
CA LYS B 114 -3.68 12.48 -21.76
C LYS B 114 -3.05 13.78 -22.23
N GLN B 115 -2.26 14.43 -21.38
CA GLN B 115 -1.41 15.56 -21.77
C GLN B 115 -0.13 15.02 -22.39
N ALA B 116 0.21 15.52 -23.59
CA ALA B 116 1.40 15.00 -24.28
C ALA B 116 2.66 15.25 -23.46
N PHE B 117 2.66 16.31 -22.64
CA PHE B 117 3.82 16.70 -21.87
C PHE B 117 3.90 16.00 -20.51
N THR B 118 3.01 15.04 -20.24
CA THR B 118 3.01 14.27 -19.00
C THR B 118 3.23 12.80 -19.30
N ASP B 119 4.17 12.18 -18.59
CA ASP B 119 4.42 10.75 -18.73
C ASP B 119 3.71 9.93 -17.68
N VAL B 120 3.68 10.40 -16.44
N VAL B 120 3.66 10.43 -16.44
CA VAL B 120 3.10 9.67 -15.32
CA VAL B 120 3.15 9.70 -15.29
C VAL B 120 2.19 10.64 -14.58
C VAL B 120 2.24 10.63 -14.51
N ALA B 121 1.10 10.12 -14.06
CA ALA B 121 0.22 10.91 -13.22
C ALA B 121 0.85 10.98 -11.83
N THR B 122 0.78 12.16 -11.14
N THR B 122 0.82 12.19 -11.29
CA THR B 122 1.57 12.33 -9.90
CA THR B 122 1.11 12.42 -9.90
C THR B 122 0.83 12.93 -8.70
C THR B 122 -0.10 13.08 -9.26
N GLY B 123 -0.50 12.88 -8.65
N GLY B 123 0.03 13.36 -7.99
CA GLY B 123 -1.23 13.57 -7.58
CA GLY B 123 -1.11 13.81 -7.23
C GLY B 123 -1.02 13.01 -6.18
C GLY B 123 -1.19 12.97 -5.99
N SER B 124 -0.75 11.71 -6.06
CA SER B 124 -0.41 11.03 -4.82
C SER B 124 1.06 11.26 -4.56
N LEU B 125 1.35 12.02 -3.51
CA LEU B 125 2.71 12.51 -3.28
C LEU B 125 3.68 11.37 -3.00
N GLY B 126 4.92 11.63 -3.33
CA GLY B 126 6.02 10.76 -3.03
C GLY B 126 6.30 9.67 -4.04
N GLN B 127 5.64 9.70 -5.21
CA GLN B 127 5.80 8.67 -6.22
C GLN B 127 6.61 9.13 -7.42
N GLY B 128 6.74 10.43 -7.65
CA GLY B 128 7.36 10.86 -8.88
C GLY B 128 8.85 10.54 -8.96
N LEU B 129 9.55 10.57 -7.84
CA LEU B 129 10.98 10.28 -7.88
C LEU B 129 11.25 8.85 -8.29
N GLY B 130 10.41 7.91 -7.85
CA GLY B 130 10.56 6.53 -8.27
C GLY B 130 10.33 6.37 -9.76
N ALA B 131 9.30 7.03 -10.30
CA ALA B 131 9.12 7.02 -11.74
C ALA B 131 10.33 7.60 -12.45
N ALA B 132 10.85 8.71 -11.92
CA ALA B 132 12.02 9.36 -12.50
C ALA B 132 13.24 8.43 -12.47
N CYS B 133 13.41 7.68 -11.40
CA CYS B 133 14.48 6.69 -11.33
C CYS B 133 14.35 5.67 -12.45
N GLY B 134 13.12 5.21 -12.74
CA GLY B 134 12.94 4.27 -13.84
C GLY B 134 13.30 4.90 -15.18
N MET B 135 12.92 6.17 -15.39
CA MET B 135 13.30 6.89 -16.61
C MET B 135 14.81 7.04 -16.72
N ALA B 136 15.47 7.38 -15.61
CA ALA B 136 16.92 7.59 -15.63
C ALA B 136 17.66 6.26 -15.80
N TYR B 137 17.18 5.20 -15.13
CA TYR B 137 17.80 3.89 -15.32
C TYR B 137 17.70 3.47 -16.77
N THR B 138 16.52 3.66 -17.37
CA THR B 138 16.32 3.35 -18.77
C THR B 138 17.26 4.18 -19.65
N GLY B 139 17.35 5.47 -19.37
CA GLY B 139 18.23 6.31 -20.18
C GLY B 139 19.68 5.89 -20.12
N LYS B 140 20.16 5.52 -18.92
N LYS B 140 20.14 5.52 -18.93
CA LYS B 140 21.58 5.22 -18.75
CA LYS B 140 21.54 5.20 -18.70
C LYS B 140 21.93 3.79 -19.18
C LYS B 140 21.89 3.81 -19.21
N TYR B 141 21.06 2.82 -18.88
CA TYR B 141 21.42 1.41 -19.06
C TYR B 141 20.75 0.71 -20.23
N PHE B 142 19.58 1.18 -20.68
CA PHE B 142 18.85 0.52 -21.76
C PHE B 142 18.90 1.34 -23.04
N ASP B 143 18.39 2.57 -23.01
CA ASP B 143 18.51 3.45 -24.17
C ASP B 143 19.95 3.88 -24.39
N LYS B 144 20.75 3.99 -23.33
N LYS B 144 20.74 4.00 -23.34
CA LYS B 144 22.13 4.46 -23.43
CA LYS B 144 22.13 4.46 -23.44
C LYS B 144 22.20 5.79 -24.17
C LYS B 144 22.21 5.80 -24.17
N ALA B 145 21.30 6.70 -23.79
CA ALA B 145 21.12 7.98 -24.46
C ALA B 145 21.56 9.12 -23.56
N SER B 146 21.58 10.33 -24.13
N SER B 146 21.58 10.33 -24.13
CA SER B 146 22.11 11.49 -23.45
CA SER B 146 22.10 11.49 -23.42
C SER B 146 21.07 12.27 -22.64
C SER B 146 21.09 12.13 -22.49
N TYR B 147 19.80 11.88 -22.68
CA TYR B 147 18.79 12.64 -21.95
C TYR B 147 18.95 12.53 -20.44
N ARG B 148 18.64 13.62 -19.74
N ARG B 148 18.63 13.62 -19.76
CA ARG B 148 18.66 13.67 -18.30
CA ARG B 148 18.65 13.71 -18.31
C ARG B 148 17.23 13.73 -17.78
C ARG B 148 17.22 13.70 -17.78
N VAL B 149 17.09 13.47 -16.47
CA VAL B 149 15.79 13.35 -15.83
C VAL B 149 15.79 14.27 -14.62
N TYR B 150 14.80 15.15 -14.55
CA TYR B 150 14.66 16.15 -13.50
C TYR B 150 13.34 15.92 -12.79
N CYS B 151 13.36 15.89 -11.46
CA CYS B 151 12.16 15.59 -10.67
C CYS B 151 12.01 16.62 -9.57
N LEU B 152 10.89 17.35 -9.58
CA LEU B 152 10.60 18.40 -8.60
C LEU B 152 9.67 17.84 -7.52
N LEU B 153 10.11 17.92 -6.26
CA LEU B 153 9.38 17.42 -5.10
C LEU B 153 9.09 18.56 -4.14
N GLY B 154 8.02 18.38 -3.36
CA GLY B 154 7.77 19.26 -2.23
C GLY B 154 8.54 18.85 -0.99
N ASP B 155 8.50 19.70 0.06
CA ASP B 155 9.17 19.35 1.30
C ASP B 155 8.32 18.48 2.21
N GLY B 156 7.04 18.80 2.37
CA GLY B 156 6.16 17.86 3.08
C GLY B 156 6.19 16.49 2.43
N GLU B 157 6.23 16.48 1.11
CA GLU B 157 6.26 15.24 0.33
C GLU B 157 7.40 14.30 0.75
N LEU B 158 8.51 14.86 1.21
CA LEU B 158 9.66 14.07 1.59
C LEU B 158 9.43 13.24 2.84
N SER B 159 8.31 13.40 3.52
CA SER B 159 7.94 12.51 4.61
C SER B 159 7.52 11.14 4.11
N GLU B 160 7.21 10.98 2.82
CA GLU B 160 6.82 9.68 2.31
C GLU B 160 8.02 8.75 2.18
N GLY B 161 7.91 7.56 2.77
CA GLY B 161 9.00 6.60 2.73
C GLY B 161 9.39 6.22 1.33
N SER B 162 8.42 6.20 0.42
CA SER B 162 8.71 5.84 -0.96
C SER B 162 9.75 6.75 -1.57
N VAL B 163 9.80 8.02 -1.17
CA VAL B 163 10.84 8.92 -1.67
C VAL B 163 12.21 8.39 -1.33
N TRP B 164 12.38 7.92 -0.09
CA TRP B 164 13.68 7.49 0.38
C TRP B 164 14.09 6.15 -0.22
N GLU B 165 13.11 5.31 -0.57
CA GLU B 165 13.43 4.14 -1.39
C GLU B 165 14.05 4.56 -2.71
N ALA B 166 13.46 5.58 -3.34
CA ALA B 166 13.97 6.06 -4.62
C ALA B 166 15.34 6.70 -4.45
N MET B 167 15.52 7.48 -3.37
N MET B 167 15.56 7.42 -3.35
CA MET B 167 16.83 8.05 -3.09
CA MET B 167 16.86 8.04 -3.18
C MET B 167 17.89 6.95 -3.05
C MET B 167 17.96 7.00 -2.93
N ALA B 168 17.61 5.89 -2.29
CA ALA B 168 18.59 4.82 -2.13
C ALA B 168 18.81 4.08 -3.45
N PHE B 169 17.76 3.85 -4.23
CA PHE B 169 17.87 3.19 -5.52
C PHE B 169 18.81 3.97 -6.44
N ALA B 170 18.63 5.29 -6.49
CA ALA B 170 19.41 6.10 -7.42
C ALA B 170 20.89 6.05 -7.08
N SER B 171 21.22 6.01 -5.79
CA SER B 171 22.63 5.94 -5.42
C SER B 171 23.20 4.54 -5.67
N ILE B 172 22.43 3.49 -5.36
CA ILE B 172 22.87 2.13 -5.67
C ILE B 172 23.24 2.02 -7.15
N TYR B 173 22.35 2.52 -7.99
CA TYR B 173 22.44 2.36 -9.44
C TYR B 173 23.14 3.53 -10.13
N LYS B 174 23.77 4.41 -9.36
N LYS B 174 23.76 4.42 -9.35
CA LYS B 174 24.68 5.42 -9.92
CA LYS B 174 24.67 5.42 -9.91
C LYS B 174 23.99 6.24 -11.01
C LYS B 174 23.99 6.25 -10.99
N LEU B 175 22.80 6.75 -10.68
CA LEU B 175 21.99 7.51 -11.64
C LEU B 175 22.48 8.95 -11.70
N ASP B 176 23.63 9.13 -12.38
CA ASP B 176 24.24 10.44 -12.50
C ASP B 176 23.55 11.31 -13.53
N ASN B 177 22.54 10.79 -14.21
CA ASN B 177 21.68 11.53 -15.13
C ASN B 177 20.38 11.98 -14.48
N LEU B 178 20.27 11.85 -13.16
CA LEU B 178 19.06 12.19 -12.42
C LEU B 178 19.32 13.34 -11.46
N VAL B 179 18.41 14.31 -11.46
CA VAL B 179 18.46 15.45 -10.56
C VAL B 179 17.12 15.53 -9.85
N ALA B 180 17.15 15.59 -8.53
CA ALA B 180 15.97 15.88 -7.72
C ALA B 180 16.07 17.33 -7.26
N ILE B 181 15.00 18.08 -7.46
CA ILE B 181 14.93 19.45 -6.96
C ILE B 181 13.90 19.44 -5.85
N LEU B 182 14.32 19.87 -4.66
CA LEU B 182 13.47 19.86 -3.48
C LEU B 182 13.01 21.29 -3.22
N ASP B 183 11.70 21.53 -3.29
CA ASP B 183 11.12 22.85 -3.08
C ASP B 183 10.90 23.00 -1.57
N ILE B 184 11.94 23.47 -0.87
CA ILE B 184 11.89 23.57 0.59
C ILE B 184 11.26 24.91 0.90
N ASN B 185 9.93 24.95 0.81
CA ASN B 185 9.16 26.16 1.03
C ASN B 185 8.59 26.24 2.44
N ARG B 186 9.10 25.41 3.35
CA ARG B 186 8.88 25.46 4.80
C ARG B 186 7.56 24.83 5.23
N LEU B 187 6.55 24.81 4.34
CA LEU B 187 5.18 24.51 4.70
C LEU B 187 4.65 23.31 3.94
N GLY B 188 3.83 22.51 4.61
CA GLY B 188 3.02 21.51 3.99
C GLY B 188 1.60 22.03 3.81
N GLN B 189 0.63 21.13 3.93
CA GLN B 189 -0.76 21.50 3.70
C GLN B 189 -1.37 22.19 4.91
N SER B 190 -1.13 21.65 6.10
CA SER B 190 -1.89 22.05 7.29
C SER B 190 -1.01 22.54 8.41
N ASP B 191 0.28 22.67 8.21
CA ASP B 191 1.26 23.09 9.19
C ASP B 191 2.60 23.17 8.50
N PRO B 192 3.61 23.74 9.15
CA PRO B 192 4.98 23.66 8.62
C PRO B 192 5.41 22.21 8.43
N ALA B 193 6.21 21.99 7.40
CA ALA B 193 6.85 20.69 7.26
C ALA B 193 7.82 20.47 8.42
N PRO B 194 8.05 19.21 8.82
CA PRO B 194 8.84 18.97 10.04
C PRO B 194 10.14 19.74 10.13
N LEU B 195 10.95 19.75 9.09
CA LEU B 195 12.26 20.39 9.16
C LEU B 195 12.25 21.88 8.85
N GLN B 196 11.14 22.43 8.38
CA GLN B 196 11.02 23.85 8.06
C GLN B 196 12.20 24.28 7.20
N HIS B 197 12.95 25.32 7.58
CA HIS B 197 14.07 25.81 6.77
C HIS B 197 15.41 25.40 7.36
N GLN B 198 15.46 24.22 7.99
CA GLN B 198 16.71 23.64 8.47
C GLN B 198 17.41 22.96 7.29
N MET B 199 18.01 23.79 6.44
CA MET B 199 18.54 23.31 5.16
C MET B 199 19.66 22.31 5.37
N ASP B 200 20.44 22.47 6.44
N ASP B 200 20.43 22.50 6.44
CA ASP B 200 21.55 21.54 6.66
CA ASP B 200 21.55 21.62 6.76
C ASP B 200 21.06 20.13 6.93
C ASP B 200 21.10 20.19 7.05
N ILE B 201 19.93 19.98 7.62
N ILE B 201 19.84 20.06 7.62
CA ILE B 201 19.43 18.63 7.88
CA ILE B 201 19.39 18.70 7.88
C ILE B 201 19.00 17.96 6.58
C ILE B 201 19.00 17.99 6.59
N TYR B 202 18.32 18.71 5.70
CA TYR B 202 18.03 18.15 4.37
C TYR B 202 19.32 17.72 3.68
N GLN B 203 20.35 18.56 3.74
N GLN B 203 20.34 18.58 3.78
CA GLN B 203 21.61 18.21 3.09
CA GLN B 203 21.60 18.29 3.11
C GLN B 203 22.19 16.94 3.68
C GLN B 203 22.26 17.04 3.70
N LYS B 204 22.23 16.85 5.02
N LYS B 204 22.16 16.84 5.01
CA LYS B 204 22.80 15.66 5.64
CA LYS B 204 22.79 15.68 5.63
C LYS B 204 22.02 14.41 5.24
C LYS B 204 22.02 14.40 5.35
N ARG B 205 20.69 14.49 5.21
CA ARG B 205 19.90 13.32 4.86
C ARG B 205 20.16 12.89 3.42
N CYS B 206 20.18 13.84 2.50
CA CYS B 206 20.45 13.49 1.10
C CYS B 206 21.85 12.92 0.94
N GLU B 207 22.86 13.54 1.56
N GLU B 207 22.84 13.52 1.59
CA GLU B 207 24.22 13.03 1.46
CA GLU B 207 24.22 13.06 1.47
C GLU B 207 24.35 11.63 2.05
C GLU B 207 24.39 11.68 2.09
N ALA B 208 23.70 11.41 3.21
CA ALA B 208 23.80 10.11 3.84
C ALA B 208 23.24 9.02 2.94
N PHE B 209 22.29 9.35 2.09
CA PHE B 209 21.71 8.46 1.10
C PHE B 209 22.42 8.46 -0.23
N GLY B 210 23.61 9.07 -0.29
CA GLY B 210 24.49 8.90 -1.45
C GLY B 210 24.34 9.92 -2.55
N TRP B 211 23.60 11.00 -2.30
CA TRP B 211 23.40 12.03 -3.32
C TRP B 211 24.38 13.18 -3.11
N HIS B 212 24.78 13.78 -4.22
CA HIS B 212 25.48 15.05 -4.15
C HIS B 212 24.43 16.12 -3.88
N ALA B 213 24.57 16.84 -2.78
CA ALA B 213 23.50 17.70 -2.27
C ALA B 213 23.99 19.14 -2.22
N ILE B 214 23.28 20.02 -2.92
CA ILE B 214 23.64 21.43 -3.06
C ILE B 214 22.47 22.26 -2.55
N ILE B 215 22.73 23.08 -1.53
CA ILE B 215 21.73 24.03 -1.05
C ILE B 215 21.81 25.31 -1.88
N VAL B 216 20.67 25.78 -2.36
CA VAL B 216 20.58 27.00 -3.15
C VAL B 216 19.44 27.87 -2.61
N ASP B 217 19.54 29.17 -2.92
CA ASP B 217 18.41 30.09 -2.88
C ASP B 217 17.51 29.74 -4.06
N GLY B 218 16.35 29.13 -3.78
CA GLY B 218 15.47 28.69 -4.83
C GLY B 218 14.76 29.79 -5.58
N HIS B 219 14.95 31.03 -5.17
CA HIS B 219 14.44 32.18 -5.92
C HIS B 219 15.54 32.95 -6.64
N SER B 220 16.75 32.39 -6.70
CA SER B 220 17.85 32.97 -7.46
C SER B 220 18.01 32.21 -8.77
N VAL B 221 17.62 32.84 -9.88
CA VAL B 221 17.78 32.17 -11.17
C VAL B 221 19.25 31.86 -11.43
N GLU B 222 20.16 32.72 -11.00
CA GLU B 222 21.57 32.47 -11.27
C GLU B 222 22.07 31.26 -10.49
N GLU B 223 21.75 31.16 -9.20
CA GLU B 223 22.21 29.99 -8.44
C GLU B 223 21.61 28.72 -8.99
N LEU B 224 20.37 28.76 -9.45
CA LEU B 224 19.76 27.59 -10.04
C LEU B 224 20.45 27.18 -11.34
N CYS B 225 20.70 28.15 -12.25
CA CYS B 225 21.41 27.81 -13.48
C CYS B 225 22.73 27.13 -13.17
N LYS B 226 23.48 27.70 -12.21
CA LYS B 226 24.80 27.15 -11.88
C LYS B 226 24.68 25.75 -11.29
N ALA B 227 23.76 25.55 -10.35
CA ALA B 227 23.65 24.25 -9.71
C ALA B 227 23.22 23.18 -10.70
N PHE B 228 22.29 23.51 -11.60
CA PHE B 228 21.89 22.55 -12.63
C PHE B 228 22.96 22.35 -13.69
N GLY B 229 23.87 23.31 -13.86
CA GLY B 229 24.80 23.26 -14.97
C GLY B 229 25.99 22.34 -14.77
N GLN B 230 26.23 21.89 -13.55
CA GLN B 230 27.34 20.99 -13.24
C GLN B 230 26.83 19.54 -13.13
N ALA B 231 27.20 18.70 -14.10
CA ALA B 231 26.94 17.26 -13.99
C ALA B 231 27.84 16.66 -12.91
N LYS B 232 27.41 15.50 -12.37
CA LYS B 232 28.11 14.83 -11.29
C LYS B 232 28.22 13.35 -11.62
N HIS B 233 28.97 12.63 -10.79
CA HIS B 233 29.04 11.18 -10.89
C HIS B 233 28.01 10.51 -10.01
N GLN B 234 27.14 11.29 -9.37
CA GLN B 234 26.15 10.77 -8.46
C GLN B 234 24.82 11.41 -8.84
N PRO B 235 23.70 10.82 -8.43
CA PRO B 235 22.45 11.57 -8.46
C PRO B 235 22.62 12.84 -7.62
N THR B 236 22.01 13.93 -8.08
CA THR B 236 22.23 15.25 -7.50
C THR B 236 20.92 15.82 -6.97
N ALA B 237 20.95 16.26 -5.72
CA ALA B 237 19.80 16.89 -5.07
C ALA B 237 20.08 18.38 -4.95
N ILE B 238 19.23 19.17 -5.59
CA ILE B 238 19.27 20.62 -5.48
C ILE B 238 18.24 20.98 -4.42
N ILE B 239 18.74 21.44 -3.28
CA ILE B 239 17.93 21.64 -2.09
C ILE B 239 17.63 23.13 -2.04
N ALA B 240 16.44 23.51 -2.49
CA ALA B 240 16.12 24.90 -2.80
C ALA B 240 15.34 25.53 -1.66
N LYS B 241 15.94 26.52 -1.00
CA LYS B 241 15.23 27.27 0.02
C LYS B 241 14.31 28.26 -0.69
N THR B 242 13.01 28.11 -0.45
CA THR B 242 11.99 28.91 -1.10
C THR B 242 10.97 29.35 -0.06
N PHE B 243 10.08 30.23 -0.50
CA PHE B 243 8.94 30.66 0.31
C PHE B 243 7.64 30.30 -0.40
N LYS B 244 6.73 29.65 0.32
CA LYS B 244 5.45 29.28 -0.27
C LYS B 244 4.71 30.58 -0.61
N GLY B 245 4.07 30.60 -1.78
CA GLY B 245 3.43 31.85 -2.16
C GLY B 245 4.39 32.97 -2.54
N ARG B 246 5.65 32.65 -2.83
CA ARG B 246 6.65 33.65 -3.20
C ARG B 246 6.08 34.62 -4.22
N GLY B 247 6.19 35.91 -3.93
CA GLY B 247 5.78 36.94 -4.85
C GLY B 247 4.35 37.42 -4.66
N ILE B 248 3.58 36.77 -3.80
CA ILE B 248 2.21 37.17 -3.48
C ILE B 248 2.29 37.92 -2.16
N THR B 249 2.27 39.25 -2.24
N THR B 249 2.23 39.24 -2.24
CA THR B 249 2.39 40.08 -1.04
CA THR B 249 2.42 40.06 -1.05
C THR B 249 1.34 39.69 -0.03
C THR B 249 1.35 39.74 -0.02
N GLY B 250 1.79 39.53 1.22
CA GLY B 250 0.92 39.18 2.32
C GLY B 250 0.55 37.71 2.42
N VAL B 251 0.84 36.91 1.41
CA VAL B 251 0.59 35.47 1.43
C VAL B 251 1.90 34.70 1.51
N GLU B 252 2.97 35.27 0.99
CA GLU B 252 4.28 34.62 1.02
C GLU B 252 4.63 34.22 2.45
N ASP B 253 5.01 32.94 2.62
CA ASP B 253 5.49 32.39 3.88
C ASP B 253 4.42 32.25 4.94
N LYS B 254 3.15 32.31 4.59
N LYS B 254 3.16 32.29 4.56
CA LYS B 254 2.09 32.21 5.57
CA LYS B 254 2.04 32.22 5.48
C LYS B 254 1.35 30.89 5.49
C LYS B 254 1.39 30.84 5.47
N GLU B 255 0.93 30.43 6.64
CA GLU B 255 0.04 29.28 6.77
C GLU B 255 -1.35 29.66 6.28
N SER B 256 -2.20 28.64 6.17
N SER B 256 -2.20 28.65 6.16
CA SER B 256 -3.62 28.75 5.85
CA SER B 256 -3.61 28.81 5.85
C SER B 256 -3.89 29.04 4.38
C SER B 256 -3.87 29.17 4.40
N TRP B 257 -2.92 28.85 3.49
CA TRP B 257 -3.08 29.16 2.08
C TRP B 257 -2.86 27.96 1.16
N HIS B 258 -2.57 26.76 1.68
CA HIS B 258 -2.35 25.62 0.79
C HIS B 258 -3.66 25.27 0.11
N GLY B 259 -3.64 25.16 -1.23
CA GLY B 259 -4.83 24.77 -1.93
C GLY B 259 -5.94 25.79 -1.88
N LYS B 260 -5.62 27.06 -1.65
CA LYS B 260 -6.60 28.14 -1.61
C LYS B 260 -6.32 29.08 -2.76
N PRO B 261 -7.28 29.25 -3.67
N PRO B 261 -7.22 29.25 -3.73
CA PRO B 261 -7.11 30.20 -4.76
CA PRO B 261 -6.98 30.25 -4.76
C PRO B 261 -7.30 31.63 -4.27
C PRO B 261 -7.17 31.66 -4.22
N LEU B 262 -6.73 32.56 -4.99
N LEU B 262 -6.67 32.62 -4.97
CA LEU B 262 -6.96 33.96 -4.67
CA LEU B 262 -6.94 33.99 -4.63
C LEU B 262 -8.34 34.37 -5.19
C LEU B 262 -8.31 34.40 -5.18
N PRO B 263 -9.13 35.09 -4.40
CA PRO B 263 -10.37 35.65 -4.96
C PRO B 263 -10.04 36.63 -6.07
N LYS B 264 -11.03 36.84 -6.95
N LYS B 264 -11.01 36.81 -6.97
CA LYS B 264 -10.81 37.63 -8.16
CA LYS B 264 -10.81 37.65 -8.15
C LYS B 264 -10.26 39.03 -7.85
C LYS B 264 -10.20 39.00 -7.81
N ASN B 265 -10.79 39.72 -6.84
CA ASN B 265 -10.31 41.07 -6.55
C ASN B 265 -8.85 41.05 -6.15
N MET B 266 -8.46 40.04 -5.37
CA MET B 266 -7.10 39.93 -4.88
C MET B 266 -6.15 39.50 -5.99
N ALA B 267 -6.58 38.55 -6.82
CA ALA B 267 -5.78 38.15 -7.97
C ALA B 267 -5.44 39.33 -8.85
N GLU B 268 -6.43 40.21 -9.11
CA GLU B 268 -6.16 41.33 -9.98
C GLU B 268 -5.10 42.24 -9.40
N GLN B 269 -5.17 42.52 -8.10
CA GLN B 269 -4.22 43.41 -7.46
C GLN B 269 -2.82 42.78 -7.43
N ILE B 270 -2.74 41.50 -7.09
CA ILE B 270 -1.44 40.81 -7.02
C ILE B 270 -0.82 40.72 -8.39
N ILE B 271 -1.62 40.35 -9.40
CA ILE B 271 -1.10 40.22 -10.76
C ILE B 271 -0.53 41.55 -11.25
N GLN B 272 -1.21 42.66 -10.97
N GLN B 272 -1.14 42.69 -10.90
CA GLN B 272 -0.67 43.96 -11.33
CA GLN B 272 -0.52 43.94 -11.29
C GLN B 272 0.72 44.16 -10.75
C GLN B 272 0.80 44.19 -10.57
N GLU B 273 0.89 43.83 -9.47
N GLU B 273 0.91 43.77 -9.31
CA GLU B 273 2.19 44.00 -8.83
CA GLU B 273 2.18 43.89 -8.61
C GLU B 273 3.24 43.10 -9.47
C GLU B 273 3.27 43.05 -9.27
N ILE B 274 2.92 41.82 -9.67
CA ILE B 274 3.90 40.92 -10.28
C ILE B 274 4.27 41.43 -11.67
N TYR B 275 3.26 41.82 -12.47
N TYR B 275 3.27 41.85 -12.44
CA TYR B 275 3.54 42.35 -13.81
CA TYR B 275 3.51 42.34 -13.79
C TYR B 275 4.53 43.51 -13.75
C TYR B 275 4.43 43.56 -13.81
N SER B 276 4.39 44.37 -12.75
CA SER B 276 5.25 45.56 -12.67
C SER B 276 6.72 45.19 -12.52
N GLN B 277 7.03 43.95 -12.17
CA GLN B 277 8.39 43.50 -12.03
C GLN B 277 8.94 42.89 -13.31
N ILE B 278 8.11 42.71 -14.33
CA ILE B 278 8.55 42.07 -15.57
C ILE B 278 9.14 43.12 -16.51
N GLN B 279 10.36 42.89 -16.94
CA GLN B 279 11.05 43.88 -17.75
C GLN B 279 10.73 43.77 -19.23
N SER B 280 10.52 42.57 -19.75
CA SER B 280 10.27 42.38 -21.17
C SER B 280 9.27 41.26 -21.39
N LYS B 281 8.40 41.46 -22.38
CA LYS B 281 7.47 40.42 -22.80
C LYS B 281 8.12 39.36 -23.66
N LYS B 282 9.33 39.57 -24.18
CA LYS B 282 9.92 38.57 -25.07
C LYS B 282 10.18 37.28 -24.31
N LYS B 283 9.83 36.16 -24.94
CA LYS B 283 9.95 34.86 -24.34
C LYS B 283 11.24 34.19 -24.77
N ILE B 284 11.75 33.31 -23.92
CA ILE B 284 12.90 32.46 -24.23
C ILE B 284 12.41 31.26 -25.03
N LEU B 285 13.20 30.86 -26.02
CA LEU B 285 12.93 29.62 -26.76
C LEU B 285 13.60 28.42 -26.10
N ALA B 286 12.92 27.30 -26.13
CA ALA B 286 13.53 26.04 -25.73
C ALA B 286 14.64 25.65 -26.70
N THR B 287 15.53 24.78 -26.25
CA THR B 287 16.62 24.29 -27.08
C THR B 287 16.46 22.79 -27.27
N PRO B 288 16.56 22.28 -28.50
CA PRO B 288 16.25 20.87 -28.72
C PRO B 288 17.38 19.95 -28.30
N PRO B 289 17.10 18.65 -28.18
CA PRO B 289 18.07 17.70 -27.63
C PRO B 289 18.94 17.03 -28.69
N GLN B 290 19.99 16.39 -28.20
N GLN B 290 20.01 16.39 -28.20
CA GLN B 290 20.77 15.47 -29.04
CA GLN B 290 20.76 15.46 -29.02
C GLN B 290 19.96 14.19 -29.25
C GLN B 290 19.93 14.21 -29.25
N GLU B 291 19.79 13.79 -30.51
CA GLU B 291 18.88 12.69 -30.84
C GLU B 291 19.65 11.38 -30.90
N ASP B 292 19.94 10.83 -29.72
CA ASP B 292 20.70 9.59 -29.63
C ASP B 292 19.97 8.44 -28.94
N ALA B 293 18.66 8.57 -28.69
CA ALA B 293 17.91 7.42 -28.23
C ALA B 293 17.66 6.45 -29.38
N PRO B 294 17.74 5.14 -29.14
CA PRO B 294 17.60 4.17 -30.23
C PRO B 294 16.15 3.96 -30.64
N SER B 295 15.98 3.39 -31.83
N SER B 295 15.99 3.41 -31.84
CA SER B 295 14.66 3.00 -32.29
CA SER B 295 14.68 2.96 -32.27
C SER B 295 14.22 1.71 -31.58
C SER B 295 14.24 1.80 -31.39
N VAL B 296 12.92 1.62 -31.30
CA VAL B 296 12.34 0.55 -30.50
C VAL B 296 11.31 -0.17 -31.35
N ASP B 297 11.35 -1.51 -31.34
CA ASP B 297 10.41 -2.32 -32.10
C ASP B 297 9.18 -2.56 -31.23
N ILE B 298 8.03 -2.06 -31.67
CA ILE B 298 6.80 -2.15 -30.89
C ILE B 298 5.87 -3.25 -31.42
N ALA B 299 6.40 -4.20 -32.16
CA ALA B 299 5.58 -5.27 -32.72
C ALA B 299 5.13 -6.25 -31.62
N ASN B 300 4.14 -7.06 -31.98
CA ASN B 300 3.66 -8.10 -31.09
C ASN B 300 4.80 -9.02 -30.70
N ILE B 301 4.81 -9.46 -29.43
CA ILE B 301 5.85 -10.32 -28.87
C ILE B 301 5.33 -11.74 -28.85
N ARG B 302 6.13 -12.67 -29.38
N ARG B 302 6.09 -12.66 -29.43
CA ARG B 302 5.72 -14.06 -29.51
CA ARG B 302 5.68 -14.06 -29.51
C ARG B 302 6.78 -14.94 -28.86
C ARG B 302 6.75 -14.94 -28.93
N MET B 303 6.35 -15.89 -28.03
N MET B 303 6.35 -15.87 -28.06
CA MET B 303 7.28 -16.87 -27.50
CA MET B 303 7.29 -16.85 -27.53
C MET B 303 7.96 -17.60 -28.66
C MET B 303 7.98 -17.57 -28.68
N PRO B 304 9.26 -17.93 -28.53
CA PRO B 304 9.97 -18.60 -29.63
C PRO B 304 9.55 -20.05 -29.83
N SER B 305 8.76 -20.63 -28.94
CA SER B 305 8.32 -22.02 -29.06
C SER B 305 7.14 -22.22 -28.12
N LEU B 306 6.39 -23.29 -28.35
CA LEU B 306 5.29 -23.65 -27.46
C LEU B 306 5.85 -24.06 -26.10
N PRO B 307 5.02 -24.06 -25.06
CA PRO B 307 5.49 -24.57 -23.77
C PRO B 307 6.00 -25.99 -23.96
N SER B 308 7.01 -26.38 -23.18
N SER B 308 7.04 -26.30 -23.18
CA SER B 308 7.58 -27.71 -23.37
CA SER B 308 7.70 -27.59 -23.13
C SER B 308 7.19 -28.67 -22.24
C SER B 308 7.28 -28.27 -21.84
N TYR B 309 5.98 -28.49 -21.68
CA TYR B 309 5.47 -29.31 -20.61
C TYR B 309 4.66 -30.46 -21.18
N LYS B 310 4.54 -31.53 -20.40
N LYS B 310 4.50 -31.49 -20.37
CA LYS B 310 3.75 -32.69 -20.76
CA LYS B 310 3.77 -32.70 -20.73
C LYS B 310 2.66 -32.89 -19.72
C LYS B 310 2.66 -32.89 -19.71
N VAL B 311 1.46 -33.21 -20.19
CA VAL B 311 0.35 -33.47 -19.28
C VAL B 311 0.78 -34.51 -18.26
N GLY B 312 0.52 -34.23 -16.99
CA GLY B 312 0.90 -35.14 -15.93
C GLY B 312 2.16 -34.74 -15.18
N ASP B 313 3.08 -34.00 -15.84
N ASP B 313 3.07 -34.00 -15.81
CA ASP B 313 4.24 -33.43 -15.17
CA ASP B 313 4.24 -33.55 -15.09
C ASP B 313 3.75 -32.55 -14.02
C ASP B 313 3.83 -32.49 -14.08
N LYS B 314 4.56 -32.43 -12.97
CA LYS B 314 4.25 -31.53 -11.86
C LYS B 314 5.17 -30.32 -11.88
N ILE B 315 4.59 -29.13 -11.78
CA ILE B 315 5.39 -27.91 -11.62
C ILE B 315 4.51 -26.86 -10.95
N ALA B 316 5.11 -26.09 -10.07
CA ALA B 316 4.43 -24.96 -9.45
C ALA B 316 4.34 -23.81 -10.44
N THR B 317 3.23 -23.09 -10.44
CA THR B 317 3.13 -21.99 -11.39
C THR B 317 4.15 -20.89 -11.12
N ARG B 318 4.64 -20.75 -9.87
CA ARG B 318 5.71 -19.77 -9.65
C ARG B 318 6.96 -20.13 -10.45
N LYS B 319 7.30 -21.42 -10.52
N LYS B 319 7.29 -21.42 -10.55
CA LYS B 319 8.48 -21.80 -11.31
CA LYS B 319 8.47 -21.81 -11.30
C LYS B 319 8.20 -21.66 -12.80
C LYS B 319 8.22 -21.73 -12.80
N ALA B 320 7.02 -22.09 -13.25
CA ALA B 320 6.66 -21.90 -14.65
C ALA B 320 6.73 -20.43 -15.04
N TYR B 321 6.38 -19.51 -14.13
CA TYR B 321 6.52 -18.09 -14.44
C TYR B 321 7.95 -17.74 -14.77
N GLY B 322 8.90 -18.14 -13.90
CA GLY B 322 10.28 -17.79 -14.14
C GLY B 322 10.80 -18.37 -15.44
N GLN B 323 10.44 -19.62 -15.72
CA GLN B 323 10.83 -20.24 -16.98
C GLN B 323 10.24 -19.51 -18.18
N ALA B 324 8.95 -19.15 -18.10
CA ALA B 324 8.28 -18.45 -19.20
C ALA B 324 8.86 -17.07 -19.42
N LEU B 325 9.16 -16.36 -18.34
CA LEU B 325 9.72 -15.01 -18.45
C LEU B 325 11.09 -15.06 -19.08
N ALA B 326 11.93 -16.01 -18.66
CA ALA B 326 13.24 -16.15 -19.29
C ALA B 326 13.09 -16.46 -20.77
N LYS B 327 12.14 -17.32 -21.12
N LYS B 327 12.13 -17.30 -21.11
CA LYS B 327 11.93 -17.63 -22.54
CA LYS B 327 11.90 -17.65 -22.51
C LYS B 327 11.48 -16.39 -23.30
C LYS B 327 11.44 -16.43 -23.31
N LEU B 328 10.53 -15.65 -22.75
CA LEU B 328 10.05 -14.44 -23.39
C LEU B 328 11.19 -13.45 -23.62
N GLY B 329 12.16 -13.39 -22.70
CA GLY B 329 13.27 -12.48 -22.87
C GLY B 329 14.11 -12.75 -24.10
N HIS B 330 14.08 -13.99 -24.59
CA HIS B 330 14.77 -14.31 -25.82
C HIS B 330 13.97 -13.88 -27.05
N ALA B 331 12.69 -13.56 -26.88
CA ALA B 331 11.85 -13.17 -28.00
C ALA B 331 11.76 -11.66 -28.18
N SER B 332 12.08 -10.88 -27.17
CA SER B 332 11.95 -9.44 -27.25
C SER B 332 13.03 -8.78 -26.41
N ASP B 333 13.69 -7.80 -27.01
CA ASP B 333 14.68 -7.00 -26.33
C ASP B 333 14.08 -6.02 -25.34
N ARG B 334 12.76 -5.84 -25.36
N ARG B 334 12.76 -5.84 -25.36
CA ARG B 334 12.12 -4.85 -24.50
CA ARG B 334 12.09 -4.86 -24.52
C ARG B 334 11.74 -5.44 -23.14
C ARG B 334 11.72 -5.43 -23.15
N ILE B 335 11.75 -6.75 -22.97
CA ILE B 335 11.36 -7.35 -21.70
C ILE B 335 12.41 -7.04 -20.64
N ILE B 336 11.98 -6.49 -19.53
CA ILE B 336 12.83 -6.34 -18.35
C ILE B 336 12.11 -6.95 -17.16
N ALA B 337 12.89 -7.41 -16.19
CA ALA B 337 12.37 -8.05 -14.99
C ALA B 337 12.86 -7.28 -13.78
N LEU B 338 11.97 -7.08 -12.81
CA LEU B 338 12.25 -6.39 -11.56
C LEU B 338 11.75 -7.27 -10.43
N ASP B 339 12.48 -7.29 -9.32
CA ASP B 339 12.08 -8.10 -8.19
C ASP B 339 12.61 -7.46 -6.91
N GLY B 340 11.90 -7.68 -5.81
CA GLY B 340 12.23 -7.11 -4.52
C GLY B 340 12.85 -8.08 -3.54
N ASP B 341 14.07 -8.53 -3.85
CA ASP B 341 14.83 -9.47 -3.02
C ASP B 341 14.10 -10.78 -2.79
N THR B 342 13.24 -11.16 -3.75
CA THR B 342 12.53 -12.43 -3.68
C THR B 342 12.76 -13.30 -4.93
N LYS B 343 13.82 -13.05 -5.69
CA LYS B 343 13.98 -13.70 -6.99
C LYS B 343 14.11 -15.22 -6.88
N ASN B 344 14.61 -15.73 -5.76
CA ASN B 344 14.71 -17.18 -5.58
C ASN B 344 13.38 -17.82 -5.20
N SER B 345 12.41 -17.03 -4.76
CA SER B 345 11.08 -17.49 -4.41
C SER B 345 10.07 -17.32 -5.53
N THR B 346 10.16 -16.22 -6.27
CA THR B 346 9.28 -16.00 -7.40
C THR B 346 9.80 -16.67 -8.67
N PHE B 347 11.07 -17.06 -8.68
CA PHE B 347 11.79 -17.66 -9.82
C PHE B 347 12.12 -16.65 -10.91
N SER B 348 11.99 -15.35 -10.62
CA SER B 348 12.56 -14.38 -11.54
C SER B 348 14.07 -14.54 -11.66
N GLU B 349 14.70 -15.25 -10.73
CA GLU B 349 16.13 -15.53 -10.85
C GLU B 349 16.46 -16.24 -12.15
N ILE B 350 15.50 -16.98 -12.72
CA ILE B 350 15.76 -17.68 -13.98
C ILE B 350 16.00 -16.66 -15.10
N PHE B 351 15.20 -15.60 -15.12
CA PHE B 351 15.42 -14.51 -16.06
C PHE B 351 16.75 -13.81 -15.79
N LYS B 352 17.06 -13.56 -14.52
CA LYS B 352 18.33 -12.90 -14.19
C LYS B 352 19.51 -13.70 -14.74
N LYS B 353 19.47 -15.03 -14.62
N LYS B 353 19.46 -15.03 -14.63
CA LYS B 353 20.59 -15.85 -15.08
CA LYS B 353 20.59 -15.83 -15.08
C LYS B 353 20.77 -15.72 -16.58
C LYS B 353 20.77 -15.72 -16.59
N GLU B 354 19.67 -15.70 -17.33
CA GLU B 354 19.72 -15.70 -18.79
C GLU B 354 19.88 -14.31 -19.39
N HIS B 355 19.35 -13.27 -18.74
CA HIS B 355 19.33 -11.91 -19.26
C HIS B 355 19.71 -10.93 -18.15
N PRO B 356 20.91 -11.07 -17.59
CA PRO B 356 21.24 -10.29 -16.38
C PRO B 356 21.21 -8.80 -16.60
N ASP B 357 21.55 -8.34 -17.81
CA ASP B 357 21.56 -6.91 -18.09
C ASP B 357 20.16 -6.30 -18.09
N ARG B 358 19.12 -7.12 -18.13
CA ARG B 358 17.74 -6.63 -18.16
C ARG B 358 16.96 -6.98 -16.89
N PHE B 359 17.66 -7.42 -15.84
CA PHE B 359 17.08 -7.65 -14.52
C PHE B 359 17.46 -6.49 -13.60
N ILE B 360 16.48 -5.97 -12.87
CA ILE B 360 16.70 -4.88 -11.91
C ILE B 360 16.35 -5.38 -10.50
N GLU B 361 17.38 -5.56 -9.67
CA GLU B 361 17.17 -5.87 -8.26
C GLU B 361 16.70 -4.59 -7.56
N CYS B 362 15.48 -4.65 -7.04
CA CYS B 362 14.89 -3.48 -6.40
C CYS B 362 14.96 -3.53 -4.89
N TYR B 363 15.45 -4.63 -4.33
CA TYR B 363 15.57 -4.80 -2.87
C TYR B 363 14.20 -4.75 -2.21
N ILE B 364 14.15 -4.67 -0.88
CA ILE B 364 12.89 -4.89 -0.16
C ILE B 364 12.17 -3.55 -0.10
N ALA B 365 11.57 -3.19 -1.24
CA ALA B 365 11.05 -1.84 -1.49
C ALA B 365 10.04 -1.94 -2.63
N GLU B 366 8.86 -2.50 -2.31
CA GLU B 366 7.86 -2.80 -3.33
C GLU B 366 7.24 -1.54 -3.93
N GLN B 367 7.04 -0.48 -3.13
N GLN B 367 7.00 -0.51 -3.12
CA GLN B 367 6.49 0.76 -3.66
CA GLN B 367 6.54 0.77 -3.63
C GLN B 367 7.40 1.31 -4.76
C GLN B 367 7.41 1.22 -4.77
N ASN B 368 8.69 1.40 -4.48
CA ASN B 368 9.61 1.90 -5.46
C ASN B 368 9.68 0.98 -6.67
N MET B 369 9.66 -0.34 -6.45
CA MET B 369 9.73 -1.27 -7.57
C MET B 369 8.63 -0.98 -8.59
N VAL B 370 7.39 -0.81 -8.12
CA VAL B 370 6.31 -0.53 -9.05
C VAL B 370 6.55 0.79 -9.79
N SER B 371 6.98 1.81 -9.06
CA SER B 371 7.24 3.10 -9.70
C SER B 371 8.37 3.02 -10.72
N ILE B 372 9.43 2.26 -10.42
N ILE B 372 9.41 2.24 -10.44
CA ILE B 372 10.50 2.04 -11.38
CA ILE B 372 10.49 2.09 -11.42
C ILE B 372 9.90 1.47 -12.66
C ILE B 372 9.94 1.43 -12.68
N ALA B 373 9.09 0.42 -12.51
CA ALA B 373 8.49 -0.23 -13.67
C ALA B 373 7.68 0.76 -14.48
N VAL B 374 6.85 1.57 -13.82
CA VAL B 374 6.07 2.59 -14.53
C VAL B 374 6.99 3.51 -15.32
N GLY B 375 8.07 3.97 -14.68
CA GLY B 375 9.01 4.85 -15.38
C GLY B 375 9.65 4.18 -16.59
N CYS B 376 10.05 2.92 -16.45
CA CYS B 376 10.66 2.19 -17.57
C CYS B 376 9.68 2.01 -18.74
N ALA B 377 8.38 1.89 -18.45
CA ALA B 377 7.38 1.70 -19.49
C ALA B 377 6.99 3.00 -20.18
N THR B 378 7.36 4.16 -19.62
CA THR B 378 6.98 5.42 -20.27
C THR B 378 7.62 5.52 -21.65
N ARG B 379 6.90 6.20 -22.52
CA ARG B 379 7.30 6.37 -23.92
C ARG B 379 7.52 5.02 -24.61
N ASN B 380 6.89 3.97 -24.07
CA ASN B 380 6.96 2.61 -24.60
C ASN B 380 8.38 2.07 -24.71
N ARG B 381 9.29 2.51 -23.85
CA ARG B 381 10.68 2.07 -24.00
C ARG B 381 10.86 0.62 -23.59
N GLU B 382 10.27 0.19 -22.47
CA GLU B 382 10.48 -1.15 -21.95
C GLU B 382 9.13 -1.80 -21.67
N VAL B 383 9.16 -3.14 -21.57
CA VAL B 383 8.01 -3.97 -21.20
C VAL B 383 8.34 -4.64 -19.87
N PRO B 384 7.96 -4.05 -18.74
CA PRO B 384 8.44 -4.56 -17.45
C PRO B 384 7.53 -5.61 -16.83
N PHE B 385 8.20 -6.58 -16.19
CA PHE B 385 7.55 -7.60 -15.37
C PHE B 385 8.17 -7.51 -13.98
N CYS B 386 7.40 -7.02 -13.01
N CYS B 386 7.41 -7.04 -13.00
CA CYS B 386 7.80 -6.99 -11.60
CA CYS B 386 7.91 -6.98 -11.63
C CYS B 386 7.28 -8.21 -10.88
C CYS B 386 7.25 -8.05 -10.77
N SER B 387 8.03 -8.64 -9.88
CA SER B 387 7.58 -9.77 -9.07
C SER B 387 8.01 -9.66 -7.62
N THR B 388 7.15 -10.23 -6.78
CA THR B 388 7.34 -10.42 -5.35
C THR B 388 6.25 -11.39 -4.92
N PHE B 389 6.12 -11.64 -3.62
CA PHE B 389 4.96 -12.38 -3.15
C PHE B 389 3.74 -11.50 -3.36
N ALA B 390 2.63 -12.10 -3.83
CA ALA B 390 1.41 -11.32 -4.06
C ALA B 390 1.00 -10.51 -2.83
N ALA B 391 1.21 -11.06 -1.63
CA ALA B 391 0.83 -10.35 -0.42
C ALA B 391 1.53 -9.00 -0.32
N PHE B 392 2.78 -8.93 -0.78
CA PHE B 392 3.56 -7.70 -0.66
C PHE B 392 3.27 -6.70 -1.75
N PHE B 393 2.51 -7.08 -2.79
CA PHE B 393 1.98 -6.04 -3.66
C PHE B 393 0.97 -5.15 -2.95
N THR B 394 0.39 -5.58 -1.82
CA THR B 394 -0.45 -4.66 -1.06
C THR B 394 0.32 -3.46 -0.53
N ARG B 395 1.64 -3.60 -0.37
N ARG B 395 1.63 -3.61 -0.32
CA ARG B 395 2.51 -2.51 0.06
CA ARG B 395 2.47 -2.48 0.07
C ARG B 395 2.62 -1.44 -1.01
C ARG B 395 2.44 -1.40 -0.99
N ALA B 396 2.28 -1.78 -2.25
CA ALA B 396 2.39 -0.89 -3.39
C ALA B 396 1.05 -0.52 -4.02
N PHE B 397 -0.05 -0.70 -3.31
CA PHE B 397 -1.35 -0.48 -3.93
C PHE B 397 -1.51 0.94 -4.46
N ASP B 398 -1.05 1.96 -3.72
CA ASP B 398 -1.20 3.34 -4.22
C ASP B 398 -0.37 3.56 -5.49
N GLN B 399 0.81 2.95 -5.57
CA GLN B 399 1.59 3.03 -6.80
C GLN B 399 0.88 2.34 -7.96
N ILE B 400 0.24 1.20 -7.68
CA ILE B 400 -0.51 0.48 -8.71
C ILE B 400 -1.74 1.29 -9.14
N ARG B 401 -2.45 1.83 -8.16
CA ARG B 401 -3.59 2.71 -8.42
C ARG B 401 -3.18 3.87 -9.32
N MET B 402 -2.08 4.53 -8.98
CA MET B 402 -1.59 5.65 -9.78
C MET B 402 -1.04 5.18 -11.12
N ALA B 403 -0.57 3.93 -11.20
CA ALA B 403 -0.11 3.40 -12.49
C ALA B 403 -1.27 3.33 -13.49
N ALA B 404 -2.46 2.97 -13.01
CA ALA B 404 -3.64 2.96 -13.89
C ALA B 404 -4.04 4.38 -14.26
N ILE B 405 -3.97 5.31 -13.33
CA ILE B 405 -4.21 6.71 -13.66
C ILE B 405 -3.18 7.23 -14.65
N SER B 406 -1.97 6.67 -14.63
CA SER B 406 -0.89 6.96 -15.55
C SER B 406 -1.02 6.19 -16.85
N GLU B 407 -2.10 5.44 -17.04
CA GLU B 407 -2.31 4.67 -18.28
C GLU B 407 -1.09 3.82 -18.60
N SER B 408 -0.50 3.25 -17.56
CA SER B 408 0.77 2.56 -17.69
C SER B 408 0.56 1.10 -18.07
N ASN B 409 1.47 0.59 -18.90
CA ASN B 409 1.48 -0.83 -19.29
C ASN B 409 2.59 -1.52 -18.51
N ILE B 410 2.26 -2.01 -17.32
CA ILE B 410 3.21 -2.79 -16.54
C ILE B 410 2.59 -4.13 -16.23
N ASN B 411 3.46 -5.10 -15.97
CA ASN B 411 3.08 -6.47 -15.68
C ASN B 411 3.62 -6.82 -14.30
N LEU B 412 2.78 -7.41 -13.47
N LEU B 412 2.76 -7.37 -13.47
CA LEU B 412 3.08 -7.69 -12.07
CA LEU B 412 3.09 -7.71 -12.09
C LEU B 412 2.73 -9.14 -11.78
C LEU B 412 2.77 -9.18 -11.90
N CYS B 413 3.71 -9.92 -11.31
CA CYS B 413 3.50 -11.32 -10.99
C CYS B 413 3.70 -11.47 -9.50
N GLY B 414 2.63 -11.87 -8.81
CA GLY B 414 2.70 -12.09 -7.39
C GLY B 414 2.58 -13.55 -7.07
N SER B 415 3.57 -14.09 -6.37
N SER B 415 3.57 -14.07 -6.36
CA SER B 415 3.64 -15.51 -6.07
CA SER B 415 3.69 -15.49 -6.05
C SER B 415 3.02 -15.80 -4.70
C SER B 415 3.14 -15.77 -4.65
N HIS B 416 3.07 -17.05 -4.30
CA HIS B 416 2.77 -17.44 -2.92
C HIS B 416 1.35 -17.03 -2.52
N CYS B 417 0.42 -17.21 -3.44
CA CYS B 417 -0.94 -16.83 -3.12
C CYS B 417 -1.63 -17.84 -2.22
N GLY B 418 -2.49 -17.33 -1.35
CA GLY B 418 -3.38 -18.18 -0.59
C GLY B 418 -2.75 -18.91 0.59
N VAL B 419 -3.61 -19.69 1.25
CA VAL B 419 -3.17 -20.54 2.35
C VAL B 419 -2.31 -21.70 1.88
N SER B 420 -2.33 -22.01 0.57
CA SER B 420 -1.63 -23.21 0.12
C SER B 420 -0.11 -23.06 0.22
N ILE B 421 0.43 -21.89 0.58
CA ILE B 421 1.85 -21.81 0.88
C ILE B 421 2.23 -22.59 2.12
N GLY B 422 1.30 -22.80 3.04
CA GLY B 422 1.59 -23.57 4.24
C GLY B 422 2.23 -22.82 5.38
N GLU B 423 3.45 -23.22 5.72
CA GLU B 423 3.96 -23.02 7.07
C GLU B 423 4.32 -21.57 7.41
N ASP B 424 4.60 -20.72 6.43
CA ASP B 424 4.98 -19.35 6.77
C ASP B 424 3.86 -18.62 7.50
N GLY B 425 2.59 -18.97 7.26
CA GLY B 425 1.50 -18.27 7.90
C GLY B 425 1.03 -17.03 7.15
N PRO B 426 0.05 -16.33 7.74
CA PRO B 426 -0.76 -15.37 6.97
C PRO B 426 -0.01 -14.14 6.52
N SER B 427 1.05 -13.73 7.21
CA SER B 427 1.78 -12.56 6.76
C SER B 427 2.26 -12.70 5.32
N GLN B 428 2.50 -13.93 4.87
N GLN B 428 2.52 -13.93 4.87
CA GLN B 428 2.99 -14.17 3.51
CA GLN B 428 3.01 -14.19 3.53
C GLN B 428 1.89 -14.58 2.54
C GLN B 428 1.92 -14.66 2.58
N MET B 429 0.67 -14.80 3.04
CA MET B 429 -0.42 -15.36 2.25
C MET B 429 -1.23 -14.27 1.57
N ALA B 430 -1.25 -14.25 0.24
CA ALA B 430 -2.08 -13.29 -0.45
C ALA B 430 -3.52 -13.81 -0.47
N LEU B 431 -4.41 -13.06 0.16
CA LEU B 431 -5.81 -13.43 0.29
C LEU B 431 -6.74 -12.30 -0.09
N GLU B 432 -6.20 -11.19 -0.57
CA GLU B 432 -6.90 -9.98 -0.91
C GLU B 432 -6.39 -9.39 -2.23
N ASP B 433 -5.48 -10.09 -2.90
CA ASP B 433 -4.87 -9.58 -4.12
C ASP B 433 -5.83 -9.61 -5.30
N LEU B 434 -6.78 -10.54 -5.35
CA LEU B 434 -7.78 -10.50 -6.40
C LEU B 434 -8.69 -9.30 -6.20
N ALA B 435 -9.10 -9.04 -4.95
CA ALA B 435 -9.90 -7.85 -4.66
C ALA B 435 -9.13 -6.60 -5.09
N MET B 436 -7.87 -6.53 -4.67
CA MET B 436 -7.05 -5.37 -4.97
C MET B 436 -6.90 -5.14 -6.47
N PHE B 437 -6.43 -6.16 -7.20
CA PHE B 437 -6.18 -5.94 -8.63
C PHE B 437 -7.46 -5.79 -9.43
N ARG B 438 -8.56 -6.47 -9.02
CA ARG B 438 -9.83 -6.28 -9.72
C ARG B 438 -10.32 -4.84 -9.61
N SER B 439 -10.00 -4.15 -8.51
CA SER B 439 -10.43 -2.76 -8.32
C SER B 439 -9.53 -1.74 -9.03
N VAL B 440 -8.52 -2.19 -9.76
CA VAL B 440 -7.69 -1.31 -10.57
C VAL B 440 -8.30 -1.27 -11.97
N PRO B 441 -8.70 -0.09 -12.48
N PRO B 441 -8.78 -0.13 -12.46
CA PRO B 441 -9.15 0.02 -13.86
CA PRO B 441 -9.74 -0.16 -13.58
C PRO B 441 -8.02 -0.31 -14.81
C PRO B 441 -9.17 -0.67 -14.89
N THR B 442 -8.40 -0.85 -15.96
N THR B 442 -7.86 -0.56 -15.12
CA THR B 442 -7.45 -1.36 -16.93
CA THR B 442 -7.26 -1.00 -16.38
C THR B 442 -6.68 -2.57 -16.40
C THR B 442 -6.73 -2.42 -16.31
N SER B 443 -7.05 -3.16 -15.27
CA SER B 443 -6.37 -4.41 -14.97
C SER B 443 -6.91 -5.57 -15.78
N THR B 444 -6.00 -6.53 -16.04
CA THR B 444 -6.30 -7.86 -16.51
C THR B 444 -5.69 -8.79 -15.48
N VAL B 445 -6.50 -9.69 -14.93
CA VAL B 445 -6.09 -10.53 -13.82
C VAL B 445 -6.03 -11.98 -14.31
N PHE B 446 -4.82 -12.49 -14.48
CA PHE B 446 -4.57 -13.85 -14.90
C PHE B 446 -4.35 -14.70 -13.66
N TYR B 447 -4.98 -15.88 -13.61
CA TYR B 447 -4.78 -16.81 -12.50
C TYR B 447 -4.52 -18.17 -13.14
N PRO B 448 -3.30 -18.40 -13.59
CA PRO B 448 -2.99 -19.63 -14.30
C PRO B 448 -2.99 -20.84 -13.38
N SER B 449 -3.56 -21.94 -13.86
CA SER B 449 -3.73 -23.10 -13.01
C SER B 449 -2.67 -24.16 -13.20
N ASP B 450 -1.87 -24.09 -14.26
CA ASP B 450 -0.77 -25.03 -14.46
C ASP B 450 0.33 -24.31 -15.21
N GLY B 451 1.41 -25.04 -15.47
CA GLY B 451 2.57 -24.44 -16.12
C GLY B 451 2.29 -23.95 -17.53
N VAL B 452 1.47 -24.69 -18.29
CA VAL B 452 1.11 -24.27 -19.63
C VAL B 452 0.36 -22.94 -19.60
N ALA B 453 -0.70 -22.89 -18.79
CA ALA B 453 -1.47 -21.66 -18.66
C ALA B 453 -0.60 -20.51 -18.18
N THR B 454 0.41 -20.80 -17.35
CA THR B 454 1.28 -19.73 -16.87
C THR B 454 2.10 -19.15 -18.00
N GLU B 455 2.71 -20.01 -18.83
CA GLU B 455 3.49 -19.53 -19.97
C GLU B 455 2.62 -18.75 -20.93
N LYS B 456 1.40 -19.22 -21.18
CA LYS B 456 0.50 -18.49 -22.08
C LYS B 456 0.09 -17.15 -21.48
N ALA B 457 -0.11 -17.11 -20.16
CA ALA B 457 -0.45 -15.86 -19.49
C ALA B 457 0.68 -14.84 -19.60
N VAL B 458 1.93 -15.29 -19.44
CA VAL B 458 3.08 -14.39 -19.59
C VAL B 458 3.11 -13.78 -20.98
N GLU B 459 2.94 -14.62 -22.00
CA GLU B 459 2.93 -14.13 -23.38
C GLU B 459 1.78 -13.16 -23.62
N LEU B 460 0.56 -13.54 -23.22
CA LEU B 460 -0.57 -12.63 -23.39
C LEU B 460 -0.35 -11.33 -22.65
N ALA B 461 0.13 -11.40 -21.39
CA ALA B 461 0.35 -10.19 -20.62
C ALA B 461 1.29 -9.24 -21.33
N ALA B 462 2.38 -9.78 -21.91
CA ALA B 462 3.35 -8.94 -22.59
C ALA B 462 2.69 -8.07 -23.66
N ASN B 463 1.68 -8.61 -24.33
CA ASN B 463 1.00 -7.94 -25.42
C ASN B 463 -0.31 -7.27 -25.03
N THR B 464 -0.62 -7.20 -23.74
CA THR B 464 -1.87 -6.63 -23.28
C THR B 464 -1.60 -5.29 -22.59
N LYS B 465 -2.35 -4.27 -22.98
N LYS B 465 -2.36 -4.27 -22.96
CA LYS B 465 -2.25 -2.96 -22.34
CA LYS B 465 -2.22 -2.96 -22.35
C LYS B 465 -2.84 -3.00 -20.94
C LYS B 465 -2.90 -2.94 -20.98
N GLY B 466 -2.45 -2.03 -20.13
CA GLY B 466 -3.02 -1.86 -18.80
C GLY B 466 -2.18 -2.52 -17.73
N ILE B 467 -2.78 -2.64 -16.54
CA ILE B 467 -2.12 -3.26 -15.40
C ILE B 467 -2.39 -4.77 -15.44
N CYS B 468 -1.41 -5.54 -15.88
CA CYS B 468 -1.58 -7.00 -15.93
C CYS B 468 -1.03 -7.62 -14.67
N PHE B 469 -1.85 -8.44 -14.01
CA PHE B 469 -1.44 -9.19 -12.82
C PHE B 469 -1.52 -10.68 -13.12
N ILE B 470 -0.47 -11.41 -12.74
CA ILE B 470 -0.40 -12.86 -12.85
C ILE B 470 -0.22 -13.40 -11.44
N ARG B 471 -1.21 -14.19 -10.98
CA ARG B 471 -1.21 -14.76 -9.64
C ARG B 471 -0.61 -16.16 -9.72
N THR B 472 0.56 -16.35 -9.11
CA THR B 472 1.22 -17.64 -9.12
C THR B 472 1.18 -18.29 -7.73
N SER B 473 1.51 -19.57 -7.72
CA SER B 473 1.24 -20.44 -6.58
C SER B 473 2.45 -21.30 -6.24
N ARG B 474 2.48 -21.76 -4.97
CA ARG B 474 3.57 -22.59 -4.48
C ARG B 474 3.42 -24.10 -4.69
N PRO B 475 2.22 -24.70 -4.55
CA PRO B 475 2.13 -26.16 -4.73
C PRO B 475 2.53 -26.58 -6.14
N GLU B 476 3.08 -27.80 -6.23
N GLU B 476 3.31 -27.65 -6.22
CA GLU B 476 3.51 -28.40 -7.50
CA GLU B 476 3.48 -28.33 -7.49
C GLU B 476 2.41 -29.28 -8.10
C GLU B 476 2.18 -29.05 -7.78
N ASN B 477 1.51 -28.63 -8.84
CA ASN B 477 0.34 -29.35 -9.34
C ASN B 477 0.62 -29.87 -10.76
N ALA B 478 -0.21 -30.80 -11.18
CA ALA B 478 -0.02 -31.43 -12.48
C ALA B 478 -0.33 -30.48 -13.64
N ILE B 479 0.40 -30.69 -14.74
CA ILE B 479 0.01 -30.08 -16.02
C ILE B 479 -1.26 -30.76 -16.47
N ILE B 480 -2.27 -29.97 -16.82
CA ILE B 480 -3.52 -30.50 -17.34
C ILE B 480 -3.79 -30.10 -18.77
N TYR B 481 -3.12 -29.08 -19.29
CA TYR B 481 -3.34 -28.63 -20.66
C TYR B 481 -2.26 -29.19 -21.56
N ASN B 482 -2.66 -29.67 -22.73
CA ASN B 482 -1.69 -29.95 -23.76
C ASN B 482 -1.00 -28.64 -24.15
N ASN B 483 0.26 -28.74 -24.58
N ASN B 483 0.28 -28.72 -24.53
CA ASN B 483 1.08 -27.56 -24.86
CA ASN B 483 1.04 -27.49 -24.74
C ASN B 483 0.46 -26.70 -25.97
C ASN B 483 0.64 -26.75 -26.00
N ASN B 484 -0.33 -27.31 -26.85
N ASN B 484 -0.32 -27.26 -26.77
CA ASN B 484 -0.90 -26.63 -28.00
CA ASN B 484 -0.84 -26.59 -27.95
C ASN B 484 -2.29 -26.06 -27.73
C ASN B 484 -2.12 -25.79 -27.66
N GLU B 485 -2.67 -25.91 -26.47
CA GLU B 485 -3.93 -25.27 -26.14
C GLU B 485 -3.84 -23.76 -26.36
N ASP B 486 -4.85 -23.21 -27.01
CA ASP B 486 -4.92 -21.77 -27.27
C ASP B 486 -5.59 -21.06 -26.10
N PHE B 487 -4.96 -20.00 -25.63
CA PHE B 487 -5.49 -19.20 -24.53
C PHE B 487 -5.69 -17.76 -24.97
N GLN B 488 -6.72 -17.12 -24.42
CA GLN B 488 -7.05 -15.73 -24.72
C GLN B 488 -7.57 -15.04 -23.47
N VAL B 489 -7.28 -13.74 -23.36
CA VAL B 489 -7.86 -12.92 -22.31
C VAL B 489 -9.38 -13.03 -22.38
N GLY B 490 -10.00 -13.28 -21.24
CA GLY B 490 -11.44 -13.35 -21.16
C GLY B 490 -12.06 -14.64 -21.61
N GLN B 491 -11.26 -15.68 -21.87
CA GLN B 491 -11.77 -16.97 -22.31
C GLN B 491 -11.40 -18.03 -21.27
N ALA B 492 -12.42 -18.64 -20.67
CA ALA B 492 -12.22 -19.70 -19.69
C ALA B 492 -12.11 -21.04 -20.40
N LYS B 493 -11.83 -22.08 -19.61
CA LYS B 493 -11.70 -23.43 -20.14
C LYS B 493 -12.55 -24.36 -19.28
N VAL B 494 -13.35 -25.20 -19.94
CA VAL B 494 -13.98 -26.29 -19.24
C VAL B 494 -13.04 -27.48 -19.30
N VAL B 495 -12.55 -27.91 -18.15
CA VAL B 495 -11.51 -28.94 -18.10
C VAL B 495 -12.06 -30.32 -17.77
N LEU B 496 -13.33 -30.40 -17.37
CA LEU B 496 -14.00 -31.68 -17.16
C LEU B 496 -15.48 -31.46 -17.40
N LYS B 497 -16.11 -32.29 -18.23
CA LYS B 497 -17.54 -32.13 -18.49
C LYS B 497 -18.14 -33.46 -18.91
N SER B 498 -19.44 -33.58 -18.66
CA SER B 498 -20.24 -34.70 -19.11
C SER B 498 -21.69 -34.24 -19.25
N LYS B 499 -22.47 -35.03 -19.97
CA LYS B 499 -23.87 -34.74 -20.17
C LYS B 499 -24.69 -34.82 -18.89
N ASP B 500 -24.17 -35.44 -17.83
N ASP B 500 -24.13 -35.40 -17.83
CA ASP B 500 -24.91 -35.56 -16.58
CA ASP B 500 -24.83 -35.64 -16.57
C ASP B 500 -24.20 -34.83 -15.44
C ASP B 500 -24.30 -34.78 -15.43
N ASP B 501 -23.66 -33.65 -15.74
CA ASP B 501 -23.06 -32.83 -14.70
C ASP B 501 -24.15 -32.17 -13.86
N GLN B 502 -23.97 -32.20 -12.54
CA GLN B 502 -24.98 -31.69 -11.62
C GLN B 502 -24.65 -30.32 -11.04
N VAL B 503 -23.41 -29.85 -11.22
N VAL B 503 -23.39 -29.88 -11.16
CA VAL B 503 -23.04 -28.51 -10.80
CA VAL B 503 -22.92 -28.58 -10.72
C VAL B 503 -21.74 -28.17 -11.50
C VAL B 503 -21.78 -28.20 -11.64
N THR B 504 -21.60 -26.89 -11.84
CA THR B 504 -20.38 -26.35 -12.43
C THR B 504 -19.54 -25.81 -11.29
N VAL B 505 -18.36 -26.40 -11.10
CA VAL B 505 -17.42 -25.98 -10.06
C VAL B 505 -16.34 -25.16 -10.72
N ILE B 506 -16.20 -23.93 -10.27
CA ILE B 506 -15.21 -22.98 -10.76
C ILE B 506 -14.10 -22.92 -9.72
N GLY B 507 -12.89 -23.28 -10.14
CA GLY B 507 -11.73 -23.17 -9.29
C GLY B 507 -10.58 -22.57 -10.09
N ALA B 508 -9.49 -22.29 -9.39
CA ALA B 508 -8.34 -21.69 -10.04
C ALA B 508 -7.10 -22.02 -9.21
N GLY B 509 -5.98 -22.21 -9.89
CA GLY B 509 -4.78 -22.56 -9.17
C GLY B 509 -5.01 -23.83 -8.36
N VAL B 510 -4.62 -23.77 -7.09
CA VAL B 510 -4.72 -24.97 -6.26
C VAL B 510 -6.15 -25.46 -6.16
N THR B 511 -7.14 -24.55 -6.17
CA THR B 511 -8.50 -25.03 -6.00
C THR B 511 -9.06 -25.66 -7.27
N LEU B 512 -8.48 -25.37 -8.44
CA LEU B 512 -8.86 -26.13 -9.62
C LEU B 512 -8.45 -27.58 -9.46
N HIS B 513 -7.25 -27.80 -8.95
CA HIS B 513 -6.78 -29.16 -8.73
C HIS B 513 -7.55 -29.85 -7.61
N GLU B 514 -7.93 -29.10 -6.58
CA GLU B 514 -8.80 -29.69 -5.56
C GLU B 514 -10.15 -30.04 -6.14
N ALA B 515 -10.65 -29.22 -7.06
CA ALA B 515 -11.94 -29.53 -7.69
C ALA B 515 -11.85 -30.79 -8.56
N LEU B 516 -10.75 -30.96 -9.28
CA LEU B 516 -10.58 -32.17 -10.08
C LEU B 516 -10.49 -33.39 -9.19
N ALA B 517 -9.85 -33.26 -8.03
CA ALA B 517 -9.79 -34.37 -7.09
C ALA B 517 -11.17 -34.64 -6.51
N ALA B 518 -11.94 -33.58 -6.22
CA ALA B 518 -13.31 -33.77 -5.77
C ALA B 518 -14.15 -34.49 -6.83
N ALA B 519 -13.94 -34.16 -8.10
CA ALA B 519 -14.67 -34.83 -9.16
C ALA B 519 -14.37 -36.32 -9.16
N GLU B 520 -13.10 -36.70 -8.96
CA GLU B 520 -12.76 -38.12 -8.93
C GLU B 520 -13.42 -38.81 -7.74
N LEU B 521 -13.46 -38.15 -6.58
N LEU B 521 -13.47 -38.14 -6.59
CA LEU B 521 -14.14 -38.69 -5.42
CA LEU B 521 -14.14 -38.70 -5.42
C LEU B 521 -15.63 -38.86 -5.68
C LEU B 521 -15.64 -38.85 -5.65
N LEU B 522 -16.26 -37.82 -6.24
CA LEU B 522 -17.71 -37.84 -6.44
C LEU B 522 -18.13 -38.88 -7.48
N LYS B 523 -17.26 -39.19 -8.43
CA LYS B 523 -17.60 -40.24 -9.39
C LYS B 523 -17.84 -41.58 -8.70
N LYS B 524 -17.16 -41.81 -7.57
CA LYS B 524 -17.42 -43.05 -6.82
C LYS B 524 -18.87 -43.15 -6.38
N GLU B 525 -19.54 -42.01 -6.19
CA GLU B 525 -20.93 -41.94 -5.77
C GLU B 525 -21.86 -41.66 -6.94
N LYS B 526 -21.37 -41.82 -8.18
CA LYS B 526 -22.18 -41.57 -9.38
C LYS B 526 -22.62 -40.11 -9.49
N ILE B 527 -21.79 -39.18 -9.03
CA ILE B 527 -22.04 -37.75 -9.16
C ILE B 527 -20.97 -37.17 -10.07
N ASN B 528 -21.39 -36.61 -11.21
CA ASN B 528 -20.50 -35.91 -12.13
C ASN B 528 -20.61 -34.40 -11.93
N ILE B 529 -19.46 -33.72 -11.94
CA ILE B 529 -19.40 -32.27 -11.85
C ILE B 529 -18.61 -31.73 -13.04
N ARG B 530 -19.06 -30.60 -13.56
CA ARG B 530 -18.30 -29.85 -14.56
C ARG B 530 -17.28 -29.01 -13.81
N VAL B 531 -16.07 -28.91 -14.34
CA VAL B 531 -15.00 -28.13 -13.72
C VAL B 531 -14.52 -27.10 -14.74
N LEU B 532 -14.53 -25.84 -14.32
CA LEU B 532 -14.24 -24.70 -15.17
C LEU B 532 -13.10 -23.91 -14.55
N ASP B 533 -12.10 -23.60 -15.38
CA ASP B 533 -10.90 -22.86 -15.05
C ASP B 533 -11.04 -21.47 -15.68
N PRO B 534 -11.21 -20.40 -14.91
N PRO B 534 -11.20 -20.40 -14.91
CA PRO B 534 -11.48 -19.08 -15.53
CA PRO B 534 -11.49 -19.10 -15.53
C PRO B 534 -10.38 -18.58 -16.43
C PRO B 534 -10.37 -18.55 -16.41
N PHE B 535 -9.12 -18.86 -16.07
CA PHE B 535 -7.93 -18.35 -16.75
C PHE B 535 -7.73 -16.87 -16.43
N THR B 536 -8.63 -15.99 -16.85
CA THR B 536 -8.63 -14.62 -16.36
C THR B 536 -9.81 -14.43 -15.42
N ILE B 537 -9.53 -13.89 -14.23
CA ILE B 537 -10.60 -13.52 -13.31
C ILE B 537 -11.24 -12.21 -13.76
N LYS B 538 -10.47 -11.35 -14.40
CA LYS B 538 -10.93 -10.09 -14.97
C LYS B 538 -10.22 -9.94 -16.31
N PRO B 539 -10.94 -9.87 -17.43
CA PRO B 539 -12.39 -10.03 -17.57
C PRO B 539 -12.77 -11.50 -17.41
N LEU B 540 -13.96 -11.73 -16.92
CA LEU B 540 -14.48 -13.06 -16.70
C LEU B 540 -15.27 -13.52 -17.91
N ASP B 541 -15.12 -14.80 -18.26
CA ASP B 541 -15.85 -15.40 -19.38
C ASP B 541 -17.29 -15.70 -18.93
N ARG B 542 -18.09 -14.63 -18.90
CA ARG B 542 -19.49 -14.76 -18.50
C ARG B 542 -20.25 -15.76 -19.34
N LYS B 543 -20.04 -15.72 -20.66
CA LYS B 543 -20.81 -16.60 -21.55
C LYS B 543 -20.54 -18.07 -21.24
N LEU B 544 -19.27 -18.45 -21.11
CA LEU B 544 -18.97 -19.86 -20.87
C LEU B 544 -19.47 -20.28 -19.48
N ILE B 545 -19.35 -19.39 -18.50
CA ILE B 545 -19.86 -19.72 -17.17
C ILE B 545 -21.36 -19.97 -17.20
N LEU B 546 -22.10 -19.08 -17.87
CA LEU B 546 -23.56 -19.22 -17.93
C LEU B 546 -23.96 -20.44 -18.76
N ASP B 547 -23.29 -20.65 -19.89
CA ASP B 547 -23.62 -21.81 -20.71
C ASP B 547 -23.34 -23.10 -19.93
N SER B 548 -22.25 -23.12 -19.17
CA SER B 548 -21.95 -24.27 -18.31
C SER B 548 -23.04 -24.46 -17.26
N ALA B 549 -23.38 -23.38 -16.55
CA ALA B 549 -24.39 -23.50 -15.50
C ALA B 549 -25.72 -24.00 -16.06
N ARG B 550 -26.11 -23.54 -17.24
CA ARG B 550 -27.37 -23.99 -17.79
C ARG B 550 -27.35 -25.48 -18.14
N ALA B 551 -26.18 -26.04 -18.39
CA ALA B 551 -26.04 -27.48 -18.61
C ALA B 551 -25.91 -28.27 -17.31
N THR B 552 -25.81 -27.60 -16.17
CA THR B 552 -25.63 -28.25 -14.87
C THR B 552 -26.69 -27.77 -13.89
N LYS B 553 -27.94 -27.77 -14.35
CA LYS B 553 -29.10 -27.49 -13.50
C LYS B 553 -29.08 -26.09 -12.90
N GLY B 554 -28.38 -25.17 -13.56
CA GLY B 554 -28.26 -23.80 -13.11
C GLY B 554 -27.27 -23.57 -11.98
N ARG B 555 -26.63 -24.62 -11.47
CA ARG B 555 -25.86 -24.54 -10.23
C ARG B 555 -24.40 -24.26 -10.51
N ILE B 556 -23.87 -23.26 -9.83
CA ILE B 556 -22.46 -22.92 -9.83
C ILE B 556 -21.94 -22.99 -8.41
N LEU B 557 -20.76 -23.57 -8.23
CA LEU B 557 -20.00 -23.53 -6.98
C LEU B 557 -18.64 -22.94 -7.30
N THR B 558 -18.25 -21.87 -6.61
N THR B 558 -18.30 -21.81 -6.67
CA THR B 558 -16.94 -21.25 -6.81
CA THR B 558 -16.95 -21.26 -6.78
C THR B 558 -16.09 -21.46 -5.56
C THR B 558 -16.15 -21.68 -5.55
N VAL B 559 -14.86 -21.93 -5.77
CA VAL B 559 -13.96 -22.29 -4.68
C VAL B 559 -12.62 -21.59 -4.91
N GLU B 560 -12.17 -20.81 -3.93
CA GLU B 560 -11.00 -19.96 -4.12
C GLU B 560 -10.13 -19.85 -2.87
N ASP B 561 -8.82 -19.78 -3.12
CA ASP B 561 -7.83 -19.55 -2.06
C ASP B 561 -7.60 -18.04 -1.93
N HIS B 562 -8.60 -17.40 -1.35
CA HIS B 562 -8.75 -15.94 -1.26
C HIS B 562 -9.89 -15.70 -0.28
N TYR B 563 -9.93 -14.49 0.28
CA TYR B 563 -11.06 -14.09 1.12
C TYR B 563 -12.34 -14.00 0.28
N TYR B 564 -13.49 -13.95 0.97
CA TYR B 564 -14.76 -13.94 0.25
C TYR B 564 -14.98 -12.69 -0.57
N GLU B 565 -14.49 -11.53 -0.12
CA GLU B 565 -14.83 -10.25 -0.72
C GLU B 565 -13.90 -9.92 -1.88
N GLY B 566 -14.49 -9.61 -3.02
CA GLY B 566 -13.74 -9.10 -4.16
C GLY B 566 -13.00 -10.12 -5.00
N GLY B 567 -13.16 -11.40 -4.72
CA GLY B 567 -12.48 -12.44 -5.45
C GLY B 567 -13.33 -13.13 -6.51
N ILE B 568 -13.03 -14.40 -6.74
CA ILE B 568 -13.65 -15.14 -7.84
C ILE B 568 -15.15 -15.28 -7.59
N GLY B 569 -15.52 -15.66 -6.38
CA GLY B 569 -16.92 -15.88 -6.10
C GLY B 569 -17.75 -14.64 -6.30
N GLU B 570 -17.28 -13.49 -5.79
CA GLU B 570 -18.02 -12.26 -5.99
C GLU B 570 -18.04 -11.84 -7.46
N ALA B 571 -16.94 -12.04 -8.18
CA ALA B 571 -16.95 -11.74 -9.62
C ALA B 571 -18.00 -12.56 -10.33
N VAL B 572 -18.09 -13.85 -10.00
CA VAL B 572 -19.06 -14.72 -10.66
C VAL B 572 -20.48 -14.30 -10.30
N SER B 573 -20.72 -14.07 -9.00
CA SER B 573 -22.05 -13.67 -8.57
C SER B 573 -22.49 -12.40 -9.26
N SER B 574 -21.58 -11.43 -9.37
CA SER B 574 -21.93 -10.17 -10.02
C SER B 574 -22.23 -10.37 -11.49
N ALA B 575 -21.57 -11.35 -12.12
CA ALA B 575 -21.76 -11.59 -13.55
C ALA B 575 -23.08 -12.26 -13.85
N VAL B 576 -23.57 -13.12 -12.96
CA VAL B 576 -24.75 -13.94 -13.26
C VAL B 576 -26.00 -13.54 -12.50
N VAL B 577 -25.91 -12.62 -11.53
CA VAL B 577 -27.07 -12.30 -10.70
C VAL B 577 -28.26 -11.94 -11.59
N GLY B 578 -29.43 -12.44 -11.22
CA GLY B 578 -30.66 -12.18 -11.93
C GLY B 578 -30.94 -13.09 -13.10
N GLU B 579 -29.99 -13.91 -13.52
CA GLU B 579 -30.24 -14.82 -14.64
C GLU B 579 -31.17 -15.92 -14.17
N PRO B 580 -32.27 -16.19 -14.88
CA PRO B 580 -33.23 -17.17 -14.39
C PRO B 580 -32.62 -18.54 -14.16
N GLY B 581 -32.94 -19.13 -13.01
CA GLY B 581 -32.55 -20.48 -12.70
C GLY B 581 -31.11 -20.67 -12.23
N ILE B 582 -30.31 -19.60 -12.17
CA ILE B 582 -28.90 -19.73 -11.81
C ILE B 582 -28.75 -19.53 -10.30
N THR B 583 -28.00 -20.42 -9.66
CA THR B 583 -27.61 -20.29 -8.27
C THR B 583 -26.10 -20.34 -8.15
N VAL B 584 -25.56 -19.63 -7.17
CA VAL B 584 -24.12 -19.60 -6.91
C VAL B 584 -23.89 -19.88 -5.42
N THR B 585 -23.04 -20.87 -5.14
CA THR B 585 -22.55 -21.18 -3.80
C THR B 585 -21.04 -20.90 -3.79
N HIS B 586 -20.52 -20.48 -2.65
N HIS B 586 -20.56 -20.30 -2.71
CA HIS B 586 -19.19 -19.89 -2.62
CA HIS B 586 -19.16 -19.91 -2.59
C HIS B 586 -18.38 -20.46 -1.45
C HIS B 586 -18.47 -20.68 -1.48
N LEU B 587 -17.24 -21.08 -1.77
CA LEU B 587 -16.27 -21.55 -0.79
C LEU B 587 -15.03 -20.67 -0.89
N ALA B 588 -14.62 -20.08 0.22
CA ALA B 588 -13.45 -19.22 0.27
C ALA B 588 -12.90 -19.23 1.70
N VAL B 589 -11.90 -18.40 1.96
CA VAL B 589 -11.24 -18.37 3.26
C VAL B 589 -11.96 -17.30 4.10
N ASN B 590 -12.43 -17.68 5.31
CA ASN B 590 -13.32 -16.79 6.05
C ASN B 590 -12.67 -15.92 7.11
N ARG B 591 -11.36 -16.02 7.31
CA ARG B 591 -10.70 -15.31 8.41
C ARG B 591 -9.21 -15.42 8.22
N VAL B 592 -8.46 -14.64 9.01
CA VAL B 592 -6.99 -14.69 8.97
C VAL B 592 -6.54 -16.12 9.24
N PRO B 593 -5.71 -16.71 8.38
CA PRO B 593 -5.26 -18.09 8.62
C PRO B 593 -4.11 -18.17 9.61
N ARG B 594 -3.36 -19.27 9.51
CA ARG B 594 -2.40 -19.70 10.51
C ARG B 594 -1.45 -20.66 9.81
N SER B 595 -0.42 -21.13 10.54
CA SER B 595 0.57 -22.03 9.95
C SER B 595 0.14 -23.49 9.99
N GLY B 596 0.53 -24.22 8.95
CA GLY B 596 0.35 -25.66 8.88
C GLY B 596 0.84 -26.11 7.51
N LYS B 597 0.76 -27.41 7.27
CA LYS B 597 1.05 -27.91 5.93
C LYS B 597 0.02 -27.39 4.94
N PRO B 598 0.39 -27.21 3.67
CA PRO B 598 -0.59 -26.75 2.67
C PRO B 598 -1.91 -27.51 2.69
N ALA B 599 -1.86 -28.85 2.67
CA ALA B 599 -3.10 -29.61 2.63
C ALA B 599 -3.92 -29.44 3.90
N GLU B 600 -3.24 -29.28 5.05
CA GLU B 600 -3.96 -29.08 6.30
C GLU B 600 -4.72 -27.77 6.30
N LEU B 601 -4.11 -26.72 5.77
CA LEU B 601 -4.75 -25.41 5.70
C LEU B 601 -5.88 -25.38 4.70
N LEU B 602 -5.71 -26.02 3.54
CA LEU B 602 -6.84 -26.09 2.60
C LEU B 602 -8.04 -26.77 3.25
N LYS B 603 -7.77 -27.80 4.06
N LYS B 603 -7.78 -27.78 4.08
CA LYS B 603 -8.84 -28.47 4.80
CA LYS B 603 -8.85 -28.46 4.79
C LYS B 603 -9.44 -27.55 5.85
C LYS B 603 -9.45 -27.57 5.88
N MET B 604 -8.59 -26.97 6.71
CA MET B 604 -9.08 -26.14 7.81
C MET B 604 -9.95 -25.00 7.30
N PHE B 605 -9.58 -24.39 6.18
CA PHE B 605 -10.27 -23.23 5.65
C PHE B 605 -11.31 -23.57 4.59
N GLY B 606 -11.61 -24.86 4.41
CA GLY B 606 -12.79 -25.25 3.68
C GLY B 606 -12.75 -25.06 2.18
N ILE B 607 -11.58 -25.28 1.58
CA ILE B 607 -11.41 -25.07 0.15
C ILE B 607 -10.67 -26.23 -0.50
N ASP B 608 -10.66 -27.40 0.16
CA ASP B 608 -10.04 -28.59 -0.39
C ASP B 608 -11.08 -29.51 -1.02
N ARG B 609 -10.58 -30.63 -1.53
CA ARG B 609 -11.43 -31.59 -2.24
C ARG B 609 -12.61 -32.05 -1.39
N ASP B 610 -12.38 -32.27 -0.09
CA ASP B 610 -13.49 -32.73 0.76
C ASP B 610 -14.54 -31.62 0.95
N ALA B 611 -14.10 -30.37 1.14
CA ALA B 611 -15.06 -29.28 1.27
C ALA B 611 -15.87 -29.11 -0.01
N ILE B 612 -15.22 -29.26 -1.16
CA ILE B 612 -15.90 -29.13 -2.44
C ILE B 612 -16.92 -30.25 -2.60
N ALA B 613 -16.51 -31.48 -2.31
CA ALA B 613 -17.43 -32.61 -2.44
C ALA B 613 -18.64 -32.45 -1.53
N GLN B 614 -18.41 -32.00 -0.29
N GLN B 614 -18.43 -32.01 -0.28
CA GLN B 614 -19.50 -31.81 0.67
CA GLN B 614 -19.56 -31.84 0.62
C GLN B 614 -20.47 -30.73 0.18
C GLN B 614 -20.50 -30.75 0.12
N ALA B 615 -19.95 -29.64 -0.39
CA ALA B 615 -20.79 -28.57 -0.90
C ALA B 615 -21.61 -29.07 -2.08
N VAL B 616 -20.99 -29.86 -2.96
CA VAL B 616 -21.72 -30.42 -4.10
C VAL B 616 -22.86 -31.31 -3.62
N ARG B 617 -22.57 -32.23 -2.70
CA ARG B 617 -23.63 -33.10 -2.21
C ARG B 617 -24.76 -32.27 -1.62
N GLY B 618 -24.42 -31.23 -0.87
CA GLY B 618 -25.44 -30.40 -0.24
C GLY B 618 -26.33 -29.70 -1.24
N LEU B 619 -25.75 -29.27 -2.37
CA LEU B 619 -26.55 -28.64 -3.42
C LEU B 619 -27.51 -29.64 -4.05
N ILE B 620 -27.03 -30.86 -4.29
CA ILE B 620 -27.88 -31.89 -4.89
C ILE B 620 -29.02 -32.24 -3.95
N THR B 621 -28.70 -32.43 -2.66
CA THR B 621 -29.71 -32.91 -1.72
C THR B 621 -30.73 -31.83 -1.36
N LYS B 622 -30.29 -30.57 -1.29
CA LYS B 622 -31.24 -29.49 -1.03
C LYS B 622 -32.26 -29.35 -2.15
N ALA B 623 -31.94 -29.84 -3.34
CA ALA B 623 -32.85 -29.82 -4.46
C ALA B 623 -33.75 -31.05 -4.41
N1' TPP C . 8.77 -7.89 1.42
C2' TPP C . 8.18 -7.72 2.67
CM2 TPP C . 7.45 -6.47 2.84
N3' TPP C . 8.30 -8.62 3.57
C4' TPP C . 8.95 -9.73 3.38
N4' TPP C . 8.75 -10.69 4.30
C5' TPP C . 9.62 -9.99 2.05
C6' TPP C . 9.49 -9.05 1.13
C7' TPP C . 10.31 -11.33 1.73
N3 TPP C . 11.32 -11.67 2.65
C2 TPP C . 11.18 -12.31 3.89
S1 TPP C . 12.62 -12.18 4.88
C5 TPP C . 13.45 -11.32 3.56
C4 TPP C . 12.62 -11.13 2.53
CM4 TPP C . 13.02 -10.48 1.21
C6 TPP C . 14.81 -10.91 3.67
C7 TPP C . 15.05 -10.13 4.95
O7 TPP C . 16.46 -9.80 5.07
PA TPP C . 16.95 -8.96 6.33
O1A TPP C . 18.39 -8.64 6.07
O2A TPP C . 16.01 -7.82 6.61
O3A TPP C . 16.87 -10.00 7.53
PB TPP C . 17.84 -11.19 7.99
O1B TPP C . 19.13 -11.07 7.24
O2B TPP C . 18.10 -10.91 9.42
O3B TPP C . 17.11 -12.46 7.72
MG MG D . 20.11 -9.35 6.72
CA CA E . 20.26 -9.26 6.96
C1 GOL F . -24.23 16.92 -4.84
O1 GOL F . -23.84 16.22 -3.73
C2 GOL F . -23.01 17.04 -5.79
O2 GOL F . -23.43 16.99 -7.10
C3 GOL F . -22.34 18.41 -5.50
O3 GOL F . -21.35 18.26 -4.56
H11 GOL F . -24.95 16.49 -5.31
H12 GOL F . -24.55 17.80 -4.61
HO1 GOL F . -24.53 16.09 -3.26
H2 GOL F . -22.39 16.32 -5.62
HO2 GOL F . -24.02 17.60 -7.20
H31 GOL F . -23.03 19.04 -5.24
H32 GOL F . -21.99 18.76 -6.35
HO3 GOL F . -21.12 19.03 -4.32
C1 EDO G . 6.85 -8.17 26.75
O1 EDO G . 6.26 -6.97 27.25
C2 EDO G . 7.67 -7.92 25.45
O2 EDO G . 6.95 -7.08 24.53
H11 EDO G . 6.05 -8.90 26.53
H12 EDO G . 7.50 -8.60 27.52
HO1 EDO G . 5.50 -7.19 27.82
H21 EDO G . 7.89 -8.87 24.97
H22 EDO G . 8.62 -7.45 25.71
HO2 EDO G . 7.20 -7.31 23.63
C1 EDO H . 6.98 -10.06 20.11
O1 EDO H . 8.15 -9.52 20.70
C2 EDO H . 7.12 -10.16 18.60
O2 EDO H . 7.05 -8.88 18.01
H11 EDO H . 6.13 -9.42 20.35
H12 EDO H . 6.78 -11.05 20.52
HO1 EDO H . 8.05 -9.51 21.66
H21 EDO H . 6.33 -10.80 18.18
H22 EDO H . 8.08 -10.62 18.34
HO2 EDO H . 6.76 -8.96 17.09
C1 EDO I . 19.63 1.84 5.01
C1 EDO I . 19.31 1.89 4.67
O1 EDO I . 19.20 3.06 4.39
O1 EDO I . 19.24 2.95 3.71
C2 EDO I . 19.96 0.74 4.02
C2 EDO I . 19.33 0.57 3.93
O2 EDO I . 18.77 0.32 3.35
O2 EDO I . 20.40 0.63 2.97
H11 EDO I . 18.85 1.50 5.69
H11 EDO I . 18.44 1.93 5.34
H12 EDO I . 20.52 2.05 5.62
H12 EDO I . 20.21 1.99 5.29
HO1 EDO I . 18.97 3.71 5.08
HO1 EDO I . 19.16 3.80 4.18
H21 EDO I . 20.41 -0.10 4.53
H21 EDO I . 18.38 0.40 3.42
H22 EDO I . 20.68 1.11 3.29
H22 EDO I . 19.50 -0.25 4.63
HO2 EDO I . 18.94 -0.50 2.86
HO2 EDO I . 20.53 -0.24 2.58
C1 EDO J . -21.07 2.75 -17.26
O1 EDO J . -20.56 2.68 -15.94
C2 EDO J . -22.59 2.76 -17.28
O2 EDO J . -23.08 3.91 -16.60
H11 EDO J . -20.72 1.89 -17.83
H12 EDO J . -20.70 3.65 -17.75
HO1 EDO J . -19.75 3.21 -15.89
H21 EDO J . -22.96 1.86 -16.80
H22 EDO J . -22.95 2.77 -18.31
HO2 EDO J . -24.04 3.84 -16.50
C1 EDO K . 18.71 -18.13 -0.32
O1 EDO K . 19.57 -17.30 0.45
C2 EDO K . 18.60 -17.65 -1.76
O2 EDO K . 19.91 -17.40 -2.26
H11 EDO K . 17.71 -18.14 0.13
H12 EDO K . 19.09 -19.16 -0.31
HO1 EDO K . 19.09 -16.95 1.22
H21 EDO K . 18.01 -16.74 -1.81
H22 EDO K . 18.11 -18.40 -2.37
HO2 EDO K . 19.86 -17.08 -3.18
C1 EDO L . -13.46 -0.94 -14.55
O1 EDO L . -12.82 -2.18 -14.18
C2 EDO L . -13.86 -0.16 -13.31
O2 EDO L . -14.89 -0.80 -12.57
H11 EDO L . -14.35 -1.15 -15.16
H12 EDO L . -12.78 -0.35 -15.16
HO1 EDO L . -12.59 -2.67 -14.99
H21 EDO L . -14.21 0.83 -13.61
H22 EDO L . -12.99 -0.03 -12.67
HO2 EDO L . -14.73 -0.69 -11.62
C1 EDO M . 14.78 3.05 1.86
O1 EDO M . 15.22 2.25 0.74
C2 EDO M . 15.98 3.68 2.47
O2 EDO M . 16.93 2.68 2.85
H11 EDO M . 14.27 2.43 2.59
H12 EDO M . 14.08 3.82 1.53
HO1 EDO M . 14.47 1.70 0.43
H21 EDO M . 15.69 4.25 3.35
H22 EDO M . 16.44 4.37 1.77
HO2 EDO M . 17.75 3.11 3.14
C1 EDO N . 16.36 -22.27 24.83
O1 EDO N . 17.18 -22.75 25.89
C2 EDO N . 14.91 -22.42 25.26
O2 EDO N . 14.63 -23.76 25.68
H11 EDO N . 16.54 -22.85 23.91
H12 EDO N . 16.58 -21.23 24.62
HO1 EDO N . 17.94 -22.16 25.99
H21 EDO N . 14.26 -22.16 24.42
H22 EDO N . 14.70 -21.72 26.08
HO2 EDO N . 13.71 -23.82 25.97
C1 EDO O . 0.72 -3.95 11.74
C1 EDO O . 1.27 -3.24 11.70
O1 EDO O . -0.57 -3.46 11.38
O1 EDO O . 0.20 -2.42 11.23
C2 EDO O . 1.64 -2.77 12.01
C2 EDO O . 2.40 -2.38 12.26
O2 EDO O . 1.82 -2.03 10.79
O2 EDO O . 3.45 -3.23 12.75
H11 EDO O . 1.12 -4.57 10.93
H11 EDO O . 1.64 -3.85 10.88
H12 EDO O . 0.63 -4.57 12.63
H12 EDO O . 0.90 -3.91 12.48
HO1 EDO O . -0.87 -3.92 10.59
HO1 EDO O . -0.53 -2.98 10.93
H21 EDO O . 2.61 -3.13 12.37
H21 EDO O . 2.03 -1.74 13.06
H22 EDO O . 1.22 -2.13 12.78
H22 EDO O . 2.79 -1.73 11.47
HO2 EDO O . 2.60 -1.47 10.87
HO2 EDO O . 4.20 -2.69 13.01
C1 EDO P . -14.15 24.64 -12.27
O1 EDO P . -15.30 24.54 -11.41
C2 EDO P . -14.31 23.63 -13.39
O2 EDO P . -15.41 24.08 -14.19
H11 EDO P . -13.24 24.45 -11.71
H12 EDO P . -14.09 25.65 -12.69
HO1 EDO P . -15.15 25.07 -10.61
H21 EDO P . -14.51 22.64 -12.98
H22 EDO P . -13.40 23.58 -13.99
HO2 EDO P . -15.55 23.49 -14.94
C1 EDO Q . 2.24 -21.35 22.91
O1 EDO Q . 1.00 -21.99 22.58
C2 EDO Q . 2.34 -20.04 22.15
O2 EDO Q . 1.34 -19.12 22.55
H11 EDO Q . 3.08 -22.00 22.64
H12 EDO Q . 2.29 -21.17 23.98
HO1 EDO Q . 0.95 -22.84 23.04
H21 EDO Q . 2.25 -20.24 21.08
H22 EDO Q . 3.32 -19.60 22.32
HO2 EDO Q . 1.36 -18.34 21.98
C1 EDO R . 2.84 15.03 22.63
O1 EDO R . 2.73 16.21 23.42
C2 EDO R . 4.12 15.14 21.81
O2 EDO R . 3.95 16.20 20.85
H11 EDO R . 1.99 14.93 21.96
H12 EDO R . 2.88 14.14 23.27
HO1 EDO R . 1.89 16.20 23.88
H21 EDO R . 4.32 14.20 21.29
H22 EDO R . 4.97 15.35 22.46
HO2 EDO R . 4.79 16.37 20.41
C1 EDO S . -18.03 19.38 21.52
O1 EDO S . -16.98 18.86 20.69
C2 EDO S . -18.36 20.83 21.15
O2 EDO S . -17.25 21.71 21.43
H11 EDO S . -17.73 19.34 22.55
H12 EDO S . -18.92 18.77 21.40
HO1 EDO S . -16.80 17.95 20.94
H21 EDO S . -19.24 21.16 21.71
H22 EDO S . -18.61 20.90 20.08
HO2 EDO S . -17.47 22.61 21.16
C1 EDO T . -23.82 17.59 16.05
O1 EDO T . -24.12 16.72 17.14
C2 EDO T . -22.68 18.54 16.38
O2 EDO T . -21.52 17.76 16.68
H11 EDO T . -24.71 18.18 15.80
H12 EDO T . -23.56 17.00 15.18
HO1 EDO T . -24.44 15.87 16.80
H21 EDO T . -22.94 19.17 17.23
H22 EDO T . -22.47 19.19 15.53
HO2 EDO T . -20.79 18.33 16.92
C1 EDO U . 1.64 -20.79 28.67
O1 EDO U . 0.40 -20.43 28.07
C2 EDO U . 2.70 -20.93 27.60
O2 EDO U . 2.14 -21.59 26.46
H11 EDO U . 1.52 -21.73 29.22
H12 EDO U . 1.93 -20.02 29.39
HO1 EDO U . -0.28 -20.31 28.75
H21 EDO U . 3.54 -21.51 27.99
H22 EDO U . 3.07 -19.94 27.32
HO2 EDO U . 2.85 -21.79 25.83
C1 EDO V . 31.85 -3.31 14.79
O1 EDO V . 32.50 -4.02 15.85
C2 EDO V . 32.80 -2.24 14.26
O2 EDO V . 32.46 -1.94 12.92
H11 EDO V . 30.93 -2.84 15.16
H12 EDO V . 31.58 -4.00 13.99
HO1 EDO V . 31.95 -4.77 16.11
H21 EDO V . 33.83 -2.61 14.32
H22 EDO V . 32.73 -1.35 14.88
HO2 EDO V . 33.05 -1.24 12.59
C1 EDO W . 30.62 -9.24 14.70
O1 EDO W . 31.48 -10.10 15.48
C2 EDO W . 31.34 -7.95 14.37
O2 EDO W . 32.60 -8.19 13.70
H11 EDO W . 29.71 -9.02 15.27
H12 EDO W . 30.32 -9.74 13.78
HO1 EDO W . 31.02 -10.94 15.67
H21 EDO W . 31.54 -7.39 15.29
H22 EDO W . 30.70 -7.33 13.73
HO2 EDO W . 33.04 -7.35 13.52
C1 EDO X . 31.20 -18.24 15.45
O1 EDO X . 31.64 -18.50 16.79
C2 EDO X . 32.29 -17.51 14.67
O2 EDO X . 33.15 -18.42 13.99
H11 EDO X . 30.30 -17.64 15.47
H12 EDO X . 30.97 -19.19 14.96
HO1 EDO X . 30.94 -18.96 17.28
H21 EDO X . 32.88 -16.89 15.36
H22 EDO X . 31.83 -16.84 13.94
HO2 EDO X . 33.78 -17.94 13.45
C1 EDO Y . -12.58 -1.87 20.62
O1 EDO Y . -11.80 -1.71 21.81
C2 EDO Y . -14.06 -1.83 20.99
O2 EDO Y . -14.36 -2.91 21.89
H11 EDO Y . -12.35 -2.83 20.14
H12 EDO Y . -12.36 -1.07 19.91
HO1 EDO Y . -10.86 -1.77 21.59
H21 EDO Y . -14.67 -1.91 20.09
H22 EDO Y . -14.29 -0.88 21.48
HO2 EDO Y . -15.30 -2.93 22.06
C1 EDO Z . -10.02 20.08 1.38
O1 EDO Z . -10.45 21.13 2.25
C2 EDO Z . -10.32 20.46 -0.07
O2 EDO Z . -11.07 19.51 -0.83
H11 EDO Z . -8.94 19.93 1.50
H12 EDO Z . -10.52 19.15 1.63
HO1 EDO Z . -10.31 20.87 3.16
H21 EDO Z . -10.88 21.40 -0.06
H22 EDO Z . -9.38 20.64 -0.58
HO2 EDO Z . -11.15 19.82 -1.75
NA NA AA . -13.35 0.28 16.50
NA NA BA . 7.84 -5.67 10.22
C1 PEG CA . 5.61 10.65 10.73
O1 PEG CA . 4.69 9.57 10.54
C2 PEG CA . 6.80 10.28 9.90
O2 PEG CA . 7.35 11.59 9.82
C3 PEG CA . 8.05 11.78 8.59
C4 PEG CA . 8.54 13.20 8.61
O4 PEG CA . 9.74 13.26 7.82
H11 PEG CA . 5.19 11.59 10.37
H12 PEG CA . 5.88 10.75 11.78
H21 PEG CA . 7.47 9.58 10.43
H22 PEG CA . 6.54 9.87 8.93
H31 PEG CA . 7.37 11.63 7.75
H32 PEG CA . 8.88 11.10 8.51
H41 PEG CA . 7.78 13.85 8.16
H42 PEG CA . 8.74 13.50 9.63
N1' TPP DA . -0.97 12.02 0.89
C2' TPP DA . -0.56 11.76 -0.40
CM2 TPP DA . 0.09 10.45 -0.60
N3' TPP DA . -0.78 12.60 -1.35
C4' TPP DA . -1.39 13.77 -1.16
N4' TPP DA . -1.72 14.44 -2.22
C5' TPP DA . -1.85 14.12 0.23
C6' TPP DA . -1.64 13.19 1.17
C7' TPP DA . -2.65 15.37 0.54
N3 TPP DA . -1.95 16.54 0.13
C2 TPP DA . -1.94 17.15 -1.07
S1 TPP DA . -0.69 18.38 -1.33
C5 TPP DA . -0.23 18.17 0.39
C4 TPP DA . -1.03 17.19 0.94
CM4 TPP DA . -0.85 16.80 2.41
C6 TPP DA . 0.83 18.91 0.97
C7 TPP DA . 2.10 18.91 0.18
O7 TPP DA . 3.07 19.77 0.79
PA TPP DA . 4.49 19.89 0.15
O1A TPP DA . 4.99 18.55 -0.27
O2A TPP DA . 5.32 20.64 1.07
O3A TPP DA . 4.23 20.75 -1.18
PB TPP DA . 4.05 22.33 -1.43
O1B TPP DA . 5.06 22.65 -2.51
O2B TPP DA . 2.61 22.52 -1.81
O3B TPP DA . 4.44 23.05 -0.15
MG MG EA . 6.08 22.63 1.21
CA CA FA . 5.99 22.57 0.92
C1 GOL GA . 11.23 -19.95 -1.59
O1 GOL GA . 11.95 -20.69 -2.56
C2 GOL GA . 10.42 -20.98 -0.77
O2 GOL GA . 11.15 -21.88 -0.04
C3 GOL GA . 9.62 -20.13 0.09
O3 GOL GA . 8.39 -20.59 -0.13
H11 GOL GA . 11.81 -19.45 -1.00
H12 GOL GA . 10.63 -19.30 -1.99
HO1 GOL GA . 12.43 -20.13 -2.98
H2 GOL GA . 9.90 -21.53 -1.38
HO2 GOL GA . 11.30 -21.54 0.73
H31 GOL GA . 9.92 -20.21 1.01
H32 GOL GA . 9.74 -19.20 -0.13
HO3 GOL GA . 7.96 -20.51 0.60
C1 EDO HA . 13.27 14.72 5.04
C1 EDO HA . 12.88 14.61 4.90
O1 EDO HA . 13.69 13.62 5.85
O1 EDO HA . 13.29 13.38 5.49
C2 EDO HA . 12.15 15.49 5.71
C2 EDO HA . 11.56 15.05 5.53
O2 EDO HA . 10.94 14.72 5.65
O2 EDO HA . 11.78 15.56 6.85
H11 EDO HA . 12.94 14.36 4.06
H11 EDO HA . 12.77 14.49 3.83
H12 EDO HA . 14.13 15.39 4.87
H12 EDO HA . 13.65 15.37 5.08
HO1 EDO HA . 14.34 13.09 5.37
HO1 EDO HA . 14.16 13.12 5.15
H21 EDO HA . 12.00 16.45 5.21
H21 EDO HA . 10.88 14.21 5.56
H22 EDO HA . 12.41 15.70 6.75
H22 EDO HA . 11.11 15.82 4.90
HO2 EDO HA . 10.21 15.26 5.95
HO2 EDO HA . 10.97 15.96 7.18
C1 EDO IA . 4.39 16.07 -15.17
O1 EDO IA . 5.08 15.09 -14.41
C2 EDO IA . 5.09 16.25 -16.51
O2 EDO IA . 6.33 16.93 -16.41
H11 EDO IA . 4.39 17.03 -14.61
H12 EDO IA . 3.35 15.78 -15.31
HO1 EDO IA . 4.63 14.95 -13.57
H21 EDO IA . 4.42 16.81 -17.18
H22 EDO IA . 5.24 15.27 -16.95
HO2 EDO IA . 6.75 16.96 -17.28
C1 EDO JA . -14.13 -12.37 6.15
O1 EDO JA . -14.59 -11.04 5.87
C2 EDO JA . -13.18 -12.90 5.07
O2 EDO JA . -13.84 -13.12 3.83
H11 EDO JA . -14.99 -13.03 6.22
H12 EDO JA . -13.62 -12.38 7.12
HO1 EDO JA . -15.22 -10.77 6.56
H21 EDO JA . -12.74 -13.84 5.42
H22 EDO JA . -12.36 -12.19 4.93
HO2 EDO JA . -13.27 -12.84 3.11
C1 EDO KA . 11.64 10.31 5.94
O1 EDO KA . 11.57 11.72 5.80
C2 EDO KA . 10.30 9.68 5.74
O2 EDO KA . 9.36 10.23 6.70
H11 EDO KA . 12.03 10.06 6.93
H12 EDO KA . 12.34 9.91 5.19
HO1 EDO KA . 12.41 12.12 6.04
H21 EDO KA . 10.38 8.60 5.87
H22 EDO KA . 9.94 9.88 4.72
HO2 EDO KA . 8.47 9.92 6.48
C1 EDO LA . -4.45 25.49 4.48
O1 EDO LA . -3.06 25.78 4.43
C2 EDO LA . -4.84 24.77 5.78
O2 EDO LA . -4.30 25.46 6.93
H11 EDO LA . -4.72 24.85 3.63
H12 EDO LA . -5.03 26.40 4.40
HO1 EDO LA . -2.67 25.36 3.65
H21 EDO LA . -4.44 23.74 5.76
H22 EDO LA . -5.92 24.71 5.87
HO2 EDO LA . -4.65 25.05 7.74
C1 EDO MA . 4.55 -28.52 10.16
C1 EDO MA . 4.89 -27.88 10.22
O1 EDO MA . 3.80 -29.74 10.26
O1 EDO MA . 3.69 -28.06 9.46
C2 EDO MA . 5.78 -28.70 9.27
C2 EDO MA . 5.89 -28.97 9.87
O2 EDO MA . 5.36 -29.10 7.96
O2 EDO MA . 5.80 -29.29 8.47
H11 EDO MA . 4.86 -28.20 11.16
H11 EDO MA . 4.67 -27.92 11.29
H12 EDO MA . 3.90 -27.75 9.74
H12 EDO MA . 5.33 -26.90 10.00
HO1 EDO MA . 3.05 -29.61 10.86
HO1 EDO MA . 3.07 -27.36 9.68
H21 EDO MA . 6.44 -29.46 9.71
H21 EDO MA . 5.71 -29.86 10.47
H22 EDO MA . 6.33 -27.76 9.21
H22 EDO MA . 6.91 -28.63 10.09
HO2 EDO MA . 6.14 -29.18 7.39
HO2 EDO MA . 6.37 -30.04 8.27
C1 EDO NA . 9.44 16.62 -20.32
O1 EDO NA . 9.29 15.34 -19.67
C2 EDO NA . 9.39 16.49 -21.86
O2 EDO NA . 10.25 15.44 -22.29
H11 EDO NA . 10.41 17.05 -20.02
H12 EDO NA . 8.66 17.30 -19.98
HO1 EDO NA . 8.81 15.46 -18.83
H21 EDO NA . 9.70 17.44 -22.31
H22 EDO NA . 8.37 16.29 -22.16
HO2 EDO NA . 10.07 15.23 -23.22
C1 EDO OA . -16.10 -22.69 5.53
O1 EDO OA . -16.61 -23.12 4.25
C2 EDO OA . -16.36 -21.21 5.76
O2 EDO OA . -15.54 -20.38 4.91
H11 EDO OA . -15.02 -22.88 5.56
H12 EDO OA . -16.58 -23.27 6.31
HO1 EDO OA . -16.52 -24.08 4.18
H21 EDO OA . -16.14 -20.96 6.80
H22 EDO OA . -17.40 -20.99 5.57
HO2 EDO OA . -14.91 -19.87 5.44
C1 EDO PA . -3.65 19.52 -22.70
O1 EDO PA . -3.29 18.26 -23.26
C2 EDO PA . -4.32 20.41 -23.73
O2 EDO PA . -5.44 19.73 -24.30
H11 EDO PA . -2.75 20.01 -22.32
H12 EDO PA . -4.32 19.37 -21.85
HO1 EDO PA . -2.97 17.67 -22.56
H21 EDO PA . -3.61 20.67 -24.52
H22 EDO PA . -4.65 21.34 -23.26
HO2 EDO PA . -5.88 20.30 -24.92
C1 EDO QA . -1.50 -28.52 -1.54
O1 EDO QA . -0.19 -29.08 -1.58
C2 EDO QA . -2.36 -29.13 -2.62
O2 EDO QA . -1.68 -29.02 -3.87
H11 EDO QA . -1.44 -27.43 -1.67
H12 EDO QA . -1.94 -28.70 -0.55
HO1 EDO QA . 0.36 -28.69 -0.89
H21 EDO QA . -3.31 -28.60 -2.67
H22 EDO QA . -2.56 -30.18 -2.38
HO2 EDO QA . -2.22 -29.45 -4.55
C1 EDO RA . -15.59 -21.38 12.10
O1 EDO RA . -15.61 -21.17 10.67
C2 EDO RA . -14.91 -20.15 12.66
O2 EDO RA . -15.38 -19.05 11.89
H11 EDO RA . -15.05 -22.29 12.35
H12 EDO RA . -16.61 -21.48 12.49
HO1 EDO RA . -16.05 -21.91 10.24
H21 EDO RA . -13.83 -20.25 12.58
H22 EDO RA . -15.18 -20.02 13.71
HO2 EDO RA . -14.64 -18.45 11.71
C1 EDO SA . 2.86 32.04 -19.18
C1 EDO SA . 2.24 31.73 -19.33
O1 EDO SA . 3.32 33.19 -19.87
O1 EDO SA . 3.28 32.65 -18.99
C2 EDO SA . 2.13 31.11 -20.13
C2 EDO SA . 2.59 31.04 -20.63
O2 EDO SA . 1.27 31.85 -21.01
O2 EDO SA . 3.11 32.02 -21.55
H11 EDO SA . 2.19 32.33 -18.37
H11 EDO SA . 1.30 32.26 -19.43
H12 EDO SA . 3.71 31.51 -18.74
H12 EDO SA . 2.14 30.99 -18.54
HO1 EDO SA . 4.10 33.55 -19.43
HO1 EDO SA . 3.08 33.07 -18.13
H21 EDO SA . 1.54 30.39 -19.56
H21 EDO SA . 1.71 30.57 -21.05
H22 EDO SA . 2.86 30.54 -20.72
H22 EDO SA . 3.35 30.27 -20.46
HO2 EDO SA . 0.80 31.24 -21.58
HO2 EDO SA . 3.29 31.59 -22.40
C1 EDO TA . 17.08 35.19 -24.90
O1 EDO TA . 17.15 33.79 -24.60
C2 EDO TA . 16.92 36.03 -23.63
O2 EDO TA . 17.47 37.33 -23.87
H11 EDO TA . 16.24 35.38 -25.56
H12 EDO TA . 18.00 35.49 -25.41
HO1 EDO TA . 17.20 33.28 -25.43
H21 EDO TA . 17.44 35.55 -22.80
H22 EDO TA . 15.86 36.11 -23.37
HO2 EDO TA . 17.27 37.91 -23.12
C1 EDO UA . 20.65 29.45 2.25
O1 EDO UA . 20.20 28.37 3.08
C2 EDO UA . 20.04 29.33 0.86
O2 EDO UA . 20.40 30.50 0.13
H11 EDO UA . 21.74 29.43 2.17
H12 EDO UA . 20.37 30.40 2.70
HO1 EDO UA . 20.62 28.45 3.95
H21 EDO UA . 18.94 29.28 0.95
H22 EDO UA . 20.39 28.43 0.36
HO2 EDO UA . 20.11 30.40 -0.79
C1 EDO VA . -1.43 -24.65 -8.97
C1 EDO VA . -1.06 -24.28 -8.65
O1 EDO VA . -1.53 -24.55 -7.54
O1 EDO VA . -1.95 -24.43 -9.74
C2 EDO VA . 0.00 -25.07 -9.32
C2 EDO VA . 0.29 -24.90 -9.00
O2 EDO VA . 0.92 -24.10 -8.79
O2 EDO VA . 1.29 -23.97 -8.60
H11 EDO VA . -1.66 -23.68 -9.43
H11 EDO VA . -0.94 -23.22 -8.43
H12 EDO VA . -2.14 -25.38 -9.35
H12 EDO VA . -1.47 -24.77 -7.77
HO1 EDO VA . -2.41 -24.22 -7.30
HO1 EDO VA . -2.86 -24.29 -9.44
H21 EDO VA . 0.11 -25.13 -10.41
H21 EDO VA . 0.34 -25.09 -10.07
H22 EDO VA . 0.21 -26.05 -8.90
H22 EDO VA . 0.40 -25.85 -8.48
HO2 EDO VA . 1.82 -24.47 -8.81
HO2 EDO VA . 2.08 -24.46 -8.35
C1 EDO WA . -8.83 37.66 -12.03
O1 EDO WA . -9.39 38.49 -13.06
C2 EDO WA . -7.38 37.29 -12.33
O2 EDO WA . -7.26 36.93 -13.71
H11 EDO WA . -9.43 36.75 -11.94
H12 EDO WA . -8.88 38.18 -11.06
HO1 EDO WA . -10.31 38.70 -12.84
H21 EDO WA . -7.07 36.46 -11.70
H22 EDO WA . -6.73 38.15 -12.12
HO2 EDO WA . -6.33 36.95 -13.98
C1 EDO XA . 23.37 3.81 -1.32
O1 EDO XA . 21.99 3.41 -1.35
C2 EDO XA . 24.18 3.28 -2.48
O2 EDO XA . 24.79 2.06 -2.10
H11 EDO XA . 23.42 4.91 -1.34
H12 EDO XA . 23.81 3.47 -0.38
HO1 EDO XA . 21.54 3.73 -0.55
H21 EDO XA . 23.53 3.11 -3.34
H22 EDO XA . 24.93 4.01 -2.76
HO2 EDO XA . 25.36 1.74 -2.83
C1 EDO YA . 16.06 31.71 0.00
O1 EDO YA . 16.20 32.58 1.16
C2 EDO YA . 14.86 32.10 -0.86
O2 EDO YA . 14.96 33.47 -1.32
H11 EDO YA . 16.97 31.77 -0.60
H12 EDO YA . 15.93 30.69 0.34
HO1 EDO YA . 16.96 32.29 1.67
H21 EDO YA . 14.80 31.43 -1.72
H22 EDO YA . 13.94 31.98 -0.28
HO2 EDO YA . 14.17 33.69 -1.82
C1 EDO ZA . -0.35 -13.84 -27.55
O1 EDO ZA . -0.32 -12.47 -27.15
C2 EDO ZA . 0.17 -14.00 -28.98
O2 EDO ZA . 1.38 -13.27 -29.19
H11 EDO ZA . 0.27 -14.44 -26.87
H12 EDO ZA . -1.37 -14.22 -27.49
HO1 EDO ZA . -0.77 -12.37 -26.30
H21 EDO ZA . 0.36 -15.06 -29.18
H22 EDO ZA . -0.60 -13.66 -29.68
HO2 EDO ZA . 1.68 -13.39 -30.10
C1 EDO AB . 4.22 5.99 -10.32
O1 EDO AB . 4.22 5.38 -9.02
C2 EDO AB . 2.78 5.97 -10.79
O2 EDO AB . 2.35 4.61 -10.82
H11 EDO AB . 4.60 7.01 -10.27
H12 EDO AB . 4.86 5.42 -11.00
HO1 EDO AB . 4.93 5.75 -8.49
H21 EDO AB . 2.70 6.42 -11.79
H22 EDO AB . 2.15 6.56 -10.11
HO2 EDO AB . 1.42 4.56 -10.53
C1 PEG BB . 17.53 0.27 -0.23
O1 PEG BB . 18.26 1.07 0.73
C2 PEG BB . 17.27 0.97 -1.51
O2 PEG BB . 16.32 0.15 -2.11
C3 PEG BB . 16.19 0.38 -3.51
C4 PEG BB . 14.74 0.79 -3.77
O4 PEG BB . 14.20 0.02 -4.85
H11 PEG BB . 16.57 0.00 0.21
H12 PEG BB . 18.11 -0.62 -0.44
H21 PEG BB . 16.89 1.98 -1.35
H22 PEG BB . 18.18 1.04 -2.12
H31 PEG BB . 16.42 -0.53 -4.07
H32 PEG BB . 16.86 1.18 -3.83
H41 PEG BB . 14.71 1.86 -4.02
H42 PEG BB . 14.15 0.62 -2.87
#